data_5FKY
#
_entry.id   5FKY
#
_cell.length_a   51.440
_cell.length_b   93.690
_cell.length_c   99.020
_cell.angle_alpha   104.07
_cell.angle_beta   94.18
_cell.angle_gamma   102.97
#
_symmetry.space_group_name_H-M   'P 1'
#
loop_
_entity.id
_entity.type
_entity.pdbx_description
1 polymer 'O-GLCNACASE BT_4395'
2 non-polymer GLYCEROL
3 non-polymer (3aR,5R,6S,7R,7aR)-2-amino-5-(hydroxymethyl)-5,6,7,7a-tetrahydro-3aH-pyrano[3,2-d][1,3]thiazole-6,7-diol
4 water water
#
_entity_poly.entity_id   1
_entity_poly.type   'polypeptide(L)'
_entity_poly.pdbx_seq_one_letter_code
;QNVSLQPPPQQLIVQNKTIDLPAVYQLNGGEEANPHAVKVLKELLSGKQSSKKGMLISIGEKGDKSVRKYSRQIPDHKEG
YYLSVNEKEIVLAGNDERGTYYALQTFAQLLKDGKLPEVEIKDYPSVRYRGVVEGFYGTPWSHQARLSQLKFYGKNKMNT
YIYGPKDDPYHSAPNWRLPYPDKEAAQLQELVAVANENEVDFVWAIHPGQDIKWNKEDRDLLLAKFEKMYQLGVRSFAVF
FDDISGEGTNPQKQAELLNYIDEKFAQVKPDINQLVMCPTEYNKSWSNPNGNYLTTLGDKLNPSIQIMWTGDRVISDITR
DGISWINERIKRPAYIWWNFPVSDYVRDHLLLGPVYGNDTTIAKEMSGFVTNPMEHAESSKIAIYSVASYAWNPAKYDTW
QTWKDAIRTILPSAAEELECFAMHNSDLGPNGHGYRREESMDIQPAAERFLKAFKEGKNYDKADFETLQYTFERMKESAD
ILLMNTENKPLIVEITPWVHQFKLTAEMGEEVLKMVEGRNESYFLRKYNHVKALQQQMFYIDQTSNQNPYQPGVKTATRV
IKPLIDRTFATVVKFFNQKFNAHLDATTDYMPHKMISNVEQIKNLPLQVKANRVLISPANEVVKWAAGNSVEIELDAIYP
GENIQINFGKDAPCTWGRLEISTDGKEWKTVDLKQKESRLSAGLQKAPVKFVRFTNVSDEEQQVYLRQFVLTIEKK
;
_entity_poly.pdbx_strand_id   A,B
#
loop_
_chem_comp.id
_chem_comp.type
_chem_comp.name
_chem_comp.formula
2J4 non-polymer (3aR,5R,6S,7R,7aR)-2-amino-5-(hydroxymethyl)-5,6,7,7a-tetrahydro-3aH-pyrano[3,2-d][1,3]thiazole-6,7-diol 'C7 H12 N2 O4 S'
GOL non-polymer GLYCEROL 'C3 H8 O3'
#
# COMPACT_ATOMS: atom_id res chain seq x y z
N SER A 4 4.91 -29.52 30.90
CA SER A 4 4.46 -28.93 29.62
C SER A 4 5.17 -29.90 28.62
N LEU A 5 4.55 -30.25 27.51
CA LEU A 5 5.33 -30.84 26.38
C LEU A 5 5.52 -29.72 25.41
N GLN A 6 6.74 -29.58 24.88
CA GLN A 6 7.03 -28.57 23.89
C GLN A 6 7.81 -29.17 22.71
N PRO A 7 7.34 -28.97 21.47
CA PRO A 7 6.06 -28.38 21.17
C PRO A 7 4.90 -29.27 21.70
N PRO A 8 3.76 -28.64 21.97
CA PRO A 8 2.62 -29.46 22.43
C PRO A 8 2.11 -30.39 21.30
N PRO A 9 1.77 -31.64 21.65
CA PRO A 9 1.26 -32.48 20.50
C PRO A 9 -0.12 -32.14 19.90
N GLN A 10 -0.36 -32.68 18.69
CA GLN A 10 -1.57 -32.34 17.95
C GLN A 10 -2.76 -32.90 18.73
N GLN A 11 -2.54 -34.07 19.34
CA GLN A 11 -3.51 -34.77 20.08
C GLN A 11 -2.83 -35.52 21.24
N LEU A 12 -3.42 -35.38 22.41
CA LEU A 12 -2.91 -35.95 23.64
C LEU A 12 -4.07 -36.46 24.44
N ILE A 13 -3.96 -37.65 25.03
CA ILE A 13 -4.97 -38.15 25.97
C ILE A 13 -4.20 -38.66 27.18
N VAL A 14 -4.53 -38.09 28.33
CA VAL A 14 -3.81 -38.38 29.57
C VAL A 14 -4.70 -39.17 30.53
N GLN A 15 -4.08 -40.09 31.27
CA GLN A 15 -4.76 -40.85 32.33
C GLN A 15 -3.90 -40.63 33.58
N ASN A 16 -4.52 -40.40 34.72
CA ASN A 16 -3.77 -40.21 35.96
C ASN A 16 -3.44 -41.52 36.67
N LYS A 17 -2.91 -42.49 35.93
CA LYS A 17 -1.98 -43.46 36.50
C LYS A 17 -0.60 -43.03 35.98
N THR A 18 0.41 -43.44 36.72
CA THR A 18 1.77 -43.33 36.25
C THR A 18 2.39 -44.69 36.42
N ILE A 19 3.46 -44.92 35.67
CA ILE A 19 4.21 -46.17 35.70
C ILE A 19 5.65 -45.84 36.04
N ASP A 20 6.37 -46.75 36.69
CA ASP A 20 7.82 -46.66 36.77
C ASP A 20 8.33 -47.01 35.38
N LEU A 21 9.47 -46.44 35.01
CA LEU A 21 10.21 -46.84 33.81
C LEU A 21 10.71 -48.23 34.13
N PRO A 22 10.62 -49.17 33.17
CA PRO A 22 10.91 -50.56 33.52
C PRO A 22 12.39 -50.86 33.85
N ALA A 23 12.67 -51.28 35.09
CA ALA A 23 14.01 -51.80 35.48
C ALA A 23 14.47 -52.94 34.53
N VAL A 24 13.55 -53.87 34.27
CA VAL A 24 13.72 -54.93 33.25
C VAL A 24 12.67 -54.72 32.15
N TYR A 25 13.07 -54.94 30.90
CA TYR A 25 12.20 -54.61 29.76
C TYR A 25 12.63 -55.34 28.51
N GLN A 26 11.73 -55.43 27.55
CA GLN A 26 11.99 -56.08 26.27
C GLN A 26 11.86 -55.08 25.14
N LEU A 27 12.98 -54.79 24.47
CA LEU A 27 12.99 -53.83 23.36
C LEU A 27 12.75 -54.57 22.05
N ASN A 28 11.62 -54.21 21.42
CA ASN A 28 11.18 -54.74 20.15
C ASN A 28 11.32 -53.67 19.04
N GLY A 29 12.06 -54.00 17.97
CA GLY A 29 12.31 -53.10 16.83
C GLY A 29 13.61 -52.29 16.89
N GLY A 30 14.52 -52.64 17.79
CA GLY A 30 15.77 -51.90 18.00
C GLY A 30 16.67 -51.84 16.77
N GLU A 31 16.74 -52.97 16.06
CA GLU A 31 17.55 -53.09 14.85
C GLU A 31 16.90 -52.52 13.59
N GLU A 32 15.56 -52.44 13.51
CA GLU A 32 14.83 -51.94 12.31
C GLU A 32 14.57 -50.41 12.39
N ALA A 33 14.60 -49.84 13.59
CA ALA A 33 14.19 -48.44 13.77
C ALA A 33 15.35 -47.41 13.51
N ASN A 34 14.95 -46.18 13.19
CA ASN A 34 15.91 -45.06 13.12
C ASN A 34 17.00 -45.21 14.20
N PRO A 35 18.25 -45.45 13.76
CA PRO A 35 19.30 -45.56 14.78
C PRO A 35 19.40 -44.31 15.67
N HIS A 36 19.09 -43.13 15.14
CA HIS A 36 19.14 -41.90 15.95
C HIS A 36 18.11 -42.00 17.09
N ALA A 37 16.91 -42.52 16.81
CA ALA A 37 15.88 -42.66 17.84
C ALA A 37 16.27 -43.75 18.83
N VAL A 38 16.81 -44.87 18.37
CA VAL A 38 17.21 -45.97 19.29
C VAL A 38 18.32 -45.51 20.25
N LYS A 39 19.18 -44.65 19.74
CA LYS A 39 20.25 -44.15 20.56
C LYS A 39 19.72 -43.29 21.71
N VAL A 40 18.75 -42.43 21.43
CA VAL A 40 18.12 -41.62 22.49
C VAL A 40 17.47 -42.56 23.50
N LEU A 41 16.64 -43.50 23.01
CA LEU A 41 15.97 -44.48 23.90
C LEU A 41 16.92 -45.26 24.77
N LYS A 42 17.98 -45.79 24.19
CA LYS A 42 18.98 -46.53 24.98
C LYS A 42 19.64 -45.68 26.08
N GLU A 43 19.83 -44.37 25.82
CA GLU A 43 20.39 -43.44 26.83
C GLU A 43 19.48 -43.29 28.02
N LEU A 44 18.17 -43.22 27.75
CA LEU A 44 17.17 -43.08 28.81
C LEU A 44 17.05 -44.35 29.68
N LEU A 45 17.25 -45.53 29.07
CA LEU A 45 17.18 -46.83 29.77
C LEU A 45 18.48 -47.20 30.47
N SER A 46 19.59 -46.71 29.95
CA SER A 46 20.92 -46.88 30.51
C SER A 46 21.21 -48.26 31.16
N SER A 50 17.96 -54.94 30.25
CA SER A 50 16.92 -55.49 29.39
C SER A 50 17.07 -56.97 29.23
N SER A 51 15.98 -57.60 28.76
CA SER A 51 15.88 -59.06 28.67
C SER A 51 14.64 -59.52 27.91
N LYS A 52 14.55 -60.84 27.73
CA LYS A 52 13.36 -61.50 27.20
C LYS A 52 12.11 -61.25 28.07
N LYS A 53 12.25 -61.40 29.38
CA LYS A 53 11.18 -61.14 30.36
C LYS A 53 10.99 -59.62 30.58
N GLY A 54 9.87 -59.24 31.19
CA GLY A 54 9.61 -57.84 31.52
C GLY A 54 9.12 -56.97 30.37
N MET A 55 8.78 -55.72 30.72
CA MET A 55 7.87 -54.84 29.96
C MET A 55 8.25 -54.54 28.52
N LEU A 56 7.25 -54.48 27.64
CA LEU A 56 7.49 -54.40 26.22
C LEU A 56 7.61 -52.94 25.80
N ILE A 57 8.69 -52.61 25.09
CA ILE A 57 8.84 -51.29 24.44
C ILE A 57 9.01 -51.52 22.95
N SER A 58 8.04 -51.03 22.18
CA SER A 58 8.04 -51.23 20.75
C SER A 58 8.41 -49.92 20.07
N ILE A 59 9.42 -50.00 19.23
CA ILE A 59 9.94 -48.84 18.50
C ILE A 59 10.16 -49.18 17.02
N GLY A 60 9.84 -48.27 16.13
CA GLY A 60 10.03 -48.52 14.71
C GLY A 60 9.21 -47.59 13.87
N GLU A 61 9.41 -47.68 12.57
CA GLU A 61 8.64 -46.90 11.62
C GLU A 61 7.47 -47.79 11.03
N LYS A 62 6.39 -47.12 10.65
CA LYS A 62 5.30 -47.73 9.88
C LYS A 62 5.92 -48.58 8.77
N GLY A 63 5.56 -49.86 8.76
CA GLY A 63 6.11 -50.83 7.81
C GLY A 63 7.02 -51.86 8.47
N ASP A 64 7.65 -51.49 9.58
CA ASP A 64 8.44 -52.42 10.40
C ASP A 64 7.50 -53.37 11.12
N LYS A 65 7.99 -54.59 11.38
CA LYS A 65 7.27 -55.65 12.10
C LYS A 65 6.94 -55.22 13.52
N SER A 66 7.84 -54.41 14.09
CA SER A 66 7.72 -53.98 15.48
C SER A 66 6.40 -53.25 15.80
N VAL A 67 5.88 -52.52 14.81
CA VAL A 67 4.75 -51.59 15.02
C VAL A 67 3.51 -51.91 14.17
N ARG A 68 3.45 -53.15 13.69
CA ARG A 68 2.30 -53.59 12.92
C ARG A 68 0.99 -53.39 13.66
N LYS A 69 0.96 -53.72 14.95
CA LYS A 69 -0.27 -53.61 15.76
C LYS A 69 -0.81 -52.16 15.78
N TYR A 70 0.08 -51.20 15.56
CA TYR A 70 -0.23 -49.80 15.82
C TYR A 70 -0.36 -49.01 14.52
N SER A 71 -0.32 -49.69 13.37
CA SER A 71 -0.23 -49.02 12.06
C SER A 71 -1.36 -48.03 11.75
N ARG A 72 -2.55 -48.25 12.32
CA ARG A 72 -3.68 -47.36 12.11
C ARG A 72 -3.65 -46.15 13.06
N GLN A 73 -2.97 -46.27 14.20
CA GLN A 73 -2.80 -45.11 15.06
C GLN A 73 -1.71 -44.11 14.58
N ILE A 74 -0.79 -44.53 13.71
CA ILE A 74 0.31 -43.67 13.29
C ILE A 74 -0.20 -42.66 12.29
N PRO A 75 -0.11 -41.36 12.59
CA PRO A 75 -0.69 -40.36 11.66
C PRO A 75 -0.04 -40.40 10.29
N ASP A 76 -0.83 -40.16 9.24
CA ASP A 76 -0.30 -40.24 7.90
C ASP A 76 0.20 -38.88 7.46
N HIS A 77 1.25 -38.43 8.15
CA HIS A 77 1.87 -37.13 7.95
C HIS A 77 3.39 -37.35 8.00
N LYS A 78 4.11 -36.72 7.08
CA LYS A 78 5.58 -36.69 7.22
C LYS A 78 5.94 -36.21 8.65
N GLU A 79 6.83 -36.95 9.31
CA GLU A 79 7.35 -36.66 10.61
C GLU A 79 6.35 -36.86 11.74
N GLY A 80 5.28 -37.59 11.43
CA GLY A 80 4.30 -37.97 12.38
C GLY A 80 4.76 -39.14 13.23
N TYR A 81 4.07 -39.34 14.35
CA TYR A 81 4.30 -40.49 15.21
C TYR A 81 3.11 -40.82 16.11
N TYR A 82 3.10 -42.03 16.65
CA TYR A 82 2.17 -42.42 17.64
C TYR A 82 3.01 -42.79 18.84
N LEU A 83 2.62 -42.26 20.03
CA LEU A 83 3.27 -42.61 21.28
C LEU A 83 2.22 -43.03 22.31
N SER A 84 2.49 -44.09 23.06
CA SER A 84 1.53 -44.62 24.04
C SER A 84 2.30 -45.18 25.22
N VAL A 85 1.83 -44.89 26.44
CA VAL A 85 2.39 -45.46 27.68
C VAL A 85 1.24 -46.03 28.51
N ASN A 86 1.32 -47.31 28.85
CA ASN A 86 0.40 -47.94 29.83
C ASN A 86 1.21 -48.93 30.65
N GLU A 87 0.58 -49.56 31.63
CA GLU A 87 1.28 -50.52 32.49
C GLU A 87 1.91 -51.74 31.76
N LYS A 88 1.38 -52.13 30.59
CA LYS A 88 1.84 -53.32 29.86
C LYS A 88 2.94 -52.98 28.88
N GLU A 89 2.78 -51.87 28.15
CA GLU A 89 3.78 -51.52 27.13
C GLU A 89 3.89 -50.06 26.74
N ILE A 90 5.06 -49.73 26.16
CA ILE A 90 5.37 -48.44 25.58
C ILE A 90 5.51 -48.56 24.06
N VAL A 91 4.90 -47.61 23.34
CA VAL A 91 4.87 -47.59 21.88
C VAL A 91 5.43 -46.25 21.37
N LEU A 92 6.30 -46.36 20.38
CA LEU A 92 7.06 -45.26 19.85
C LEU A 92 7.24 -45.52 18.35
N ALA A 93 6.25 -45.06 17.58
CA ALA A 93 6.09 -45.48 16.20
C ALA A 93 5.95 -44.29 15.31
N GLY A 94 6.95 -44.06 14.47
CA GLY A 94 6.87 -42.97 13.50
C GLY A 94 6.32 -43.36 12.14
N ASN A 95 5.63 -42.42 11.51
CA ASN A 95 5.27 -42.52 10.10
C ASN A 95 6.50 -42.71 9.22
N ASP A 96 7.62 -42.13 9.65
CA ASP A 96 8.90 -42.24 8.97
C ASP A 96 10.02 -42.12 10.01
N GLU A 97 11.28 -42.22 9.58
CA GLU A 97 12.39 -42.22 10.57
C GLU A 97 12.49 -40.95 11.44
N ARG A 98 12.18 -39.80 10.85
CA ARG A 98 12.19 -38.56 11.58
C ARG A 98 11.07 -38.56 12.63
N GLY A 99 9.90 -39.07 12.24
CA GLY A 99 8.81 -39.31 13.16
C GLY A 99 9.19 -40.08 14.40
N THR A 100 9.96 -41.16 14.25
CA THR A 100 10.41 -41.97 15.39
C THR A 100 11.31 -41.21 16.34
N TYR A 101 12.29 -40.47 15.80
CA TYR A 101 13.15 -39.58 16.61
C TYR A 101 12.29 -38.60 17.40
N TYR A 102 11.32 -37.97 16.76
CA TYR A 102 10.44 -37.05 17.44
C TYR A 102 9.57 -37.66 18.54
N ALA A 103 9.11 -38.88 18.30
CA ALA A 103 8.40 -39.61 19.34
C ALA A 103 9.30 -39.63 20.55
N LEU A 104 10.56 -39.99 20.32
CA LEU A 104 11.55 -40.07 21.40
C LEU A 104 11.80 -38.71 22.10
N GLN A 105 11.81 -37.63 21.35
CA GLN A 105 12.03 -36.35 21.97
C GLN A 105 10.84 -36.03 22.89
N THR A 106 9.63 -36.45 22.49
CA THR A 106 8.43 -36.22 23.32
C THR A 106 8.53 -37.11 24.54
N PHE A 107 8.93 -38.35 24.33
CA PHE A 107 9.05 -39.34 25.38
C PHE A 107 10.03 -38.88 26.45
N ALA A 108 11.15 -38.29 26.02
CA ALA A 108 12.14 -37.78 26.97
C ALA A 108 11.59 -36.71 27.96
N GLN A 109 10.68 -35.87 27.47
CA GLN A 109 9.97 -34.83 28.26
C GLN A 109 8.87 -35.36 29.25
N LEU A 110 8.36 -36.56 28.97
CA LEU A 110 7.42 -37.26 29.90
C LEU A 110 8.17 -37.86 31.06
N LEU A 111 9.34 -38.43 30.77
CA LEU A 111 10.10 -39.15 31.80
C LEU A 111 10.46 -38.14 32.89
N LYS A 112 10.10 -38.45 34.14
CA LYS A 112 10.29 -37.53 35.25
C LYS A 112 10.50 -38.31 36.56
N ASP A 113 11.71 -38.21 37.12
CA ASP A 113 12.10 -38.93 38.32
C ASP A 113 11.85 -40.43 38.17
N GLY A 114 12.41 -40.98 37.09
CA GLY A 114 12.25 -42.38 36.72
C GLY A 114 10.84 -42.90 36.54
N LYS A 115 9.89 -42.03 36.18
CA LYS A 115 8.46 -42.38 36.12
C LYS A 115 7.79 -41.69 34.93
N LEU A 116 6.71 -42.27 34.45
CA LEU A 116 6.06 -41.82 33.25
C LEU A 116 4.59 -41.75 33.47
N PRO A 117 3.92 -40.76 32.89
CA PRO A 117 2.46 -40.74 32.87
C PRO A 117 1.91 -41.74 31.87
N GLU A 118 0.74 -42.33 32.15
CA GLU A 118 -0.01 -43.06 31.15
C GLU A 118 -0.62 -42.11 30.15
N VAL A 119 -0.23 -42.25 28.87
CA VAL A 119 -0.63 -41.31 27.81
C VAL A 119 -0.76 -41.97 26.45
N GLU A 120 -1.49 -41.29 25.59
CA GLU A 120 -1.53 -41.59 24.20
C GLU A 120 -1.49 -40.31 23.39
N ILE A 121 -0.54 -40.25 22.46
CA ILE A 121 -0.27 -39.06 21.69
C ILE A 121 -0.24 -39.46 20.23
N LYS A 122 -0.98 -38.71 19.46
CA LYS A 122 -0.81 -38.71 18.02
C LYS A 122 -0.40 -37.28 17.65
N ASP A 123 0.67 -37.19 16.85
CA ASP A 123 1.39 -35.93 16.67
C ASP A 123 2.11 -35.84 15.33
N TYR A 124 2.31 -34.62 14.89
CA TYR A 124 2.88 -34.37 13.58
C TYR A 124 2.97 -32.87 13.48
N PRO A 125 3.83 -32.37 12.59
CA PRO A 125 3.94 -30.94 12.46
C PRO A 125 2.95 -30.32 11.52
N SER A 126 2.53 -29.10 11.80
CA SER A 126 1.67 -28.34 10.87
C SER A 126 2.39 -27.66 9.73
N VAL A 127 3.70 -27.44 9.90
CA VAL A 127 4.51 -26.78 8.87
C VAL A 127 5.69 -27.70 8.56
N ARG A 128 5.92 -27.89 7.27
CA ARG A 128 6.83 -28.92 6.80
C ARG A 128 8.32 -28.65 7.23
N TYR A 129 8.76 -27.40 6.99
CA TYR A 129 10.15 -27.01 7.29
C TYR A 129 10.11 -25.98 8.45
N ARG A 130 10.83 -26.29 9.52
CA ARG A 130 10.87 -25.53 10.78
C ARG A 130 12.30 -25.39 11.29
N GLY A 131 12.72 -24.16 11.61
CA GLY A 131 14.06 -24.02 12.20
C GLY A 131 14.63 -22.61 12.17
N VAL A 132 15.93 -22.53 11.86
CA VAL A 132 16.73 -21.33 12.08
C VAL A 132 17.53 -21.03 10.85
N VAL A 133 17.50 -19.78 10.39
CA VAL A 133 18.45 -19.31 9.37
C VAL A 133 19.46 -18.44 10.12
N GLU A 134 20.71 -18.88 10.19
CA GLU A 134 21.82 -18.01 10.66
C GLU A 134 22.17 -17.10 9.52
N GLY A 135 21.39 -16.03 9.39
CA GLY A 135 21.46 -15.18 8.23
C GLY A 135 21.62 -13.72 8.46
N PHE A 136 22.09 -13.39 9.64
CA PHE A 136 22.22 -11.99 10.10
C PHE A 136 23.56 -11.39 9.63
N TYR A 137 23.62 -10.07 9.64
CA TYR A 137 24.89 -9.29 9.70
C TYR A 137 25.51 -9.22 11.09
N GLY A 138 26.84 -9.36 11.14
CA GLY A 138 27.59 -9.28 12.44
C GLY A 138 28.43 -10.50 12.66
N THR A 139 28.98 -10.66 13.86
CA THR A 139 29.89 -11.73 14.13
C THR A 139 29.19 -13.08 14.02
N PRO A 140 29.65 -13.93 13.06
CA PRO A 140 28.91 -15.19 12.96
C PRO A 140 29.05 -16.04 14.21
N TRP A 141 28.06 -16.89 14.44
CA TRP A 141 28.14 -17.80 15.58
C TRP A 141 29.41 -18.60 15.62
N SER A 142 29.94 -18.86 16.83
CA SER A 142 31.08 -19.74 16.95
C SER A 142 30.75 -21.24 16.60
N HIS A 143 31.82 -21.97 16.29
CA HIS A 143 31.68 -23.37 16.03
C HIS A 143 30.98 -24.08 17.22
N GLN A 144 31.41 -23.78 18.45
CA GLN A 144 30.80 -24.41 19.62
C GLN A 144 29.35 -24.03 19.84
N ALA A 145 29.06 -22.79 19.51
CA ALA A 145 27.70 -22.32 19.60
C ALA A 145 26.76 -23.08 18.64
N ARG A 146 27.25 -23.24 17.42
CA ARG A 146 26.56 -24.00 16.36
C ARG A 146 26.37 -25.41 16.75
N LEU A 147 27.37 -26.05 17.37
CA LEU A 147 27.18 -27.37 17.83
C LEU A 147 26.03 -27.50 18.87
N SER A 148 25.98 -26.54 19.81
CA SER A 148 25.00 -26.50 20.82
C SER A 148 23.66 -26.31 20.20
N GLN A 149 23.57 -25.46 19.18
CA GLN A 149 22.35 -25.16 18.52
C GLN A 149 21.72 -26.38 17.87
N LEU A 150 22.54 -27.16 17.15
CA LEU A 150 22.01 -28.27 16.39
C LEU A 150 21.34 -29.30 17.32
N LYS A 151 21.94 -29.53 18.47
CA LYS A 151 21.35 -30.40 19.51
C LYS A 151 20.03 -29.90 20.09
N PHE A 152 19.97 -28.58 20.22
CA PHE A 152 18.79 -27.91 20.71
C PHE A 152 17.67 -28.05 19.69
N TYR A 153 17.98 -27.99 18.38
CA TYR A 153 16.98 -28.14 17.31
C TYR A 153 16.39 -29.55 17.32
N GLY A 154 17.24 -30.58 17.40
CA GLY A 154 16.73 -31.95 17.57
C GLY A 154 15.73 -32.14 18.73
N LYS A 155 16.05 -31.60 19.90
CA LYS A 155 15.18 -31.72 21.09
C LYS A 155 13.85 -31.04 20.90
N ASN A 156 13.81 -30.01 20.07
CA ASN A 156 12.59 -29.20 19.82
C ASN A 156 11.95 -29.38 18.44
N LYS A 157 12.35 -30.48 17.80
CA LYS A 157 11.76 -30.93 16.51
C LYS A 157 11.90 -29.90 15.40
N MET A 158 12.95 -29.09 15.46
CA MET A 158 13.29 -28.19 14.34
C MET A 158 14.13 -29.02 13.34
N ASN A 159 13.73 -29.04 12.08
CA ASN A 159 14.38 -29.95 11.04
C ASN A 159 15.24 -29.20 10.04
N THR A 160 15.45 -27.93 10.29
CA THR A 160 16.13 -27.09 9.34
C THR A 160 17.09 -26.12 10.04
N TYR A 161 18.34 -26.09 9.58
CA TYR A 161 19.32 -25.05 9.89
C TYR A 161 19.89 -24.57 8.59
N ILE A 162 19.58 -23.34 8.24
CA ILE A 162 20.14 -22.67 7.08
C ILE A 162 21.33 -21.78 7.47
N TYR A 163 22.49 -22.23 7.01
CA TYR A 163 23.77 -21.58 7.25
C TYR A 163 23.97 -20.47 6.22
N GLY A 164 23.89 -19.22 6.66
CA GLY A 164 24.07 -18.09 5.77
C GLY A 164 24.48 -16.75 6.42
N PRO A 165 25.54 -16.76 7.23
CA PRO A 165 26.00 -15.49 7.89
C PRO A 165 26.50 -14.52 6.85
N LYS A 166 25.90 -13.34 6.85
CA LYS A 166 26.24 -12.36 5.86
C LYS A 166 27.72 -12.01 5.82
N ASP A 167 28.38 -12.12 6.96
CA ASP A 167 29.78 -11.73 7.05
C ASP A 167 30.73 -12.91 7.01
N ASP A 168 30.27 -14.09 6.59
CA ASP A 168 31.19 -15.19 6.21
C ASP A 168 31.69 -14.96 4.79
N PRO A 169 32.99 -14.65 4.57
CA PRO A 169 33.40 -14.34 3.23
C PRO A 169 33.31 -15.51 2.19
N TYR A 170 33.28 -16.75 2.66
CA TYR A 170 33.10 -17.91 1.77
C TYR A 170 31.61 -18.17 1.42
N HIS A 171 30.71 -17.39 2.04
CA HIS A 171 29.25 -17.40 1.77
C HIS A 171 28.84 -16.28 0.82
N SER A 172 29.41 -15.09 1.03
CA SER A 172 29.02 -13.91 0.27
C SER A 172 30.21 -13.44 -0.61
N ALA A 173 30.16 -12.19 -1.11
CA ALA A 173 31.12 -11.74 -2.11
C ALA A 173 32.47 -11.27 -1.54
N PRO A 174 33.60 -11.46 -2.25
CA PRO A 174 33.69 -12.20 -3.52
C PRO A 174 34.05 -13.66 -3.36
N ASN A 175 34.36 -14.05 -2.12
CA ASN A 175 34.92 -15.37 -1.94
C ASN A 175 33.90 -16.51 -1.91
N TRP A 176 32.64 -16.21 -2.26
CA TRP A 176 31.67 -17.30 -2.50
C TRP A 176 32.20 -18.28 -3.55
N ARG A 177 33.07 -17.80 -4.45
CA ARG A 177 33.71 -18.64 -5.44
C ARG A 177 34.77 -19.58 -4.89
N LEU A 178 35.33 -19.34 -3.72
CA LEU A 178 36.45 -20.14 -3.20
CA LEU A 178 36.44 -20.15 -3.24
C LEU A 178 35.92 -21.24 -2.32
N PRO A 179 36.53 -22.43 -2.37
CA PRO A 179 36.22 -23.41 -1.32
C PRO A 179 36.66 -22.90 0.07
N TYR A 180 36.01 -23.37 1.13
CA TYR A 180 36.43 -23.10 2.48
C TYR A 180 37.82 -23.63 2.69
N PRO A 181 38.66 -22.93 3.45
CA PRO A 181 39.93 -23.51 3.82
C PRO A 181 39.78 -24.76 4.70
N ASP A 182 40.84 -25.52 4.83
CA ASP A 182 40.79 -26.81 5.53
C ASP A 182 40.18 -26.79 6.91
N LYS A 183 40.58 -25.81 7.72
CA LYS A 183 40.07 -25.72 9.06
C LYS A 183 38.56 -25.51 9.10
N GLU A 184 38.07 -24.52 8.38
CA GLU A 184 36.65 -24.24 8.29
C GLU A 184 35.83 -25.40 7.68
N ALA A 185 36.40 -26.05 6.66
CA ALA A 185 35.79 -27.18 6.03
C ALA A 185 35.59 -28.36 6.95
N ALA A 186 36.61 -28.66 7.75
CA ALA A 186 36.53 -29.70 8.76
C ALA A 186 35.48 -29.42 9.88
N GLN A 187 35.40 -28.17 10.28
CA GLN A 187 34.32 -27.70 11.16
C GLN A 187 32.94 -27.88 10.51
N LEU A 188 32.76 -27.40 9.28
CA LEU A 188 31.49 -27.59 8.56
C LEU A 188 31.08 -29.06 8.43
N GLN A 189 32.06 -29.89 8.15
CA GLN A 189 31.89 -31.31 8.14
C GLN A 189 31.37 -31.86 9.46
N GLU A 190 31.95 -31.40 10.58
CA GLU A 190 31.44 -31.85 11.88
C GLU A 190 30.04 -31.31 12.11
N LEU A 191 29.77 -30.07 11.69
CA LEU A 191 28.42 -29.54 11.85
C LEU A 191 27.36 -30.41 11.15
N VAL A 192 27.69 -30.82 9.92
CA VAL A 192 26.78 -31.61 9.10
C VAL A 192 26.53 -32.93 9.78
N ALA A 193 27.57 -33.52 10.31
CA ALA A 193 27.43 -34.77 11.00
C ALA A 193 26.56 -34.68 12.25
N VAL A 194 26.72 -33.60 13.01
CA VAL A 194 25.94 -33.40 14.21
C VAL A 194 24.53 -33.08 13.78
N ALA A 195 24.38 -32.29 12.73
CA ALA A 195 23.05 -32.03 12.18
C ALA A 195 22.31 -33.35 11.81
N ASN A 196 23.01 -34.27 11.17
CA ASN A 196 22.41 -35.52 10.73
C ASN A 196 21.94 -36.35 11.94
N GLU A 197 22.79 -36.45 12.96
CA GLU A 197 22.45 -37.15 14.22
C GLU A 197 21.17 -36.60 14.95
N ASN A 198 20.89 -35.31 14.82
CA ASN A 198 19.74 -34.64 15.40
C ASN A 198 18.59 -34.41 14.42
N GLU A 199 18.68 -35.04 13.23
CA GLU A 199 17.61 -35.04 12.25
C GLU A 199 17.34 -33.67 11.71
N VAL A 200 18.41 -32.86 11.61
CA VAL A 200 18.33 -31.53 11.07
C VAL A 200 18.99 -31.55 9.70
N ASP A 201 18.37 -30.94 8.71
CA ASP A 201 18.93 -30.68 7.40
C ASP A 201 19.81 -29.44 7.55
N PHE A 202 21.12 -29.64 7.36
CA PHE A 202 22.04 -28.52 7.19
C PHE A 202 21.88 -28.02 5.80
N VAL A 203 21.33 -26.83 5.68
CA VAL A 203 21.17 -26.19 4.41
C VAL A 203 22.30 -25.20 4.22
N TRP A 204 23.20 -25.45 3.27
CA TRP A 204 24.25 -24.44 3.04
C TRP A 204 23.76 -23.43 2.04
N ALA A 205 23.74 -22.14 2.42
CA ALA A 205 23.39 -21.09 1.45
C ALA A 205 24.60 -20.38 0.89
N ILE A 206 24.42 -19.73 -0.25
CA ILE A 206 25.42 -18.93 -0.92
C ILE A 206 24.72 -17.65 -1.31
N HIS A 207 25.51 -16.58 -1.39
CA HIS A 207 24.99 -15.24 -1.54
C HIS A 207 25.81 -14.56 -2.57
N PRO A 208 25.62 -14.95 -3.85
CA PRO A 208 26.58 -14.54 -4.86
C PRO A 208 26.16 -13.29 -5.63
N GLY A 209 24.98 -12.75 -5.37
CA GLY A 209 24.39 -11.80 -6.28
C GLY A 209 25.01 -10.44 -6.48
N GLN A 210 25.75 -9.93 -5.51
CA GLN A 210 26.34 -8.56 -5.64
C GLN A 210 27.36 -8.45 -6.77
N ASP A 211 28.11 -9.51 -7.09
CA ASP A 211 29.14 -9.42 -8.18
C ASP A 211 29.07 -10.60 -9.18
N ILE A 212 27.96 -11.33 -9.21
CA ILE A 212 27.82 -12.49 -10.09
C ILE A 212 27.74 -11.99 -11.51
N LYS A 213 28.46 -12.64 -12.41
CA LYS A 213 28.31 -12.42 -13.83
C LYS A 213 27.39 -13.53 -14.37
N TRP A 214 26.45 -13.18 -15.24
CA TRP A 214 25.54 -14.17 -15.84
C TRP A 214 26.23 -14.87 -17.05
N ASN A 215 27.32 -15.58 -16.76
CA ASN A 215 28.14 -16.28 -17.78
C ASN A 215 28.42 -17.68 -17.27
N LYS A 216 29.02 -18.50 -18.13
CA LYS A 216 29.43 -19.84 -17.74
C LYS A 216 30.45 -19.84 -16.64
N GLU A 217 31.40 -18.92 -16.71
CA GLU A 217 32.44 -18.99 -15.71
C GLU A 217 31.84 -18.97 -14.27
N ASP A 218 30.97 -18.01 -13.99
CA ASP A 218 30.43 -17.88 -12.64
C ASP A 218 29.43 -19.00 -12.27
N ARG A 219 28.65 -19.45 -13.24
CA ARG A 219 27.73 -20.55 -13.02
C ARG A 219 28.51 -21.82 -12.60
N ASP A 220 29.52 -22.18 -13.36
CA ASP A 220 30.35 -23.33 -13.03
C ASP A 220 31.05 -23.15 -11.68
N LEU A 221 31.52 -21.95 -11.36
CA LEU A 221 32.10 -21.76 -10.02
C LEU A 221 31.09 -22.00 -8.90
N LEU A 222 29.88 -21.52 -9.09
CA LEU A 222 28.80 -21.79 -8.11
C LEU A 222 28.53 -23.28 -7.96
N LEU A 223 28.33 -23.98 -9.08
CA LEU A 223 28.11 -25.44 -9.03
C LEU A 223 29.33 -26.15 -8.45
N ALA A 224 30.52 -25.69 -8.78
CA ALA A 224 31.73 -26.30 -8.17
C ALA A 224 31.83 -26.08 -6.66
N LYS A 225 31.37 -24.92 -6.18
CA LYS A 225 31.32 -24.68 -4.77
C LYS A 225 30.28 -25.58 -4.10
N PHE A 226 29.09 -25.67 -4.71
CA PHE A 226 28.05 -26.62 -4.18
C PHE A 226 28.59 -28.04 -4.14
N GLU A 227 29.38 -28.41 -5.15
CA GLU A 227 29.98 -29.76 -5.15
C GLU A 227 30.94 -29.99 -4.01
N LYS A 228 31.79 -28.98 -3.73
CA LYS A 228 32.69 -29.08 -2.57
C LYS A 228 31.90 -29.23 -1.27
N MET A 229 30.82 -28.46 -1.15
CA MET A 229 29.96 -28.59 0.07
C MET A 229 29.34 -29.98 0.15
N TYR A 230 28.92 -30.50 -1.01
CA TYR A 230 28.38 -31.88 -1.10
C TYR A 230 29.42 -32.90 -0.56
N GLN A 231 30.68 -32.69 -0.95
CA GLN A 231 31.76 -33.59 -0.46
C GLN A 231 31.93 -33.53 1.00
N LEU A 232 31.62 -32.37 1.58
CA LEU A 232 31.59 -32.17 3.02
C LEU A 232 30.35 -32.75 3.73
N GLY A 233 29.36 -33.27 2.98
CA GLY A 233 28.23 -33.96 3.56
C GLY A 233 26.97 -33.17 3.44
N VAL A 234 27.06 -31.96 2.94
CA VAL A 234 25.88 -31.13 2.76
C VAL A 234 24.94 -31.74 1.71
N ARG A 235 23.66 -31.85 2.12
CA ARG A 235 22.60 -32.39 1.28
C ARG A 235 21.42 -31.42 1.04
N SER A 236 21.50 -30.21 1.53
CA SER A 236 20.51 -29.22 1.13
C SER A 236 21.20 -27.89 0.86
N PHE A 237 20.61 -27.05 0.01
CA PHE A 237 21.30 -25.90 -0.58
C PHE A 237 20.37 -24.71 -0.76
N ALA A 238 20.90 -23.50 -0.71
CA ALA A 238 20.12 -22.30 -0.95
C ALA A 238 20.91 -21.26 -1.69
N VAL A 239 20.21 -20.42 -2.43
CA VAL A 239 20.85 -19.31 -3.11
C VAL A 239 20.11 -18.07 -2.70
N PHE A 240 20.84 -17.14 -2.11
CA PHE A 240 20.24 -15.90 -1.57
C PHE A 240 20.59 -14.72 -2.45
N PHE A 241 19.58 -13.99 -2.92
CA PHE A 241 19.71 -12.74 -3.70
C PHE A 241 19.18 -11.49 -2.98
N ASP A 242 19.31 -11.52 -1.66
CA ASP A 242 18.84 -10.43 -0.81
C ASP A 242 19.91 -9.33 -0.57
N ASP A 243 19.45 -8.08 -0.54
CA ASP A 243 20.26 -6.94 -0.08
C ASP A 243 21.42 -6.72 -1.02
N ILE A 244 21.11 -6.68 -2.31
CA ILE A 244 22.08 -6.49 -3.38
C ILE A 244 21.53 -5.51 -4.38
N SER A 245 22.39 -5.05 -5.26
CA SER A 245 21.99 -4.20 -6.37
C SER A 245 22.70 -4.66 -7.65
N GLY A 246 22.18 -4.15 -8.76
CA GLY A 246 22.82 -4.26 -10.06
C GLY A 246 22.28 -5.49 -10.76
N GLU A 247 23.08 -5.99 -11.71
CA GLU A 247 22.65 -7.07 -12.62
C GLU A 247 22.15 -8.36 -11.93
N GLY A 248 22.68 -8.62 -10.75
CA GLY A 248 22.27 -9.81 -9.95
C GLY A 248 20.83 -9.91 -9.47
N THR A 249 20.09 -8.80 -9.58
CA THR A 249 18.67 -8.76 -9.21
C THR A 249 17.78 -9.15 -10.41
N ASN A 250 18.37 -9.58 -11.55
CA ASN A 250 17.58 -9.98 -12.72
C ASN A 250 16.84 -11.28 -12.39
N PRO A 251 15.50 -11.23 -12.33
CA PRO A 251 14.74 -12.42 -11.94
C PRO A 251 14.71 -13.56 -12.97
N GLN A 252 14.85 -13.22 -14.24
CA GLN A 252 14.91 -14.23 -15.29
C GLN A 252 16.19 -15.06 -15.09
N LYS A 253 17.33 -14.37 -14.99
CA LYS A 253 18.61 -15.00 -14.70
C LYS A 253 18.61 -15.79 -13.42
N GLN A 254 18.05 -15.21 -12.35
CA GLN A 254 17.98 -15.93 -11.08
C GLN A 254 17.22 -17.25 -11.25
N ALA A 255 16.06 -17.15 -11.86
CA ALA A 255 15.23 -18.32 -12.06
C ALA A 255 15.97 -19.40 -12.93
N GLU A 256 16.63 -18.97 -13.98
CA GLU A 256 17.39 -19.87 -14.84
C GLU A 256 18.52 -20.52 -14.09
N LEU A 257 19.24 -19.74 -13.29
CA LEU A 257 20.29 -20.31 -12.43
C LEU A 257 19.75 -21.34 -11.45
N LEU A 258 18.68 -21.01 -10.73
CA LEU A 258 18.11 -21.99 -9.81
C LEU A 258 17.61 -23.27 -10.47
N ASN A 259 16.96 -23.13 -11.62
CA ASN A 259 16.52 -24.29 -12.39
C ASN A 259 17.65 -25.14 -12.92
N TYR A 260 18.74 -24.49 -13.32
CA TYR A 260 19.93 -25.21 -13.72
C TYR A 260 20.52 -26.01 -12.57
N ILE A 261 20.58 -25.41 -11.36
CA ILE A 261 21.06 -26.08 -10.16
C ILE A 261 20.15 -27.28 -9.85
N ASP A 262 18.86 -27.04 -9.94
CA ASP A 262 17.86 -28.07 -9.74
C ASP A 262 18.06 -29.25 -10.75
N GLU A 263 18.09 -28.91 -12.03
CA GLU A 263 18.09 -29.91 -13.11
C GLU A 263 19.45 -30.64 -13.24
N LYS A 264 20.56 -29.92 -13.11
CA LYS A 264 21.90 -30.49 -13.25
C LYS A 264 22.58 -30.95 -11.96
N PHE A 265 22.00 -30.68 -10.78
CA PHE A 265 22.67 -30.98 -9.50
C PHE A 265 21.65 -31.54 -8.50
N ALA A 266 20.64 -30.77 -8.10
CA ALA A 266 19.67 -31.30 -7.13
C ALA A 266 18.97 -32.58 -7.62
N GLN A 267 18.53 -32.61 -8.89
CA GLN A 267 17.74 -33.75 -9.42
CA GLN A 267 17.76 -33.75 -9.43
C GLN A 267 18.65 -34.87 -9.95
N VAL A 268 19.96 -34.67 -9.91
CA VAL A 268 20.98 -35.58 -10.41
C VAL A 268 21.74 -36.35 -9.30
N LYS A 269 21.92 -35.74 -8.12
CA LYS A 269 22.52 -36.45 -6.97
C LYS A 269 21.54 -37.48 -6.44
N PRO A 270 22.06 -38.47 -5.72
CA PRO A 270 21.13 -39.48 -5.20
C PRO A 270 20.21 -39.02 -4.05
N ASP A 271 20.62 -37.95 -3.32
CA ASP A 271 20.14 -37.75 -1.97
C ASP A 271 20.03 -36.30 -1.52
N ILE A 272 19.69 -35.40 -2.42
CA ILE A 272 19.48 -33.99 -2.07
C ILE A 272 18.05 -33.78 -1.55
N ASN A 273 17.95 -32.90 -0.53
CA ASN A 273 16.68 -32.64 0.14
C ASN A 273 16.18 -31.27 -0.25
N GLN A 274 16.42 -30.23 0.51
CA GLN A 274 15.83 -28.92 0.21
C GLN A 274 16.68 -28.18 -0.75
N LEU A 275 16.03 -27.44 -1.62
CA LEU A 275 16.64 -26.44 -2.46
C LEU A 275 15.78 -25.16 -2.31
N VAL A 276 16.39 -24.09 -1.83
CA VAL A 276 15.67 -22.87 -1.40
C VAL A 276 16.32 -21.66 -1.97
N MET A 277 15.54 -20.66 -2.37
CA MET A 277 16.07 -19.37 -2.70
C MET A 277 15.40 -18.21 -1.91
N CYS A 278 16.19 -17.17 -1.65
CA CYS A 278 15.70 -15.92 -1.07
C CYS A 278 15.71 -14.88 -2.16
N PRO A 279 14.55 -14.31 -2.46
CA PRO A 279 14.47 -13.34 -3.55
C PRO A 279 15.07 -11.97 -3.20
N THR A 280 15.27 -11.15 -4.21
CA THR A 280 15.65 -9.77 -4.02
C THR A 280 14.49 -8.94 -3.45
N GLU A 281 13.32 -9.12 -4.07
CA GLU A 281 12.07 -8.60 -3.54
C GLU A 281 11.59 -9.65 -2.53
N TYR A 282 12.01 -9.49 -1.27
CA TYR A 282 11.74 -10.49 -0.23
C TYR A 282 10.71 -10.09 0.86
N ASN A 283 10.11 -8.94 0.70
CA ASN A 283 9.04 -8.51 1.56
C ASN A 283 8.26 -7.50 0.72
N LYS A 284 6.99 -7.31 1.06
CA LYS A 284 6.10 -6.50 0.21
C LYS A 284 6.57 -5.07 -0.01
N SER A 285 7.15 -4.44 1.03
CA SER A 285 7.55 -3.04 0.92
C SER A 285 8.75 -2.86 -0.07
N TRP A 286 9.48 -3.95 -0.28
CA TRP A 286 10.61 -3.95 -1.20
C TRP A 286 10.21 -4.50 -2.57
N SER A 287 8.97 -4.96 -2.73
CA SER A 287 8.46 -5.43 -4.02
CA SER A 287 8.45 -5.42 -4.01
C SER A 287 7.88 -4.28 -4.85
N ASN A 288 7.89 -4.45 -6.17
CA ASN A 288 7.23 -3.50 -7.03
C ASN A 288 5.95 -4.19 -7.49
N PRO A 289 4.83 -3.80 -6.92
CA PRO A 289 3.58 -4.41 -7.36
C PRO A 289 3.37 -4.29 -8.86
N ASN A 290 3.87 -3.23 -9.47
CA ASN A 290 3.73 -3.02 -10.92
C ASN A 290 4.89 -3.54 -11.76
N GLY A 291 5.81 -4.29 -11.18
CA GLY A 291 6.94 -4.81 -11.88
C GLY A 291 6.78 -6.30 -12.04
N ASN A 292 7.66 -6.90 -12.78
CA ASN A 292 7.48 -8.31 -13.16
C ASN A 292 8.30 -9.22 -12.32
N TYR A 293 8.87 -8.72 -11.23
CA TYR A 293 9.91 -9.47 -10.57
C TYR A 293 9.36 -10.74 -9.92
N LEU A 294 8.32 -10.61 -9.09
CA LEU A 294 7.94 -11.80 -8.31
C LEU A 294 7.13 -12.74 -9.18
N THR A 295 6.36 -12.21 -10.12
CA THR A 295 5.61 -13.06 -11.06
C THR A 295 6.57 -13.87 -11.96
N THR A 296 7.69 -13.27 -12.40
CA THR A 296 8.72 -13.97 -13.17
C THR A 296 9.31 -15.14 -12.37
N LEU A 297 9.62 -14.91 -11.09
CA LEU A 297 10.02 -16.03 -10.22
C LEU A 297 8.93 -17.10 -10.05
N GLY A 298 7.71 -16.69 -9.71
CA GLY A 298 6.63 -17.65 -9.51
C GLY A 298 6.27 -18.47 -10.75
N ASP A 299 6.35 -17.87 -11.94
CA ASP A 299 6.12 -18.57 -13.23
C ASP A 299 7.27 -19.49 -13.66
N LYS A 300 8.51 -19.00 -13.62
CA LYS A 300 9.68 -19.69 -14.17
C LYS A 300 10.30 -20.69 -13.22
N LEU A 301 10.34 -20.40 -11.93
CA LEU A 301 11.04 -21.26 -10.98
C LEU A 301 10.39 -22.64 -10.88
N ASN A 302 11.21 -23.68 -11.06
CA ASN A 302 10.74 -25.07 -10.98
C ASN A 302 9.98 -25.29 -9.68
N PRO A 303 8.95 -26.12 -9.73
CA PRO A 303 7.99 -26.16 -8.62
C PRO A 303 8.50 -26.69 -7.29
N SER A 304 9.57 -27.44 -7.25
CA SER A 304 10.05 -27.95 -6.00
C SER A 304 10.98 -26.96 -5.27
N ILE A 305 11.31 -25.85 -5.92
CA ILE A 305 12.21 -24.88 -5.34
C ILE A 305 11.39 -23.92 -4.42
N GLN A 306 11.88 -23.78 -3.22
CA GLN A 306 11.25 -22.92 -2.22
C GLN A 306 11.64 -21.42 -2.42
N ILE A 307 10.70 -20.52 -2.09
CA ILE A 307 10.91 -19.07 -2.20
C ILE A 307 10.66 -18.44 -0.81
N MET A 308 11.70 -17.76 -0.28
CA MET A 308 11.64 -17.13 1.04
C MET A 308 10.92 -15.79 1.05
N TRP A 309 10.39 -15.40 2.22
CA TRP A 309 9.63 -14.14 2.34
C TRP A 309 9.65 -13.74 3.84
N THR A 310 9.86 -12.45 4.10
CA THR A 310 9.96 -11.94 5.49
C THR A 310 8.71 -11.17 5.88
N GLY A 311 7.76 -11.00 4.95
CA GLY A 311 6.41 -10.49 5.28
C GLY A 311 6.16 -9.19 4.57
N ASP A 312 5.41 -8.27 5.20
CA ASP A 312 5.08 -7.01 4.53
C ASP A 312 6.16 -5.97 4.53
N ARG A 313 7.12 -6.17 5.43
CA ARG A 313 8.30 -5.29 5.60
C ARG A 313 9.51 -6.19 5.85
N VAL A 314 10.71 -5.61 5.75
CA VAL A 314 11.94 -6.35 6.12
C VAL A 314 11.71 -7.03 7.46
N ILE A 315 11.24 -6.27 8.47
CA ILE A 315 10.90 -6.85 9.76
C ILE A 315 9.38 -6.78 9.91
N SER A 316 8.70 -7.93 9.93
CA SER A 316 7.24 -7.98 10.15
C SER A 316 6.76 -9.30 10.66
N ASP A 317 5.57 -9.35 11.20
CA ASP A 317 4.97 -10.61 11.66
C ASP A 317 4.08 -11.07 10.47
N ILE A 318 3.78 -12.35 10.41
CA ILE A 318 3.12 -12.90 9.20
C ILE A 318 1.59 -12.93 9.37
N THR A 319 0.89 -12.26 8.46
CA THR A 319 -0.60 -12.20 8.47
C THR A 319 -1.18 -13.04 7.34
N ARG A 320 -2.49 -13.35 7.46
CA ARG A 320 -3.22 -14.06 6.40
C ARG A 320 -3.19 -13.23 5.11
N ASP A 321 -3.60 -11.98 5.18
CA ASP A 321 -3.56 -11.12 3.99
C ASP A 321 -2.17 -11.00 3.39
N GLY A 322 -1.16 -10.80 4.24
CA GLY A 322 0.22 -10.70 3.78
C GLY A 322 0.70 -11.93 3.02
N ILE A 323 0.47 -13.12 3.57
CA ILE A 323 0.96 -14.31 2.94
C ILE A 323 0.17 -14.70 1.67
N SER A 324 -1.16 -14.38 1.61
CA SER A 324 -1.95 -14.47 0.37
C SER A 324 -1.32 -13.66 -0.74
N TRP A 325 -0.89 -12.45 -0.41
CA TRP A 325 -0.37 -11.53 -1.44
C TRP A 325 0.86 -12.13 -2.14
N ILE A 326 1.81 -12.61 -1.34
CA ILE A 326 2.98 -13.27 -1.92
C ILE A 326 2.63 -14.60 -2.61
N ASN A 327 1.89 -15.47 -1.92
CA ASN A 327 1.56 -16.77 -2.46
C ASN A 327 0.89 -16.71 -3.85
N GLU A 328 0.00 -15.77 -4.10
CA GLU A 328 -0.53 -15.63 -5.45
C GLU A 328 0.46 -15.23 -6.54
N ARG A 329 1.54 -14.55 -6.18
CA ARG A 329 2.49 -14.03 -7.13
C ARG A 329 3.55 -15.11 -7.39
N ILE A 330 3.94 -15.86 -6.36
CA ILE A 330 5.00 -16.90 -6.50
C ILE A 330 4.45 -18.34 -6.82
N LYS A 331 3.12 -18.47 -6.79
CA LYS A 331 2.39 -19.71 -7.16
C LYS A 331 2.73 -20.95 -6.34
N ARG A 332 3.11 -20.72 -5.10
CA ARG A 332 3.43 -21.78 -4.14
C ARG A 332 3.40 -21.13 -2.69
N PRO A 333 3.33 -21.96 -1.63
CA PRO A 333 3.36 -21.47 -0.27
C PRO A 333 4.77 -20.96 0.11
N ALA A 334 4.83 -19.70 0.52
CA ALA A 334 6.08 -18.99 0.90
C ALA A 334 6.80 -19.73 1.97
N TYR A 335 8.14 -19.67 1.96
CA TYR A 335 8.93 -20.29 3.02
C TYR A 335 9.30 -19.09 3.90
N ILE A 336 8.73 -19.01 5.10
CA ILE A 336 8.92 -17.76 5.89
C ILE A 336 10.32 -17.60 6.49
N TRP A 337 10.92 -16.45 6.23
CA TRP A 337 12.12 -15.93 6.92
C TRP A 337 11.64 -14.90 7.95
N TRP A 338 11.49 -15.32 9.18
CA TRP A 338 10.95 -14.40 10.25
C TRP A 338 12.08 -13.63 10.97
N ASN A 339 12.07 -12.32 10.86
CA ASN A 339 13.18 -11.51 11.42
C ASN A 339 13.01 -11.10 12.89
N PHE A 340 12.98 -12.09 13.77
CA PHE A 340 13.00 -11.94 15.20
C PHE A 340 13.55 -13.26 15.73
N PRO A 341 14.55 -13.24 16.62
CA PRO A 341 14.99 -12.09 17.42
C PRO A 341 16.21 -11.26 16.89
N VAL A 342 16.45 -11.36 15.58
CA VAL A 342 17.58 -10.73 14.98
C VAL A 342 17.66 -9.30 15.43
N SER A 343 18.86 -8.87 15.84
CA SER A 343 19.05 -7.57 16.49
C SER A 343 20.17 -6.82 15.78
N ASP A 344 20.45 -7.20 14.52
CA ASP A 344 21.61 -6.67 13.80
C ASP A 344 21.48 -5.27 13.32
N TYR A 345 20.31 -4.68 13.52
CA TYR A 345 20.08 -3.26 13.24
C TYR A 345 19.73 -2.45 14.53
N VAL A 346 19.75 -3.11 15.68
CA VAL A 346 19.57 -2.50 16.99
C VAL A 346 20.52 -3.23 17.96
N ARG A 347 21.82 -3.20 17.57
CA ARG A 347 22.82 -4.08 18.16
C ARG A 347 23.14 -3.77 19.62
N ASP A 348 22.74 -2.57 20.07
CA ASP A 348 22.77 -2.23 21.52
C ASP A 348 21.65 -2.79 22.37
N HIS A 349 20.70 -3.53 21.79
CA HIS A 349 19.63 -4.16 22.54
C HIS A 349 19.72 -5.64 22.47
N LEU A 350 19.33 -6.30 23.57
CA LEU A 350 19.01 -7.74 23.55
C LEU A 350 17.48 -7.90 23.40
N LEU A 351 17.06 -8.88 22.59
CA LEU A 351 15.60 -9.13 22.37
C LEU A 351 15.19 -10.49 22.93
N LEU A 352 14.85 -10.48 24.22
CA LEU A 352 14.68 -11.68 25.00
C LEU A 352 13.23 -11.95 25.33
N GLY A 353 12.32 -11.21 24.68
CA GLY A 353 10.90 -11.38 24.95
C GLY A 353 10.25 -12.54 24.21
N PRO A 354 8.94 -12.76 24.47
CA PRO A 354 8.25 -13.87 23.86
C PRO A 354 8.10 -13.71 22.35
N VAL A 355 7.91 -14.83 21.69
CA VAL A 355 7.57 -14.85 20.27
C VAL A 355 6.06 -14.70 20.14
N TYR A 356 5.62 -13.71 19.37
CA TYR A 356 4.19 -13.49 19.14
C TYR A 356 3.97 -12.65 17.90
N GLY A 357 2.70 -12.49 17.48
CA GLY A 357 2.28 -11.61 16.39
C GLY A 357 1.98 -12.34 15.07
N ASN A 358 2.41 -13.61 14.95
CA ASN A 358 2.20 -14.39 13.73
C ASN A 358 0.85 -15.13 13.81
N ASP A 359 0.09 -15.05 12.73
CA ASP A 359 -1.23 -15.69 12.64
C ASP A 359 -1.02 -17.19 12.90
N THR A 360 -1.82 -17.73 13.78
CA THR A 360 -1.72 -19.13 14.18
C THR A 360 -2.63 -20.13 13.33
N THR A 361 -3.33 -19.60 12.33
CA THR A 361 -4.29 -20.39 11.57
C THR A 361 -3.79 -20.61 10.10
N ILE A 362 -2.58 -20.17 9.78
CA ILE A 362 -2.14 -20.09 8.37
C ILE A 362 -1.09 -21.16 7.99
N ALA A 363 -1.01 -22.25 8.75
CA ALA A 363 0.01 -23.24 8.50
C ALA A 363 0.00 -23.79 7.04
N LYS A 364 -1.21 -23.97 6.47
CA LYS A 364 -1.30 -24.50 5.13
C LYS A 364 -0.72 -23.53 4.11
N GLU A 365 -0.57 -22.25 4.46
CA GLU A 365 -0.16 -21.25 3.49
C GLU A 365 1.34 -21.05 3.51
N MET A 366 2.04 -21.82 4.31
CA MET A 366 3.52 -21.73 4.36
C MET A 366 4.22 -23.08 4.18
N SER A 367 5.27 -23.05 3.37
CA SER A 367 6.09 -24.23 3.18
C SER A 367 7.05 -24.48 4.34
N GLY A 368 7.44 -23.38 4.98
CA GLY A 368 8.48 -23.38 5.98
C GLY A 368 8.36 -22.13 6.85
N PHE A 369 8.96 -22.21 8.01
CA PHE A 369 9.06 -21.07 8.97
C PHE A 369 10.41 -21.20 9.65
N VAL A 370 11.30 -20.26 9.33
CA VAL A 370 12.61 -20.14 10.00
C VAL A 370 12.79 -18.78 10.67
N THR A 371 13.40 -18.81 11.86
CA THR A 371 13.72 -17.60 12.64
C THR A 371 15.18 -17.13 12.31
N ASN A 372 15.34 -15.85 11.93
CA ASN A 372 16.68 -15.20 11.92
C ASN A 372 16.96 -14.62 13.35
N PRO A 373 17.97 -15.19 14.08
CA PRO A 373 18.33 -14.92 15.48
C PRO A 373 19.35 -13.81 15.65
N MET A 374 19.68 -13.56 16.91
CA MET A 374 20.68 -12.53 17.22
C MET A 374 22.03 -13.21 16.98
N GLU A 375 23.05 -12.37 16.80
CA GLU A 375 24.44 -12.84 16.92
C GLU A 375 24.73 -13.49 18.22
N HIS A 376 23.95 -13.23 19.30
CA HIS A 376 24.07 -13.91 20.58
C HIS A 376 23.33 -15.26 20.50
N ALA A 377 24.08 -16.36 20.32
CA ALA A 377 23.50 -17.68 19.98
C ALA A 377 22.69 -18.22 21.16
N GLU A 378 23.28 -18.28 22.35
CA GLU A 378 22.56 -18.81 23.50
C GLU A 378 21.35 -18.01 23.86
N SER A 379 21.48 -16.70 23.76
CA SER A 379 20.41 -15.82 24.12
C SER A 379 19.19 -15.98 23.20
N SER A 380 19.45 -16.38 21.95
CA SER A 380 18.44 -16.57 20.95
C SER A 380 17.55 -17.79 21.20
N LYS A 381 17.99 -18.68 22.07
CA LYS A 381 17.29 -19.90 22.31
C LYS A 381 15.90 -19.73 22.92
N ILE A 382 15.65 -18.60 23.59
CA ILE A 382 14.36 -18.28 24.12
C ILE A 382 13.38 -18.21 22.92
N ALA A 383 13.72 -17.40 21.93
CA ALA A 383 12.89 -17.28 20.78
C ALA A 383 12.89 -18.57 19.86
N ILE A 384 14.02 -19.24 19.75
CA ILE A 384 14.13 -20.44 18.95
C ILE A 384 13.23 -21.57 19.44
N TYR A 385 13.27 -21.79 20.73
CA TYR A 385 12.42 -22.74 21.40
C TYR A 385 10.93 -22.41 21.10
N SER A 386 10.63 -21.10 21.08
CA SER A 386 9.25 -20.66 20.97
C SER A 386 8.75 -20.81 19.54
N VAL A 387 9.59 -20.39 18.60
CA VAL A 387 9.37 -20.62 17.20
C VAL A 387 9.22 -22.13 16.88
N ALA A 388 9.97 -23.00 17.52
CA ALA A 388 9.83 -24.41 17.29
C ALA A 388 8.43 -24.85 17.69
N SER A 389 7.93 -24.27 18.79
CA SER A 389 6.62 -24.62 19.32
C SER A 389 5.52 -24.12 18.37
N TYR A 390 5.66 -22.89 17.94
CA TYR A 390 4.70 -22.27 17.08
C TYR A 390 4.62 -23.00 15.71
N ALA A 391 5.75 -23.30 15.10
CA ALA A 391 5.76 -23.88 13.73
C ALA A 391 5.26 -25.31 13.71
N TRP A 392 5.51 -26.06 14.80
CA TRP A 392 5.03 -27.43 14.98
C TRP A 392 3.51 -27.49 15.24
N ASN A 393 3.00 -26.71 16.21
CA ASN A 393 1.58 -26.72 16.55
C ASN A 393 1.06 -25.31 16.69
N PRO A 394 0.86 -24.63 15.59
CA PRO A 394 0.45 -23.23 15.73
C PRO A 394 -0.94 -23.00 16.34
N ALA A 395 -1.88 -23.94 16.09
CA ALA A 395 -3.24 -23.81 16.70
C ALA A 395 -3.24 -23.82 18.23
N LYS A 396 -2.27 -24.51 18.85
CA LYS A 396 -2.14 -24.57 20.30
C LYS A 396 -1.01 -23.63 20.81
N TYR A 397 -0.51 -22.69 19.99
CA TYR A 397 0.63 -21.91 20.39
C TYR A 397 0.25 -20.90 21.53
N ASP A 398 0.97 -21.03 22.64
CA ASP A 398 0.80 -20.22 23.82
C ASP A 398 2.04 -19.32 24.06
N THR A 399 1.91 -18.05 23.72
CA THR A 399 3.02 -17.09 23.69
C THR A 399 3.81 -17.10 25.00
N TRP A 400 3.09 -16.87 26.11
CA TRP A 400 3.73 -16.65 27.40
C TRP A 400 4.22 -17.93 28.06
N GLN A 401 3.40 -18.98 28.04
CA GLN A 401 3.82 -20.26 28.66
C GLN A 401 5.08 -20.83 27.97
N THR A 402 5.18 -20.60 26.66
CA THR A 402 6.28 -21.15 25.85
C THR A 402 7.58 -20.37 26.19
N TRP A 403 7.43 -19.04 26.30
CA TRP A 403 8.54 -18.19 26.82
C TRP A 403 9.03 -18.68 28.16
N LYS A 404 8.12 -18.90 29.11
CA LYS A 404 8.55 -19.39 30.40
C LYS A 404 9.17 -20.75 30.35
N ASP A 405 8.59 -21.63 29.54
CA ASP A 405 9.17 -22.99 29.34
C ASP A 405 10.57 -22.91 28.69
N ALA A 406 10.76 -22.06 27.71
CA ALA A 406 12.06 -21.87 27.13
C ALA A 406 13.13 -21.48 28.19
N ILE A 407 12.78 -20.50 29.03
CA ILE A 407 13.67 -19.97 30.06
C ILE A 407 14.06 -21.04 31.07
N ARG A 408 13.05 -21.80 31.52
CA ARG A 408 13.27 -22.85 32.48
C ARG A 408 14.10 -23.98 31.87
N THR A 409 13.96 -24.16 30.56
CA THR A 409 14.76 -25.19 29.82
C THR A 409 16.27 -24.78 29.72
N ILE A 410 16.47 -23.54 29.32
CA ILE A 410 17.76 -22.96 29.15
C ILE A 410 18.49 -22.70 30.48
N LEU A 411 17.81 -22.25 31.52
CA LEU A 411 18.50 -21.93 32.75
C LEU A 411 17.74 -22.35 33.98
N PRO A 412 17.52 -23.66 34.13
CA PRO A 412 16.69 -24.14 35.22
C PRO A 412 17.18 -23.67 36.59
N SER A 413 18.50 -23.51 36.78
CA SER A 413 19.06 -23.09 38.10
C SER A 413 18.74 -21.64 38.44
N ALA A 414 18.30 -20.83 37.50
CA ALA A 414 18.02 -19.42 37.75
C ALA A 414 16.96 -18.87 36.83
N ALA A 415 15.86 -19.63 36.77
CA ALA A 415 14.80 -19.35 35.81
C ALA A 415 14.05 -18.04 36.07
N GLU A 416 13.71 -17.83 37.32
CA GLU A 416 12.95 -16.63 37.73
C GLU A 416 13.81 -15.36 37.48
N GLU A 417 15.10 -15.50 37.72
CA GLU A 417 16.06 -14.40 37.46
C GLU A 417 16.17 -14.08 35.99
N LEU A 418 16.31 -15.14 35.16
CA LEU A 418 16.30 -14.97 33.70
C LEU A 418 14.97 -14.37 33.22
N GLU A 419 13.81 -14.78 33.79
CA GLU A 419 12.55 -14.14 33.37
C GLU A 419 12.55 -12.67 33.67
N CYS A 420 12.98 -12.34 34.88
CA CYS A 420 13.08 -10.93 35.32
C CYS A 420 13.93 -10.15 34.34
N PHE A 421 15.14 -10.64 34.10
CA PHE A 421 16.02 -9.97 33.10
C PHE A 421 15.38 -9.89 31.74
N ALA A 422 14.81 -11.00 31.23
CA ALA A 422 14.22 -11.02 29.89
C ALA A 422 12.97 -10.13 29.69
N MET A 423 12.11 -10.10 30.73
CA MET A 423 10.86 -9.29 30.75
C MET A 423 11.16 -7.82 30.44
N HIS A 424 12.31 -7.35 30.91
CA HIS A 424 12.74 -5.94 30.77
C HIS A 424 13.80 -5.72 29.71
N ASN A 425 14.06 -6.76 28.89
CA ASN A 425 14.94 -6.70 27.73
C ASN A 425 14.29 -7.33 26.47
N SER A 426 13.27 -6.66 25.94
CA SER A 426 12.35 -7.17 24.93
CA SER A 426 12.44 -7.20 24.86
C SER A 426 12.15 -6.20 23.76
N ASP A 427 12.01 -4.91 24.04
CA ASP A 427 11.80 -3.91 22.96
C ASP A 427 13.12 -3.55 22.23
N LEU A 428 12.95 -3.02 21.04
CA LEU A 428 14.05 -2.66 20.16
C LEU A 428 14.45 -1.20 20.30
N GLY A 429 13.55 -0.40 20.89
CA GLY A 429 13.63 1.04 20.81
C GLY A 429 13.39 1.53 19.41
N PRO A 430 13.31 2.84 19.21
CA PRO A 430 13.12 3.42 17.90
C PRO A 430 14.08 2.91 16.84
N ASN A 431 13.58 2.65 15.64
CA ASN A 431 14.45 2.21 14.54
C ASN A 431 13.86 2.38 13.17
N GLY A 432 14.74 2.35 12.19
CA GLY A 432 14.38 2.51 10.78
C GLY A 432 13.47 1.42 10.23
N HIS A 433 13.46 0.22 10.79
CA HIS A 433 12.50 -0.76 10.30
C HIS A 433 11.07 -0.61 10.87
N GLY A 434 10.88 0.31 11.84
CA GLY A 434 9.57 0.52 12.48
C GLY A 434 9.07 -0.65 13.30
N TYR A 435 9.93 -1.58 13.70
CA TYR A 435 9.46 -2.77 14.43
C TYR A 435 9.72 -2.64 15.94
N ARG A 436 8.70 -2.95 16.73
CA ARG A 436 8.73 -2.75 18.18
C ARG A 436 8.11 -3.99 18.82
N ARG A 437 8.51 -4.26 20.06
CA ARG A 437 7.95 -5.27 20.93
C ARG A 437 7.58 -4.64 22.28
N GLU A 438 6.58 -5.25 22.92
CA GLU A 438 6.19 -4.85 24.25
C GLU A 438 7.29 -5.21 25.25
N GLU A 439 7.28 -4.52 26.39
CA GLU A 439 8.26 -4.70 27.43
C GLU A 439 7.74 -4.15 28.76
N SER A 440 8.06 -4.85 29.85
CA SER A 440 7.82 -4.40 31.22
C SER A 440 6.31 -4.18 31.46
N MET A 441 5.50 -4.98 30.78
CA MET A 441 4.04 -4.80 30.77
CA MET A 441 4.04 -4.70 30.77
C MET A 441 3.36 -4.92 32.14
N ASP A 442 3.89 -5.81 32.99
CA ASP A 442 3.35 -6.06 34.32
C ASP A 442 3.36 -4.72 35.17
N ILE A 443 4.48 -3.99 35.17
CA ILE A 443 4.61 -2.74 35.95
C ILE A 443 4.20 -1.44 35.25
N GLN A 444 3.98 -1.50 33.93
CA GLN A 444 3.71 -0.31 33.08
C GLN A 444 2.55 0.59 33.58
N PRO A 445 1.47 -0.02 34.07
CA PRO A 445 0.37 0.83 34.52
C PRO A 445 0.65 1.55 35.83
N ALA A 446 1.30 0.84 36.78
CA ALA A 446 1.75 1.47 38.01
C ALA A 446 2.77 2.56 37.73
N ALA A 447 3.69 2.31 36.79
CA ALA A 447 4.60 3.33 36.32
C ALA A 447 3.85 4.57 35.84
N GLU A 448 2.88 4.35 34.95
CA GLU A 448 2.17 5.43 34.24
C GLU A 448 1.34 6.30 35.16
N ARG A 449 0.76 5.64 36.15
CA ARG A 449 0.00 6.34 37.17
C ARG A 449 0.90 7.16 38.09
N PHE A 450 1.96 6.50 38.56
CA PHE A 450 2.95 7.12 39.42
C PHE A 450 3.41 8.42 38.81
N LEU A 451 3.84 8.34 37.55
CA LEU A 451 4.41 9.49 36.85
C LEU A 451 3.37 10.60 36.53
N LYS A 452 2.18 10.20 36.11
CA LYS A 452 1.05 11.12 35.91
C LYS A 452 0.79 11.96 37.17
N ALA A 453 0.51 11.28 38.29
CA ALA A 453 0.26 11.92 39.59
C ALA A 453 1.35 12.93 39.95
N PHE A 454 2.58 12.45 39.84
CA PHE A 454 3.74 13.12 40.38
C PHE A 454 3.97 14.41 39.63
N LYS A 455 3.99 14.31 38.30
CA LYS A 455 4.16 15.48 37.43
C LYS A 455 3.16 16.60 37.70
N GLU A 456 1.90 16.24 37.95
CA GLU A 456 0.80 17.21 38.17
C GLU A 456 0.81 17.84 39.54
N GLY A 457 1.49 17.20 40.49
CA GLY A 457 1.46 17.62 41.90
C GLY A 457 0.26 17.05 42.65
N LYS A 458 -0.31 15.96 42.14
CA LYS A 458 -1.26 15.11 42.87
C LYS A 458 -0.53 14.01 43.60
N ASN A 459 -1.16 13.41 44.61
CA ASN A 459 -0.51 12.37 45.43
C ASN A 459 -0.44 11.02 44.69
N TYR A 460 0.75 10.42 44.57
CA TYR A 460 0.88 9.06 44.03
C TYR A 460 0.31 8.01 44.98
N ASP A 461 -0.03 6.84 44.45
CA ASP A 461 -0.50 5.72 45.28
C ASP A 461 0.70 5.04 45.91
N LYS A 462 0.57 4.73 47.18
CA LYS A 462 1.59 4.03 47.94
C LYS A 462 1.97 2.73 47.26
N ALA A 463 0.93 1.98 46.89
CA ALA A 463 1.11 0.65 46.28
C ALA A 463 1.92 0.73 45.00
N ASP A 464 1.74 1.79 44.18
CA ASP A 464 2.54 1.94 42.95
C ASP A 464 4.01 2.26 43.25
N PHE A 465 4.24 3.07 44.30
CA PHE A 465 5.62 3.31 44.81
C PHE A 465 6.29 2.00 45.27
N GLU A 466 5.52 1.16 45.98
CA GLU A 466 6.04 -0.13 46.44
C GLU A 466 6.35 -1.11 45.30
N THR A 467 5.51 -1.08 44.27
CA THR A 467 5.67 -1.96 43.09
C THR A 467 6.95 -1.61 42.40
N LEU A 468 7.21 -0.32 42.27
CA LEU A 468 8.43 0.16 41.63
C LEU A 468 9.68 -0.25 42.45
N GLN A 469 9.68 0.06 43.74
CA GLN A 469 10.69 -0.44 44.69
C GLN A 469 10.95 -1.96 44.59
N TYR A 470 9.89 -2.76 44.67
CA TYR A 470 10.01 -4.24 44.60
C TYR A 470 10.69 -4.69 43.29
N THR A 471 10.27 -4.08 42.19
CA THR A 471 10.86 -4.31 40.87
C THR A 471 12.40 -4.04 40.91
N PHE A 472 12.79 -2.87 41.42
CA PHE A 472 14.19 -2.54 41.40
C PHE A 472 14.99 -3.58 42.22
N GLU A 473 14.42 -3.98 43.35
CA GLU A 473 15.08 -4.93 44.24
C GLU A 473 15.30 -6.28 43.55
N ARG A 474 14.24 -6.73 42.87
CA ARG A 474 14.24 -7.98 42.20
C ARG A 474 15.22 -7.97 41.04
N MET A 475 15.27 -6.86 40.30
CA MET A 475 16.24 -6.66 39.19
C MET A 475 17.71 -6.81 39.69
N LYS A 476 18.01 -6.36 40.93
CA LYS A 476 19.40 -6.42 41.48
C LYS A 476 19.74 -7.85 41.85
N GLU A 477 18.76 -8.50 42.45
CA GLU A 477 18.90 -9.91 42.83
C GLU A 477 19.18 -10.75 41.56
N SER A 478 18.44 -10.44 40.48
CA SER A 478 18.47 -11.22 39.22
C SER A 478 19.83 -10.97 38.59
N ALA A 479 20.23 -9.70 38.48
CA ALA A 479 21.53 -9.34 37.87
C ALA A 479 22.71 -10.00 38.55
N ASP A 480 22.80 -9.92 39.86
CA ASP A 480 23.91 -10.50 40.56
C ASP A 480 23.95 -12.01 40.48
N ILE A 481 22.78 -12.65 40.56
CA ILE A 481 22.70 -14.10 40.50
C ILE A 481 23.06 -14.58 39.08
N LEU A 482 22.56 -13.93 38.05
CA LEU A 482 22.92 -14.31 36.69
C LEU A 482 24.38 -14.12 36.42
N LEU A 483 24.99 -13.05 36.97
CA LEU A 483 26.41 -12.80 36.74
C LEU A 483 27.27 -13.96 37.20
N MET A 484 26.86 -14.62 38.26
CA MET A 484 27.66 -15.67 38.86
C MET A 484 27.29 -17.10 38.46
N ASN A 485 26.30 -17.21 37.59
CA ASN A 485 25.70 -18.49 37.25
C ASN A 485 26.68 -19.26 36.39
N THR A 486 26.92 -20.51 36.71
CA THR A 486 27.86 -21.33 35.93
C THR A 486 27.20 -22.50 35.16
N GLU A 487 25.88 -22.48 35.07
CA GLU A 487 25.16 -23.58 34.47
C GLU A 487 25.18 -23.48 32.95
N ASN A 488 25.01 -22.28 32.41
CA ASN A 488 25.19 -21.97 31.02
C ASN A 488 26.17 -20.76 30.93
N LYS A 489 27.47 -21.01 31.00
CA LYS A 489 28.47 -19.90 30.95
C LYS A 489 28.43 -19.12 29.68
N PRO A 490 28.22 -19.79 28.52
CA PRO A 490 28.19 -19.05 27.27
C PRO A 490 27.06 -18.03 27.22
N LEU A 491 25.89 -18.40 27.73
CA LEU A 491 24.79 -17.43 27.89
C LEU A 491 25.23 -16.23 28.77
N ILE A 492 25.79 -16.54 29.91
CA ILE A 492 26.23 -15.46 30.84
C ILE A 492 27.27 -14.56 30.15
N VAL A 493 28.22 -15.09 29.39
CA VAL A 493 29.17 -14.22 28.67
C VAL A 493 28.45 -13.32 27.69
N GLU A 494 27.50 -13.87 26.92
CA GLU A 494 26.75 -13.04 25.99
C GLU A 494 26.08 -11.83 26.69
N ILE A 495 25.37 -12.08 27.77
CA ILE A 495 24.49 -11.05 28.34
C ILE A 495 25.17 -10.14 29.35
N THR A 496 26.35 -10.51 29.86
CA THR A 496 27.01 -9.81 30.97
C THR A 496 27.01 -8.28 30.91
N PRO A 497 27.34 -7.67 29.78
CA PRO A 497 27.38 -6.23 29.77
C PRO A 497 26.02 -5.64 30.04
N TRP A 498 25.00 -6.23 29.43
CA TRP A 498 23.60 -5.89 29.65
C TRP A 498 23.19 -6.10 31.12
N VAL A 499 23.63 -7.21 31.71
CA VAL A 499 23.34 -7.48 33.09
C VAL A 499 23.89 -6.38 34.06
N HIS A 500 25.14 -5.93 33.84
CA HIS A 500 25.75 -4.78 34.51
C HIS A 500 24.91 -3.54 34.35
N GLN A 501 24.50 -3.26 33.12
CA GLN A 501 23.75 -2.03 32.84
C GLN A 501 22.33 -2.06 33.50
N PHE A 502 21.78 -3.26 33.58
CA PHE A 502 20.48 -3.56 34.15
C PHE A 502 20.50 -3.34 35.69
N LYS A 503 21.51 -3.85 36.36
CA LYS A 503 21.74 -3.59 37.78
C LYS A 503 21.90 -2.10 38.07
N LEU A 504 22.70 -1.39 37.30
CA LEU A 504 22.82 0.03 37.47
C LEU A 504 21.48 0.76 37.34
N THR A 505 20.67 0.35 36.38
CA THR A 505 19.37 0.91 36.13
C THR A 505 18.50 0.78 37.37
N ALA A 506 18.54 -0.41 37.97
CA ALA A 506 17.75 -0.69 39.17
C ALA A 506 18.23 0.19 40.37
N GLU A 507 19.56 0.27 40.54
CA GLU A 507 20.16 1.05 41.61
C GLU A 507 19.78 2.50 41.44
N MET A 508 19.81 2.98 40.22
CA MET A 508 19.37 4.32 39.91
C MET A 508 17.90 4.51 40.28
N GLY A 509 17.05 3.57 39.91
CA GLY A 509 15.65 3.66 40.30
C GLY A 509 15.42 3.82 41.81
N GLU A 510 16.06 2.95 42.59
CA GLU A 510 16.03 3.00 44.05
C GLU A 510 16.44 4.35 44.64
N GLU A 511 17.48 4.93 44.08
CA GLU A 511 18.01 6.20 44.58
C GLU A 511 17.07 7.32 44.20
N VAL A 512 16.58 7.28 42.97
CA VAL A 512 15.55 8.26 42.53
C VAL A 512 14.25 8.21 43.39
N LEU A 513 13.81 7.01 43.74
CA LEU A 513 12.68 6.87 44.63
C LEU A 513 12.99 7.45 46.04
N LYS A 514 14.21 7.26 46.52
CA LYS A 514 14.63 7.88 47.77
C LYS A 514 14.63 9.39 47.69
N MET A 515 14.94 9.93 46.53
CA MET A 515 14.80 11.36 46.31
C MET A 515 13.31 11.87 46.40
N VAL A 516 12.37 11.07 45.86
CA VAL A 516 10.93 11.44 45.89
C VAL A 516 10.47 11.52 47.37
N GLU A 517 10.86 10.51 48.14
CA GLU A 517 10.61 10.45 49.57
C GLU A 517 11.29 11.61 50.27
N GLY A 518 12.59 11.80 49.99
CA GLY A 518 13.31 13.08 50.18
C GLY A 518 13.10 13.77 51.52
N ARG A 519 13.39 13.02 52.58
CA ARG A 519 13.22 13.50 53.96
C ARG A 519 13.79 14.92 54.26
N ASN A 520 15.08 15.17 54.00
CA ASN A 520 15.69 16.52 54.19
C ASN A 520 16.62 16.93 53.06
N GLU A 521 17.13 18.17 53.14
CA GLU A 521 17.98 18.75 52.08
C GLU A 521 19.32 17.96 51.87
N SER A 522 19.98 17.65 52.98
CA SER A 522 21.23 16.86 52.98
C SER A 522 21.08 15.41 52.41
N TYR A 523 20.01 14.74 52.77
CA TYR A 523 19.73 13.40 52.28
C TYR A 523 19.43 13.45 50.78
N PHE A 524 18.61 14.41 50.40
CA PHE A 524 18.26 14.61 49.01
C PHE A 524 19.53 14.79 48.20
N LEU A 525 20.37 15.73 48.61
CA LEU A 525 21.61 15.97 47.87
C LEU A 525 22.52 14.76 47.79
N ARG A 526 22.61 13.94 48.83
CA ARG A 526 23.37 12.72 48.72
C ARG A 526 22.77 11.73 47.73
N LYS A 527 21.44 11.70 47.63
CA LYS A 527 20.78 10.79 46.67
C LYS A 527 21.01 11.29 45.25
N TYR A 528 20.87 12.59 45.08
CA TYR A 528 21.17 13.26 43.86
C TYR A 528 22.59 12.99 43.38
N ASN A 529 23.60 13.13 44.21
CA ASN A 529 24.99 12.87 43.76
C ASN A 529 25.25 11.41 43.40
N HIS A 530 24.58 10.52 44.13
CA HIS A 530 24.66 9.11 43.85
C HIS A 530 24.08 8.78 42.47
N VAL A 531 22.92 9.39 42.15
CA VAL A 531 22.31 9.25 40.87
C VAL A 531 23.22 9.75 39.74
N LYS A 532 23.82 10.92 39.93
CA LYS A 532 24.74 11.42 38.91
C LYS A 532 25.88 10.42 38.64
N ALA A 533 26.39 9.79 39.70
CA ALA A 533 27.51 8.89 39.57
C ALA A 533 27.06 7.61 38.90
N LEU A 534 25.86 7.16 39.20
CA LEU A 534 25.29 6.00 38.47
C LEU A 534 25.02 6.31 36.98
N GLN A 535 24.60 7.51 36.62
CA GLN A 535 24.49 7.90 35.22
C GLN A 535 25.83 7.84 34.52
N GLN A 536 26.88 8.34 35.18
CA GLN A 536 28.23 8.25 34.63
C GLN A 536 28.66 6.84 34.44
N GLN A 537 28.36 5.99 35.43
CA GLN A 537 28.71 4.60 35.31
C GLN A 537 28.03 3.92 34.11
N MET A 538 26.78 4.31 33.85
CA MET A 538 26.02 3.75 32.74
C MET A 538 26.58 4.23 31.41
N PHE A 539 27.01 5.49 31.35
CA PHE A 539 27.74 6.03 30.21
C PHE A 539 29.02 5.26 29.95
N TYR A 540 29.78 4.89 31.00
CA TYR A 540 31.05 4.12 30.86
CA TYR A 540 31.05 4.22 30.72
C TYR A 540 30.84 2.74 30.21
N ILE A 541 29.82 2.01 30.70
CA ILE A 541 29.45 0.74 30.06
C ILE A 541 29.06 0.97 28.55
N ASP A 542 28.31 2.03 28.25
CA ASP A 542 27.74 2.28 26.95
C ASP A 542 28.84 2.71 25.97
N GLN A 543 29.97 3.17 26.50
CA GLN A 543 31.13 3.55 25.69
C GLN A 543 32.20 2.52 25.61
N THR A 544 32.21 1.55 26.48
CA THR A 544 33.30 0.60 26.50
C THR A 544 32.87 -0.79 26.07
N SER A 545 31.63 -1.23 26.39
CA SER A 545 31.12 -2.51 25.97
C SER A 545 30.44 -2.45 24.60
N ASN A 546 30.55 -3.56 23.87
CA ASN A 546 29.84 -3.73 22.61
C ASN A 546 29.98 -2.58 21.67
N GLN A 547 31.23 -2.21 21.36
CA GLN A 547 31.57 -1.05 20.55
C GLN A 547 31.68 -1.45 19.11
N ASN A 548 30.56 -1.85 18.55
CA ASN A 548 30.44 -2.22 17.16
C ASN A 548 30.25 -0.97 16.36
N PRO A 549 30.46 -1.07 15.03
CA PRO A 549 30.42 0.13 14.24
C PRO A 549 29.05 0.74 14.03
N TYR A 550 27.96 0.09 14.44
CA TYR A 550 26.64 0.49 13.89
C TYR A 550 25.68 1.06 14.94
N GLN A 551 25.48 0.29 16.01
CA GLN A 551 24.73 0.71 17.22
C GLN A 551 25.54 0.29 18.44
N PRO A 552 26.63 1.03 18.71
CA PRO A 552 27.54 0.61 19.75
C PRO A 552 26.88 0.78 21.10
N GLY A 553 27.27 -0.03 22.06
CA GLY A 553 26.93 0.20 23.45
C GLY A 553 25.88 -0.79 23.98
N VAL A 554 25.25 -0.39 25.06
CA VAL A 554 24.46 -1.30 25.86
C VAL A 554 23.22 -0.56 26.40
N LYS A 555 22.08 -0.81 25.80
CA LYS A 555 20.80 -0.26 26.25
C LYS A 555 19.94 -1.38 26.91
N THR A 556 19.25 -1.07 27.98
CA THR A 556 18.45 -2.08 28.74
C THR A 556 17.26 -1.40 29.40
N ALA A 557 16.21 -2.18 29.57
CA ALA A 557 14.96 -1.69 30.17
C ALA A 557 14.51 -0.33 29.63
N THR A 558 14.49 -0.23 28.31
CA THR A 558 14.36 1.08 27.60
C THR A 558 12.95 1.59 27.35
N ARG A 559 11.97 0.72 27.30
CA ARG A 559 10.63 1.15 26.90
C ARG A 559 9.87 1.87 28.02
N VAL A 560 9.95 1.33 29.22
CA VAL A 560 9.19 1.78 30.37
C VAL A 560 10.07 2.18 31.58
N ILE A 561 11.00 1.31 32.02
CA ILE A 561 11.71 1.52 33.25
C ILE A 561 12.64 2.74 33.20
N LYS A 562 13.60 2.78 32.28
CA LYS A 562 14.54 3.89 32.19
C LYS A 562 13.82 5.23 32.00
N PRO A 563 12.77 5.27 31.15
CA PRO A 563 12.02 6.54 31.01
C PRO A 563 11.36 7.00 32.28
N LEU A 564 10.77 6.09 33.02
CA LEU A 564 10.21 6.36 34.31
C LEU A 564 11.26 7.01 35.28
N ILE A 565 12.37 6.31 35.48
CA ILE A 565 13.49 6.75 36.29
C ILE A 565 13.97 8.15 35.90
N ASP A 566 14.16 8.36 34.62
CA ASP A 566 14.62 9.63 34.08
C ASP A 566 13.68 10.78 34.32
N ARG A 567 12.42 10.56 33.97
CA ARG A 567 11.41 11.61 34.10
C ARG A 567 11.11 11.97 35.55
N THR A 568 11.11 10.97 36.42
CA THR A 568 10.98 11.10 37.84
C THR A 568 12.17 11.95 38.38
N PHE A 569 13.37 11.52 38.08
CA PHE A 569 14.59 12.24 38.43
C PHE A 569 14.49 13.71 38.02
N ALA A 570 14.13 13.97 36.75
CA ALA A 570 13.99 15.36 36.27
C ALA A 570 12.91 16.16 37.04
N THR A 571 11.82 15.48 37.40
CA THR A 571 10.69 16.13 38.04
C THR A 571 11.07 16.54 39.49
N VAL A 572 11.68 15.63 40.24
CA VAL A 572 12.06 15.94 41.62
C VAL A 572 13.16 16.97 41.70
N VAL A 573 14.12 16.93 40.79
CA VAL A 573 15.17 17.93 40.75
C VAL A 573 14.53 19.31 40.55
N LYS A 574 13.56 19.41 39.65
CA LYS A 574 12.90 20.69 39.41
C LYS A 574 12.19 21.19 40.66
N PHE A 575 11.43 20.30 41.30
CA PHE A 575 10.68 20.68 42.51
C PHE A 575 11.66 21.15 43.60
N PHE A 576 12.79 20.44 43.72
CA PHE A 576 13.81 20.82 44.69
C PHE A 576 14.33 22.22 44.38
N ASN A 577 14.67 22.48 43.12
CA ASN A 577 15.14 23.80 42.73
C ASN A 577 14.14 24.94 43.02
N GLN A 578 12.85 24.67 42.80
CA GLN A 578 11.80 25.64 43.11
C GLN A 578 11.76 25.85 44.60
N LYS A 579 11.83 24.77 45.37
CA LYS A 579 11.63 24.83 46.80
C LYS A 579 12.78 25.52 47.51
N PHE A 580 14.00 25.23 47.09
CA PHE A 580 15.21 25.71 47.77
C PHE A 580 15.98 26.81 46.96
N ASN A 581 15.36 27.37 45.90
CA ASN A 581 16.09 28.17 44.84
C ASN A 581 17.50 27.64 44.63
N ALA A 582 17.56 26.49 44.01
CA ALA A 582 18.80 25.81 43.67
C ALA A 582 18.90 25.69 42.13
N HIS A 583 20.05 25.22 41.65
CA HIS A 583 20.27 25.03 40.22
C HIS A 583 20.86 23.67 39.97
N LEU A 584 20.35 22.66 40.68
CA LEU A 584 20.74 21.30 40.43
C LEU A 584 20.45 20.96 38.98
N ASP A 585 21.36 20.20 38.38
CA ASP A 585 21.26 19.80 36.98
C ASP A 585 20.19 18.72 36.85
N ALA A 586 19.24 18.95 35.93
CA ALA A 586 18.12 18.03 35.69
C ALA A 586 18.40 16.97 34.58
N THR A 587 19.54 17.04 33.89
CA THR A 587 19.81 16.14 32.77
C THR A 587 20.01 14.70 33.24
N THR A 588 19.63 13.76 32.38
CA THR A 588 19.50 12.35 32.77
C THR A 588 20.55 11.39 32.22
N ASP A 589 21.18 11.75 31.10
CA ASP A 589 22.34 11.02 30.60
C ASP A 589 23.62 11.82 30.80
N TYR A 590 24.66 11.13 31.27
CA TYR A 590 25.94 11.76 31.49
C TYR A 590 26.56 12.11 30.15
N MET A 591 26.96 13.38 30.03
CA MET A 591 27.75 13.86 28.91
C MET A 591 28.98 14.65 29.41
N PRO A 592 30.20 14.09 29.23
CA PRO A 592 31.41 14.79 29.69
C PRO A 592 31.77 16.03 28.86
N HIS A 593 31.37 16.06 27.60
CA HIS A 593 31.55 17.26 26.77
C HIS A 593 30.39 18.20 27.13
N LYS A 594 30.42 19.42 26.59
CA LYS A 594 29.37 20.44 26.82
C LYS A 594 28.86 20.98 25.49
N MET A 595 27.74 21.70 25.54
CA MET A 595 27.23 22.38 24.37
C MET A 595 26.53 23.70 24.71
N LEU A 605 18.67 19.98 23.27
CA LEU A 605 19.44 19.14 22.37
C LEU A 605 20.64 18.47 23.08
N PRO A 606 20.49 17.20 23.53
CA PRO A 606 21.62 16.53 24.18
C PRO A 606 22.70 16.10 23.16
N LEU A 607 23.98 16.24 23.53
CA LEU A 607 25.04 15.66 22.74
C LEU A 607 24.99 14.15 22.88
N GLN A 608 25.55 13.46 21.89
CA GLN A 608 25.80 12.03 21.99
C GLN A 608 27.28 11.77 21.78
N VAL A 609 27.74 10.62 22.28
CA VAL A 609 29.08 10.10 22.01
C VAL A 609 28.90 8.73 21.40
N LYS A 610 29.36 8.53 20.16
CA LYS A 610 29.36 7.20 19.54
C LYS A 610 30.76 6.88 19.01
N ALA A 611 31.36 5.82 19.54
CA ALA A 611 32.78 5.51 19.35
C ALA A 611 33.59 6.82 19.45
N ASN A 612 34.23 7.26 18.36
CA ASN A 612 35.08 8.45 18.36
C ASN A 612 34.39 9.64 17.68
N ARG A 613 33.07 9.64 17.69
CA ARG A 613 32.26 10.73 17.16
C ARG A 613 31.52 11.41 18.31
N VAL A 614 31.36 12.74 18.20
CA VAL A 614 30.62 13.59 19.16
C VAL A 614 29.55 14.34 18.36
N LEU A 615 28.30 13.89 18.48
CA LEU A 615 27.18 14.44 17.68
C LEU A 615 26.30 15.32 18.55
N ILE A 616 25.63 16.31 17.95
CA ILE A 616 24.42 16.91 18.54
C ILE A 616 23.29 15.95 18.13
N SER A 617 22.29 15.75 19.00
CA SER A 617 21.09 14.96 18.64
C SER A 617 20.24 15.65 17.54
N PRO A 618 19.95 14.94 16.40
CA PRO A 618 18.91 15.43 15.47
C PRO A 618 17.52 15.42 16.11
N VAL A 631 25.30 26.09 18.45
CA VAL A 631 26.35 27.05 18.09
C VAL A 631 27.71 26.55 18.63
N GLU A 632 27.80 26.04 19.87
CA GLU A 632 29.12 25.68 20.44
C GLU A 632 29.24 24.42 21.36
N ILE A 633 30.17 23.51 20.97
CA ILE A 633 30.54 22.26 21.71
C ILE A 633 31.90 22.43 22.39
N GLU A 634 32.00 22.07 23.67
CA GLU A 634 33.29 22.04 24.36
C GLU A 634 33.61 20.62 24.81
N LEU A 635 34.71 20.08 24.28
CA LEU A 635 35.17 18.74 24.65
C LEU A 635 35.92 18.84 25.97
N ASP A 636 35.97 17.71 26.66
CA ASP A 636 36.49 17.62 28.03
C ASP A 636 38.03 17.61 28.07
N ALA A 637 38.65 17.42 26.90
CA ALA A 637 40.10 17.57 26.68
C ALA A 637 40.37 18.11 25.26
N ILE A 638 41.65 18.29 24.95
CA ILE A 638 42.10 18.56 23.59
C ILE A 638 42.25 17.19 22.89
N TYR A 639 41.78 17.08 21.65
CA TYR A 639 41.98 15.87 20.84
C TYR A 639 42.52 16.24 19.49
N PRO A 640 43.15 15.28 18.80
CA PRO A 640 43.33 15.53 17.36
C PRO A 640 41.98 15.33 16.65
N GLY A 641 41.57 16.34 15.88
CA GLY A 641 40.32 16.29 15.14
C GLY A 641 40.51 15.63 13.79
N GLU A 642 39.53 14.83 13.38
CA GLU A 642 39.61 14.05 12.14
C GLU A 642 38.72 14.64 11.06
N ASN A 643 37.43 14.80 11.34
CA ASN A 643 36.59 15.63 10.47
C ASN A 643 35.29 16.11 11.11
N ILE A 644 34.59 17.00 10.40
CA ILE A 644 33.24 17.48 10.75
C ILE A 644 32.33 17.15 9.57
N GLN A 645 31.11 16.71 9.88
CA GLN A 645 30.08 16.42 8.87
C GLN A 645 28.75 17.02 9.31
N ILE A 646 28.50 18.27 8.91
CA ILE A 646 27.26 18.98 9.19
C ILE A 646 26.29 18.61 8.06
N ASN A 647 24.97 18.71 8.31
CA ASN A 647 23.92 18.46 7.29
C ASN A 647 22.64 19.28 7.51
N PHE A 648 22.32 20.14 6.53
CA PHE A 648 21.20 21.07 6.59
C PHE A 648 20.26 20.80 5.42
N LEU A 680 28.70 17.48 3.04
CA LEU A 680 28.90 18.78 3.66
C LEU A 680 29.88 18.65 4.84
N SER A 681 31.18 18.55 4.53
CA SER A 681 32.22 18.06 5.45
C SER A 681 33.54 18.87 5.45
N ALA A 682 34.46 18.54 6.35
CA ALA A 682 35.78 19.22 6.44
C ALA A 682 36.83 18.45 7.29
N GLY A 683 37.78 17.78 6.62
CA GLY A 683 38.87 17.04 7.29
C GLY A 683 39.84 17.94 8.03
N LEU A 684 40.11 17.64 9.31
CA LEU A 684 40.85 18.56 10.21
C LEU A 684 42.34 18.22 10.40
N GLN A 685 42.89 17.29 9.59
CA GLN A 685 44.35 16.99 9.54
C GLN A 685 45.05 16.80 10.89
N LYS A 686 44.36 16.12 11.82
CA LYS A 686 44.83 15.93 13.20
C LYS A 686 45.01 17.24 14.02
N ALA A 687 44.36 18.34 13.62
CA ALA A 687 44.54 19.65 14.30
C ALA A 687 44.07 19.51 15.75
N PRO A 688 44.87 19.96 16.74
CA PRO A 688 44.35 19.86 18.12
C PRO A 688 42.99 20.59 18.27
N VAL A 689 42.01 19.97 18.95
CA VAL A 689 40.64 20.53 19.09
C VAL A 689 40.04 20.29 20.49
N LYS A 690 39.51 21.37 21.07
CA LYS A 690 38.67 21.37 22.29
C LYS A 690 37.30 22.00 22.03
N PHE A 691 37.27 23.16 21.37
CA PHE A 691 36.02 23.86 21.06
C PHE A 691 35.69 23.74 19.55
N VAL A 692 34.40 23.72 19.20
CA VAL A 692 33.92 23.76 17.79
C VAL A 692 32.70 24.68 17.75
N ARG A 693 32.59 25.54 16.73
CA ARG A 693 31.54 26.59 16.65
C ARG A 693 30.97 26.86 15.22
N PHE A 694 29.72 27.35 15.14
CA PHE A 694 29.04 27.68 13.87
C PHE A 694 28.05 28.84 14.09
N GLN A 708 22.14 16.38 10.56
CA GLN A 708 23.27 15.91 11.35
C GLN A 708 24.35 17.00 11.62
N PHE A 709 25.18 16.77 12.64
CA PHE A 709 26.25 17.69 13.07
C PHE A 709 27.24 16.84 13.88
N VAL A 710 28.11 16.14 13.18
CA VAL A 710 29.02 15.16 13.80
C VAL A 710 30.52 15.59 13.73
N LEU A 711 31.18 15.64 14.89
CA LEU A 711 32.66 15.81 14.99
C LEU A 711 33.34 14.45 15.25
N THR A 712 34.25 14.05 14.35
CA THR A 712 35.12 12.86 14.58
C THR A 712 36.52 13.29 15.11
N ILE A 713 37.00 12.55 16.10
CA ILE A 713 38.26 12.80 16.79
C ILE A 713 39.04 11.49 16.86
N GLU A 714 40.31 11.57 17.26
CA GLU A 714 41.12 10.41 17.52
C GLU A 714 41.00 10.12 19.03
N LYS A 715 40.52 8.92 19.36
CA LYS A 715 40.30 8.49 20.75
C LYS A 715 40.22 6.95 20.88
N SER B 4 -25.66 37.08 -11.94
CA SER B 4 -25.23 35.61 -12.13
C SER B 4 -23.93 35.39 -12.94
N LEU B 5 -22.86 34.98 -12.30
CA LEU B 5 -21.54 34.87 -12.92
C LEU B 5 -20.88 33.53 -12.58
N GLN B 6 -20.24 32.95 -13.60
CA GLN B 6 -19.61 31.63 -13.47
C GLN B 6 -18.24 31.65 -14.16
N PRO B 7 -17.16 31.37 -13.44
CA PRO B 7 -17.16 31.20 -11.98
C PRO B 7 -17.55 32.52 -11.22
N PRO B 8 -18.10 32.39 -10.00
CA PRO B 8 -18.43 33.59 -9.19
C PRO B 8 -17.16 34.33 -8.76
N PRO B 9 -17.13 35.64 -8.93
CA PRO B 9 -15.89 36.38 -8.59
C PRO B 9 -15.62 36.45 -7.10
N GLN B 10 -14.32 36.67 -6.79
CA GLN B 10 -13.88 36.70 -5.40
C GLN B 10 -14.64 37.81 -4.64
N GLN B 11 -14.79 38.97 -5.28
CA GLN B 11 -15.53 40.07 -4.71
C GLN B 11 -16.34 40.71 -5.80
N LEU B 12 -17.57 41.00 -5.44
CA LEU B 12 -18.53 41.64 -6.31
C LEU B 12 -19.37 42.62 -5.49
N ILE B 13 -19.42 43.87 -5.92
CA ILE B 13 -20.30 44.84 -5.35
C ILE B 13 -21.17 45.32 -6.47
N VAL B 14 -22.49 45.13 -6.31
CA VAL B 14 -23.49 45.52 -7.29
C VAL B 14 -24.33 46.70 -6.73
N GLN B 15 -24.60 47.70 -7.57
CA GLN B 15 -25.68 48.69 -7.32
C GLN B 15 -26.98 48.34 -8.00
N ASN B 16 -28.06 48.99 -7.59
CA ASN B 16 -29.35 48.88 -8.27
C ASN B 16 -29.41 49.96 -9.30
N LYS B 17 -28.65 49.76 -10.37
CA LYS B 17 -28.40 50.81 -11.32
C LYS B 17 -27.88 50.12 -12.55
N THR B 18 -28.45 50.46 -13.71
CA THR B 18 -28.01 49.86 -14.96
C THR B 18 -27.62 50.97 -15.92
N ILE B 19 -26.70 50.67 -16.82
CA ILE B 19 -26.28 51.63 -17.82
C ILE B 19 -26.23 50.96 -19.19
N ASP B 20 -26.38 51.74 -20.26
CA ASP B 20 -26.32 51.20 -21.62
C ASP B 20 -24.89 51.04 -22.08
N LEU B 21 -24.65 49.97 -22.83
CA LEU B 21 -23.39 49.79 -23.52
C LEU B 21 -23.37 50.97 -24.47
N PRO B 22 -22.30 51.75 -24.43
CA PRO B 22 -22.33 53.07 -25.08
C PRO B 22 -22.43 52.99 -26.59
N ALA B 23 -23.41 53.69 -27.17
CA ALA B 23 -23.49 53.88 -28.62
C ALA B 23 -22.23 54.56 -29.20
N VAL B 24 -21.63 55.47 -28.43
CA VAL B 24 -20.34 56.07 -28.80
C VAL B 24 -19.38 55.93 -27.64
N TYR B 25 -18.18 55.42 -27.93
CA TYR B 25 -17.21 55.15 -26.90
C TYR B 25 -15.81 55.51 -27.36
N GLN B 26 -14.94 55.70 -26.38
CA GLN B 26 -13.56 56.05 -26.62
C GLN B 26 -12.70 54.97 -26.02
N LEU B 27 -12.05 54.17 -26.84
CA LEU B 27 -11.26 53.07 -26.30
C LEU B 27 -9.89 53.58 -25.88
N ASN B 28 -9.52 53.28 -24.66
CA ASN B 28 -8.25 53.63 -24.04
C ASN B 28 -7.45 52.36 -23.73
N GLY B 29 -6.38 52.13 -24.45
CA GLY B 29 -5.51 50.96 -24.23
C GLY B 29 -5.63 49.82 -25.24
N GLY B 30 -6.44 50.00 -26.30
CA GLY B 30 -6.61 48.98 -27.33
C GLY B 30 -5.32 48.43 -27.95
N GLU B 31 -4.28 49.26 -28.08
CA GLU B 31 -3.04 48.80 -28.70
C GLU B 31 -2.00 48.22 -27.75
N GLU B 32 -2.09 48.48 -26.44
CA GLU B 32 -1.15 47.90 -25.45
C GLU B 32 -1.70 46.66 -24.71
N ALA B 33 -3.03 46.55 -24.62
CA ALA B 33 -3.67 45.45 -23.91
C ALA B 33 -3.54 44.09 -24.60
N ASN B 34 -3.67 43.00 -23.83
CA ASN B 34 -3.71 41.65 -24.42
C ASN B 34 -4.66 41.62 -25.62
N PRO B 35 -4.09 41.43 -26.85
CA PRO B 35 -4.92 41.39 -28.09
C PRO B 35 -6.15 40.42 -28.05
N HIS B 36 -5.98 39.28 -27.37
CA HIS B 36 -7.05 38.29 -27.21
C HIS B 36 -8.24 38.96 -26.46
N ALA B 37 -7.92 39.76 -25.43
CA ALA B 37 -8.94 40.52 -24.70
C ALA B 37 -9.56 41.60 -25.55
N VAL B 38 -8.70 42.33 -26.27
CA VAL B 38 -9.19 43.41 -27.13
C VAL B 38 -10.22 42.86 -28.16
N LYS B 39 -9.88 41.71 -28.74
CA LYS B 39 -10.71 41.08 -29.75
C LYS B 39 -12.11 40.82 -29.17
N VAL B 40 -12.17 40.23 -27.98
CA VAL B 40 -13.45 39.96 -27.35
C VAL B 40 -14.21 41.27 -27.16
N LEU B 41 -13.53 42.27 -26.59
CA LEU B 41 -14.12 43.58 -26.33
C LEU B 41 -14.76 44.15 -27.58
N LYS B 42 -14.00 44.16 -28.67
CA LYS B 42 -14.50 44.70 -29.94
C LYS B 42 -15.64 43.90 -30.63
N GLU B 43 -15.63 42.58 -30.44
CA GLU B 43 -16.78 41.72 -30.82
C GLU B 43 -18.06 42.25 -30.14
N LEU B 44 -18.03 42.36 -28.82
CA LEU B 44 -19.15 42.89 -28.00
C LEU B 44 -19.59 44.34 -28.33
N LEU B 45 -18.68 45.17 -28.87
CA LEU B 45 -18.99 46.58 -29.27
C LEU B 45 -19.19 46.82 -30.77
N SER B 46 -19.28 45.78 -31.60
CA SER B 46 -19.57 46.04 -33.04
C SER B 46 -20.92 46.78 -33.19
N GLY B 47 -21.06 47.52 -34.29
CA GLY B 47 -22.21 48.38 -34.48
C GLY B 47 -22.21 49.65 -33.63
N LYS B 48 -21.26 49.77 -32.70
CA LYS B 48 -21.09 50.98 -31.87
C LYS B 48 -19.92 51.80 -32.44
N GLN B 49 -20.00 53.13 -32.31
CA GLN B 49 -18.99 54.07 -32.86
C GLN B 49 -17.74 54.18 -31.98
N SER B 50 -16.55 54.03 -32.60
CA SER B 50 -15.28 54.40 -31.98
C SER B 50 -15.02 55.85 -32.27
N SER B 51 -14.64 56.60 -31.26
CA SER B 51 -14.65 58.04 -31.36
C SER B 51 -13.98 58.68 -30.16
N LYS B 52 -13.56 59.92 -30.35
CA LYS B 52 -12.97 60.73 -29.28
C LYS B 52 -14.04 61.31 -28.32
N LYS B 53 -15.27 61.56 -28.81
CA LYS B 53 -16.43 61.82 -27.92
C LYS B 53 -16.78 60.53 -27.17
N GLY B 54 -17.81 60.60 -26.33
CA GLY B 54 -18.43 59.38 -25.78
C GLY B 54 -17.64 58.66 -24.71
N MET B 55 -18.28 57.61 -24.18
CA MET B 55 -17.90 57.06 -22.91
C MET B 55 -16.56 56.38 -22.96
N LEU B 56 -15.79 56.54 -21.88
CA LEU B 56 -14.45 56.05 -21.81
C LEU B 56 -14.51 54.60 -21.43
N ILE B 57 -13.78 53.78 -22.18
CA ILE B 57 -13.54 52.38 -21.83
C ILE B 57 -12.02 52.17 -21.80
N SER B 58 -11.49 51.71 -20.66
CA SER B 58 -10.04 51.55 -20.45
C SER B 58 -9.76 50.07 -20.28
N ILE B 59 -8.89 49.51 -21.13
CA ILE B 59 -8.49 48.11 -21.05
C ILE B 59 -6.98 48.03 -20.94
N GLY B 60 -6.45 47.19 -20.08
CA GLY B 60 -5.03 47.03 -20.07
C GLY B 60 -4.56 46.17 -18.94
N GLU B 61 -3.26 45.91 -18.93
CA GLU B 61 -2.63 45.18 -17.79
C GLU B 61 -2.11 46.25 -16.83
N LYS B 62 -1.79 45.87 -15.60
CA LYS B 62 -1.52 46.86 -14.56
C LYS B 62 -0.39 47.87 -14.84
N GLY B 63 0.62 47.52 -15.64
CA GLY B 63 1.71 48.46 -15.95
C GLY B 63 1.45 49.36 -17.14
N ASP B 64 0.34 49.15 -17.83
CA ASP B 64 -0.01 49.96 -18.99
C ASP B 64 -0.52 51.33 -18.55
N LYS B 65 -0.22 52.35 -19.34
CA LYS B 65 -0.63 53.69 -19.00
C LYS B 65 -2.16 53.83 -19.04
N SER B 66 -2.83 53.04 -19.87
CA SER B 66 -4.31 52.98 -19.88
C SER B 66 -4.95 52.79 -18.49
N VAL B 67 -4.41 51.88 -17.70
CA VAL B 67 -5.03 51.52 -16.42
C VAL B 67 -4.09 51.60 -15.18
N ARG B 68 -2.92 52.22 -15.33
CA ARG B 68 -1.94 52.25 -14.21
C ARG B 68 -2.59 52.89 -12.95
N LYS B 69 -3.40 53.93 -13.15
CA LYS B 69 -4.02 54.63 -12.01
C LYS B 69 -4.98 53.76 -11.18
N TYR B 70 -5.43 52.63 -11.76
CA TYR B 70 -6.23 51.66 -11.02
C TYR B 70 -5.43 50.59 -10.33
N SER B 71 -4.11 50.76 -10.18
CA SER B 71 -3.24 49.70 -9.61
C SER B 71 -3.68 49.19 -8.25
N ARG B 72 -4.13 50.11 -7.39
CA ARG B 72 -4.57 49.80 -6.03
C ARG B 72 -5.83 49.01 -6.04
N GLN B 73 -6.61 49.06 -7.11
CA GLN B 73 -7.77 48.16 -7.22
C GLN B 73 -7.47 46.78 -7.82
N ILE B 74 -6.41 46.64 -8.61
CA ILE B 74 -6.11 45.39 -9.30
C ILE B 74 -5.49 44.38 -8.35
N PRO B 75 -6.14 43.20 -8.13
CA PRO B 75 -5.59 42.26 -7.17
C PRO B 75 -4.19 41.80 -7.51
N ASP B 76 -3.37 41.62 -6.49
CA ASP B 76 -1.95 41.23 -6.65
C ASP B 76 -1.89 39.68 -6.72
N HIS B 77 -2.45 39.18 -7.80
CA HIS B 77 -2.67 37.73 -7.99
C HIS B 77 -2.54 37.45 -9.47
N LYS B 78 -1.77 36.41 -9.79
CA LYS B 78 -1.73 35.92 -11.19
C LYS B 78 -3.16 35.62 -11.67
N GLU B 79 -3.45 36.12 -12.87
CA GLU B 79 -4.72 36.00 -13.56
C GLU B 79 -5.84 36.81 -12.92
N GLY B 80 -5.46 37.69 -11.97
CA GLY B 80 -6.42 38.56 -11.33
C GLY B 80 -6.80 39.72 -12.19
N TYR B 81 -7.92 40.36 -11.84
CA TYR B 81 -8.33 41.55 -12.56
C TYR B 81 -9.25 42.39 -11.71
N TYR B 82 -9.42 43.63 -12.17
CA TYR B 82 -10.38 44.55 -11.68
C TYR B 82 -11.27 44.93 -12.84
N LEU B 83 -12.58 44.84 -12.58
CA LEU B 83 -13.64 45.29 -13.51
C LEU B 83 -14.54 46.29 -12.83
N SER B 84 -14.87 47.37 -13.51
CA SER B 84 -15.76 48.36 -12.98
C SER B 84 -16.59 48.91 -14.10
N VAL B 85 -17.88 49.06 -13.83
CA VAL B 85 -18.81 49.76 -14.68
C VAL B 85 -19.56 50.80 -13.83
N ASN B 86 -19.62 52.04 -14.29
CA ASN B 86 -20.49 53.05 -13.71
C ASN B 86 -20.93 53.93 -14.84
N GLU B 87 -21.71 54.97 -14.54
CA GLU B 87 -22.12 55.91 -15.58
C GLU B 87 -21.03 56.62 -16.34
N LYS B 88 -19.92 56.91 -15.65
CA LYS B 88 -18.80 57.66 -16.25
C LYS B 88 -17.98 56.78 -17.16
N GLU B 89 -17.56 55.63 -16.67
CA GLU B 89 -16.65 54.79 -17.43
C GLU B 89 -16.63 53.30 -17.07
N ILE B 90 -16.01 52.55 -17.97
CA ILE B 90 -15.78 51.13 -17.80
C ILE B 90 -14.30 50.87 -17.67
N VAL B 91 -13.91 50.03 -16.74
CA VAL B 91 -12.52 49.66 -16.57
C VAL B 91 -12.38 48.16 -16.65
N LEU B 92 -11.40 47.69 -17.42
CA LEU B 92 -11.11 46.25 -17.56
C LEU B 92 -9.60 46.05 -17.43
N ALA B 93 -9.13 45.76 -16.21
CA ALA B 93 -7.70 45.88 -15.89
C ALA B 93 -7.16 44.60 -15.32
N GLY B 94 -6.34 43.91 -16.08
CA GLY B 94 -5.81 42.65 -15.55
C GLY B 94 -4.55 42.88 -14.74
N ASN B 95 -4.30 42.00 -13.78
CA ASN B 95 -3.01 41.94 -13.18
C ASN B 95 -1.93 41.58 -14.23
N ASP B 96 -2.34 40.80 -15.22
CA ASP B 96 -1.41 40.29 -16.26
C ASP B 96 -2.30 40.00 -17.45
N GLU B 97 -1.71 39.59 -18.57
CA GLU B 97 -2.48 39.50 -19.80
C GLU B 97 -3.71 38.58 -19.66
N ARG B 98 -3.53 37.47 -18.97
CA ARG B 98 -4.60 36.52 -18.86
C ARG B 98 -5.69 37.16 -17.99
N GLY B 99 -5.27 37.93 -16.98
CA GLY B 99 -6.20 38.70 -16.17
C GLY B 99 -7.13 39.52 -17.01
N THR B 100 -6.57 40.21 -17.98
CA THR B 100 -7.35 41.14 -18.77
C THR B 100 -8.40 40.31 -19.57
N TYR B 101 -7.96 39.15 -20.10
CA TYR B 101 -8.91 38.29 -20.85
C TYR B 101 -10.04 37.80 -19.95
N TYR B 102 -9.69 37.44 -18.73
CA TYR B 102 -10.68 37.02 -17.74
C TYR B 102 -11.69 38.11 -17.31
N ALA B 103 -11.22 39.36 -17.32
CA ALA B 103 -12.08 40.47 -17.10
C ALA B 103 -13.13 40.50 -18.19
N LEU B 104 -12.69 40.35 -19.44
CA LEU B 104 -13.61 40.37 -20.58
C LEU B 104 -14.60 39.20 -20.56
N GLN B 105 -14.18 38.03 -20.07
CA GLN B 105 -15.09 36.92 -19.98
C GLN B 105 -16.16 37.18 -18.92
N THR B 106 -15.78 37.85 -17.83
CA THR B 106 -16.77 38.36 -16.87
C THR B 106 -17.68 39.43 -17.46
N PHE B 107 -17.10 40.41 -18.12
CA PHE B 107 -17.84 41.48 -18.77
C PHE B 107 -18.90 40.92 -19.73
N ALA B 108 -18.55 39.86 -20.47
CA ALA B 108 -19.46 39.30 -21.50
C ALA B 108 -20.74 38.72 -20.86
N GLN B 109 -20.62 38.16 -19.68
CA GLN B 109 -21.75 37.66 -18.90
C GLN B 109 -22.64 38.76 -18.29
N LEU B 110 -22.03 39.90 -17.95
CA LEU B 110 -22.78 41.05 -17.38
C LEU B 110 -23.67 41.66 -18.42
N LEU B 111 -23.20 41.66 -19.66
CA LEU B 111 -23.90 42.35 -20.73
C LEU B 111 -25.18 41.61 -21.12
N LYS B 112 -26.36 42.22 -20.91
CA LYS B 112 -27.68 41.65 -21.31
C LYS B 112 -28.57 42.69 -21.98
N ASP B 113 -29.19 42.32 -23.11
CA ASP B 113 -30.11 43.18 -23.84
C ASP B 113 -29.49 44.59 -24.05
N GLY B 114 -28.21 44.61 -24.40
CA GLY B 114 -27.46 45.87 -24.56
C GLY B 114 -27.20 46.70 -23.31
N LYS B 115 -27.38 46.11 -22.13
CA LYS B 115 -27.32 46.85 -20.86
C LYS B 115 -26.36 46.20 -19.88
N LEU B 116 -25.77 47.02 -19.02
CA LEU B 116 -24.83 46.56 -18.00
C LEU B 116 -25.31 46.98 -16.63
N PRO B 117 -25.08 46.15 -15.62
CA PRO B 117 -25.25 46.71 -14.29
C PRO B 117 -24.03 47.54 -13.87
N GLU B 118 -24.28 48.57 -13.06
CA GLU B 118 -23.25 49.23 -12.30
C GLU B 118 -22.66 48.24 -11.27
N VAL B 119 -21.38 47.87 -11.43
CA VAL B 119 -20.72 46.92 -10.56
C VAL B 119 -19.25 47.24 -10.41
N GLU B 120 -18.68 46.63 -9.40
CA GLU B 120 -17.27 46.64 -9.15
C GLU B 120 -16.84 45.24 -8.77
N ILE B 121 -15.85 44.71 -9.48
CA ILE B 121 -15.40 43.33 -9.28
C ILE B 121 -13.93 43.30 -9.09
N LYS B 122 -13.50 42.57 -8.07
CA LYS B 122 -12.09 42.22 -7.89
C LYS B 122 -12.05 40.70 -7.78
N ASP B 123 -11.25 40.10 -8.63
CA ASP B 123 -11.30 38.66 -8.87
C ASP B 123 -9.97 38.05 -9.29
N TYR B 124 -9.84 36.79 -8.99
CA TYR B 124 -8.66 36.04 -9.28
C TYR B 124 -8.99 34.59 -8.94
N PRO B 125 -8.17 33.61 -9.38
CA PRO B 125 -8.48 32.22 -9.08
C PRO B 125 -7.83 31.78 -7.81
N SER B 126 -8.45 30.82 -7.14
CA SER B 126 -7.91 30.25 -5.95
C SER B 126 -6.93 29.13 -6.20
N VAL B 127 -7.06 28.45 -7.36
CA VAL B 127 -6.16 27.36 -7.76
C VAL B 127 -5.43 27.79 -9.05
N ARG B 128 -4.13 27.55 -9.07
CA ARG B 128 -3.28 28.13 -10.10
C ARG B 128 -3.54 27.55 -11.51
N TYR B 129 -3.57 26.22 -11.57
CA TYR B 129 -3.87 25.46 -12.84
C TYR B 129 -5.24 24.79 -12.79
N ARG B 130 -6.09 25.12 -13.74
CA ARG B 130 -7.48 24.65 -13.72
C ARG B 130 -7.86 24.22 -15.14
N GLY B 131 -8.42 23.03 -15.28
CA GLY B 131 -8.86 22.58 -16.60
C GLY B 131 -9.21 21.12 -16.76
N VAL B 132 -8.89 20.62 -17.98
CA VAL B 132 -9.22 19.26 -18.45
C VAL B 132 -8.00 18.42 -18.82
N VAL B 133 -7.93 17.18 -18.34
CA VAL B 133 -7.03 16.21 -18.91
C VAL B 133 -7.84 15.25 -19.82
N GLU B 134 -7.62 15.32 -21.14
CA GLU B 134 -8.13 14.29 -22.05
C GLU B 134 -7.22 13.04 -21.93
N GLY B 135 -7.47 12.23 -20.91
CA GLY B 135 -6.59 11.16 -20.49
C GLY B 135 -7.25 9.85 -20.30
N PHE B 136 -8.43 9.71 -20.89
CA PHE B 136 -9.30 8.48 -20.76
C PHE B 136 -8.91 7.39 -21.79
N TYR B 137 -9.34 6.12 -21.52
CA TYR B 137 -9.41 5.01 -22.51
C TYR B 137 -10.71 5.09 -23.35
N GLY B 138 -10.67 4.76 -24.66
CA GLY B 138 -11.83 4.94 -25.58
C GLY B 138 -11.50 5.83 -26.80
N THR B 139 -12.46 6.06 -27.66
CA THR B 139 -12.25 6.90 -28.82
C THR B 139 -11.87 8.30 -28.41
N PRO B 140 -10.66 8.75 -28.81
CA PRO B 140 -10.24 10.14 -28.48
C PRO B 140 -11.22 11.15 -29.05
N TRP B 141 -11.33 12.30 -28.39
CA TRP B 141 -12.14 13.38 -28.92
C TRP B 141 -11.83 13.70 -30.35
N SER B 142 -12.85 14.02 -31.15
CA SER B 142 -12.65 14.45 -32.50
C SER B 142 -11.98 15.83 -32.49
N HIS B 143 -11.33 16.14 -33.61
CA HIS B 143 -10.79 17.44 -33.81
C HIS B 143 -11.79 18.59 -33.56
N GLN B 144 -12.97 18.51 -34.22
CA GLN B 144 -14.00 19.49 -34.04
C GLN B 144 -14.46 19.58 -32.53
N ALA B 145 -14.53 18.43 -31.85
CA ALA B 145 -14.92 18.47 -30.45
C ALA B 145 -13.84 19.28 -29.68
N ARG B 146 -12.57 19.07 -30.03
CA ARG B 146 -11.44 19.70 -29.31
C ARG B 146 -11.46 21.21 -29.52
N LEU B 147 -11.73 21.65 -30.73
CA LEU B 147 -11.83 23.07 -30.99
C LEU B 147 -12.95 23.72 -30.13
N SER B 148 -14.10 23.04 -30.06
CA SER B 148 -15.19 23.49 -29.24
C SER B 148 -14.82 23.58 -27.77
N GLN B 149 -14.11 22.57 -27.27
CA GLN B 149 -13.72 22.53 -25.91
C GLN B 149 -12.85 23.74 -25.53
N LEU B 150 -11.87 24.07 -26.36
CA LEU B 150 -10.92 25.10 -26.03
C LEU B 150 -11.57 26.44 -25.85
N LYS B 151 -12.54 26.74 -26.69
CA LYS B 151 -13.32 27.94 -26.61
C LYS B 151 -14.14 27.96 -25.32
N PHE B 152 -14.71 26.80 -24.96
CA PHE B 152 -15.48 26.70 -23.76
C PHE B 152 -14.60 26.96 -22.54
N TYR B 153 -13.36 26.47 -22.60
CA TYR B 153 -12.37 26.69 -21.51
C TYR B 153 -12.06 28.15 -21.28
N GLY B 154 -11.83 28.87 -22.34
CA GLY B 154 -11.54 30.27 -22.22
C GLY B 154 -12.67 31.05 -21.59
N LYS B 155 -13.89 30.71 -22.03
CA LYS B 155 -15.10 31.28 -21.44
C LYS B 155 -15.27 31.06 -19.93
N ASN B 156 -14.84 29.89 -19.42
CA ASN B 156 -14.93 29.52 -18.03
C ASN B 156 -13.63 29.63 -17.23
N LYS B 157 -12.65 30.34 -17.79
CA LYS B 157 -11.38 30.61 -17.11
C LYS B 157 -10.62 29.35 -16.72
N MET B 158 -10.72 28.30 -17.56
CA MET B 158 -9.88 27.13 -17.37
C MET B 158 -8.65 27.42 -18.22
N ASN B 159 -7.49 27.31 -17.60
CA ASN B 159 -6.24 27.70 -18.32
C ASN B 159 -5.36 26.53 -18.76
N THR B 160 -5.84 25.34 -18.60
CA THR B 160 -5.08 24.15 -18.82
C THR B 160 -5.92 23.08 -19.58
N TYR B 161 -5.34 22.63 -20.70
CA TYR B 161 -5.80 21.43 -21.42
C TYR B 161 -4.65 20.52 -21.60
N ILE B 162 -4.68 19.39 -20.90
CA ILE B 162 -3.67 18.37 -21.02
C ILE B 162 -4.14 17.26 -22.04
N TYR B 163 -3.44 17.22 -23.17
CA TYR B 163 -3.69 16.22 -24.22
C TYR B 163 -2.96 14.89 -23.91
N GLY B 164 -3.74 13.84 -23.58
CA GLY B 164 -3.19 12.50 -23.41
C GLY B 164 -4.19 11.32 -23.51
N PRO B 165 -4.90 11.21 -24.66
CA PRO B 165 -5.82 10.09 -24.87
C PRO B 165 -5.06 8.79 -24.94
N LYS B 166 -5.45 7.86 -24.09
CA LYS B 166 -4.68 6.65 -23.93
C LYS B 166 -4.60 5.89 -25.25
N ASP B 167 -5.61 6.04 -26.10
CA ASP B 167 -5.66 5.31 -27.35
C ASP B 167 -5.11 6.04 -28.57
N ASP B 168 -4.45 7.18 -28.38
CA ASP B 168 -3.61 7.82 -29.41
C ASP B 168 -2.25 7.13 -29.50
N PRO B 169 -1.97 6.44 -30.65
CA PRO B 169 -0.75 5.71 -30.73
C PRO B 169 0.52 6.60 -30.79
N TYR B 170 0.43 7.87 -31.15
CA TYR B 170 1.58 8.77 -31.12
C TYR B 170 1.76 9.43 -29.72
N HIS B 171 0.83 9.13 -28.78
CA HIS B 171 0.89 9.55 -27.38
C HIS B 171 1.43 8.43 -26.51
N SER B 172 0.97 7.19 -26.75
CA SER B 172 1.37 6.02 -25.97
C SER B 172 2.13 4.98 -26.81
N ALA B 173 2.21 3.79 -26.30
CA ALA B 173 2.79 2.56 -26.92
C ALA B 173 2.26 2.25 -28.29
N PRO B 174 3.08 1.96 -29.33
CA PRO B 174 4.54 2.07 -29.40
C PRO B 174 5.00 3.28 -30.13
N ASN B 175 4.09 4.07 -30.70
CA ASN B 175 4.53 5.11 -31.57
C ASN B 175 4.74 6.46 -30.87
N TRP B 176 4.79 6.49 -29.53
CA TRP B 176 5.25 7.69 -28.82
C TRP B 176 6.58 8.25 -29.40
N ARG B 177 7.45 7.34 -29.86
CA ARG B 177 8.71 7.70 -30.45
C ARG B 177 8.61 8.40 -31.82
N LEU B 178 7.51 8.29 -32.53
CA LEU B 178 7.36 8.86 -33.87
C LEU B 178 6.66 10.21 -33.85
N PRO B 179 7.05 11.14 -34.73
CA PRO B 179 6.27 12.35 -34.90
C PRO B 179 4.92 12.06 -35.50
N TYR B 180 3.97 12.93 -35.25
CA TYR B 180 2.63 12.82 -35.83
C TYR B 180 2.74 12.92 -37.33
N PRO B 181 1.91 12.20 -38.08
CA PRO B 181 1.96 12.41 -39.52
C PRO B 181 1.44 13.80 -39.82
N ASP B 182 1.62 14.25 -41.03
CA ASP B 182 1.28 15.62 -41.40
C ASP B 182 -0.15 16.08 -41.04
N LYS B 183 -1.17 15.24 -41.26
CA LYS B 183 -2.54 15.70 -41.09
C LYS B 183 -2.80 15.97 -39.62
N GLU B 184 -2.43 15.00 -38.78
CA GLU B 184 -2.54 15.14 -37.37
C GLU B 184 -1.71 16.29 -36.83
N ALA B 185 -0.50 16.46 -37.38
CA ALA B 185 0.41 17.51 -36.96
C ALA B 185 -0.23 18.86 -37.22
N ALA B 186 -0.81 19.05 -38.41
CA ALA B 186 -1.49 20.30 -38.76
C ALA B 186 -2.71 20.54 -37.83
N GLN B 187 -3.39 19.47 -37.42
CA GLN B 187 -4.51 19.57 -36.54
C GLN B 187 -4.02 20.03 -35.14
N LEU B 188 -3.01 19.35 -34.60
CA LEU B 188 -2.46 19.72 -33.34
C LEU B 188 -1.98 21.19 -33.32
N GLN B 189 -1.48 21.66 -34.44
CA GLN B 189 -0.97 23.01 -34.57
C GLN B 189 -2.13 24.04 -34.57
N GLU B 190 -3.25 23.68 -35.19
CA GLU B 190 -4.45 24.47 -35.10
C GLU B 190 -4.99 24.44 -33.62
N LEU B 191 -4.96 23.30 -32.95
CA LEU B 191 -5.40 23.25 -31.54
C LEU B 191 -4.57 24.21 -30.64
N VAL B 192 -3.25 24.22 -30.89
CA VAL B 192 -2.35 25.07 -30.10
C VAL B 192 -2.72 26.52 -30.35
N ALA B 193 -2.88 26.86 -31.61
CA ALA B 193 -3.24 28.23 -31.93
C ALA B 193 -4.54 28.67 -31.21
N VAL B 194 -5.55 27.81 -31.29
CA VAL B 194 -6.88 28.11 -30.71
C VAL B 194 -6.73 28.20 -29.19
N ALA B 195 -5.99 27.29 -28.60
CA ALA B 195 -5.69 27.31 -27.21
C ALA B 195 -5.03 28.65 -26.75
N ASN B 196 -4.03 29.11 -27.50
CA ASN B 196 -3.36 30.35 -27.18
C ASN B 196 -4.32 31.54 -27.19
N GLU B 197 -5.18 31.57 -28.21
CA GLU B 197 -6.21 32.62 -28.35
C GLU B 197 -7.27 32.73 -27.25
N ASN B 198 -7.53 31.57 -26.62
CA ASN B 198 -8.46 31.37 -25.49
C ASN B 198 -7.73 31.29 -24.12
N GLU B 199 -6.44 31.66 -24.13
CA GLU B 199 -5.62 31.74 -22.96
C GLU B 199 -5.51 30.42 -22.22
N VAL B 200 -5.51 29.34 -22.98
CA VAL B 200 -5.37 28.00 -22.42
C VAL B 200 -3.97 27.51 -22.74
N ASP B 201 -3.29 26.95 -21.73
CA ASP B 201 -2.08 26.24 -21.94
C ASP B 201 -2.39 24.86 -22.54
N PHE B 202 -1.98 24.65 -23.79
CA PHE B 202 -2.04 23.31 -24.39
C PHE B 202 -0.89 22.51 -23.85
N VAL B 203 -1.17 21.50 -23.04
CA VAL B 203 -0.11 20.69 -22.46
C VAL B 203 -0.02 19.32 -23.20
N TRP B 204 1.04 19.06 -23.98
CA TRP B 204 1.14 17.76 -24.64
C TRP B 204 1.82 16.78 -23.75
N ALA B 205 1.09 15.77 -23.39
CA ALA B 205 1.59 14.63 -22.64
C ALA B 205 2.10 13.43 -23.50
N ILE B 206 3.02 12.64 -22.92
CA ILE B 206 3.54 11.47 -23.56
C ILE B 206 3.45 10.39 -22.53
N HIS B 207 3.29 9.16 -23.02
CA HIS B 207 3.02 8.01 -22.19
C HIS B 207 3.89 6.85 -22.66
N PRO B 208 5.19 6.95 -22.36
CA PRO B 208 6.19 6.06 -22.95
C PRO B 208 6.51 4.86 -22.11
N GLY B 209 5.95 4.77 -20.92
CA GLY B 209 6.51 3.90 -19.89
C GLY B 209 6.40 2.42 -20.11
N GLN B 210 5.42 2.00 -20.88
CA GLN B 210 5.20 0.54 -21.06
C GLN B 210 6.37 -0.18 -21.73
N ASP B 211 7.03 0.51 -22.65
CA ASP B 211 8.15 -0.10 -23.40
C ASP B 211 9.45 0.72 -23.33
N ILE B 212 9.54 1.70 -22.43
CA ILE B 212 10.71 2.63 -22.40
C ILE B 212 11.93 1.83 -21.99
N LYS B 213 13.06 2.11 -22.61
CA LYS B 213 14.34 1.58 -22.15
C LYS B 213 15.07 2.74 -21.49
N TRP B 214 15.67 2.44 -20.33
CA TRP B 214 16.43 3.43 -19.57
C TRP B 214 17.82 3.56 -20.21
N ASN B 215 17.83 4.03 -21.45
CA ASN B 215 19.11 4.25 -22.18
C ASN B 215 19.09 5.60 -22.93
N LYS B 216 20.20 5.89 -23.60
CA LYS B 216 20.34 7.11 -24.37
C LYS B 216 19.39 7.13 -25.53
N GLU B 217 19.25 6.01 -26.23
CA GLU B 217 18.42 6.05 -27.43
C GLU B 217 16.97 6.54 -27.10
N ASP B 218 16.34 5.93 -26.10
CA ASP B 218 14.96 6.30 -25.76
C ASP B 218 14.81 7.71 -25.15
N ARG B 219 15.80 8.12 -24.37
CA ARG B 219 15.85 9.45 -23.82
CA ARG B 219 15.88 9.46 -23.80
C ARG B 219 15.86 10.45 -24.94
N ASP B 220 16.77 10.24 -25.88
CA ASP B 220 16.86 11.10 -27.07
C ASP B 220 15.61 11.14 -27.94
N LEU B 221 14.98 10.00 -28.17
CA LEU B 221 13.74 10.00 -28.96
C LEU B 221 12.63 10.75 -28.24
N LEU B 222 12.53 10.59 -26.93
CA LEU B 222 11.55 11.37 -26.15
C LEU B 222 11.78 12.90 -26.34
N LEU B 223 13.01 13.32 -26.13
CA LEU B 223 13.33 14.72 -26.34
C LEU B 223 13.09 15.18 -27.76
N ALA B 224 13.47 14.34 -28.71
CA ALA B 224 13.25 14.66 -30.13
C ALA B 224 11.77 14.77 -30.44
N LYS B 225 10.96 13.91 -29.82
CA LYS B 225 9.50 14.06 -29.97
C LYS B 225 9.00 15.38 -29.32
N PHE B 226 9.48 15.68 -28.10
CA PHE B 226 9.14 16.99 -27.48
C PHE B 226 9.56 18.15 -28.37
N GLU B 227 10.74 18.07 -28.99
CA GLU B 227 11.13 19.13 -29.92
C GLU B 227 10.16 19.28 -31.09
N LYS B 228 9.70 18.15 -31.66
CA LYS B 228 8.69 18.25 -32.75
C LYS B 228 7.39 18.95 -32.33
N MET B 229 6.93 18.62 -31.14
CA MET B 229 5.72 19.25 -30.60
C MET B 229 5.96 20.75 -30.36
N TYR B 230 7.17 21.10 -29.89
CA TYR B 230 7.56 22.54 -29.74
C TYR B 230 7.44 23.26 -31.09
N GLN B 231 7.92 22.61 -32.15
CA GLN B 231 7.84 23.22 -33.50
C GLN B 231 6.40 23.44 -33.99
N LEU B 232 5.47 22.60 -33.54
CA LEU B 232 4.02 22.78 -33.80
C LEU B 232 3.39 23.86 -32.89
N GLY B 233 4.13 24.34 -31.87
CA GLY B 233 3.71 25.47 -31.01
C GLY B 233 3.50 25.08 -29.57
N VAL B 234 3.76 23.83 -29.21
CA VAL B 234 3.54 23.41 -27.87
C VAL B 234 4.56 24.03 -26.90
N ARG B 235 4.04 24.71 -25.87
CA ARG B 235 4.84 25.31 -24.80
C ARG B 235 4.71 24.67 -23.43
N SER B 236 3.81 23.70 -23.26
CA SER B 236 3.75 22.90 -22.00
C SER B 236 3.74 21.39 -22.24
N PHE B 237 4.34 20.63 -21.34
CA PHE B 237 4.64 19.24 -21.58
C PHE B 237 4.38 18.42 -20.35
N ALA B 238 3.95 17.17 -20.54
CA ALA B 238 3.86 16.18 -19.47
C ALA B 238 4.42 14.82 -19.84
N VAL B 239 4.73 14.02 -18.82
CA VAL B 239 5.12 12.64 -19.02
C VAL B 239 4.27 11.82 -18.03
N PHE B 240 3.52 10.83 -18.55
CA PHE B 240 2.58 10.03 -17.74
C PHE B 240 3.15 8.64 -17.62
N PHE B 241 3.29 8.14 -16.39
CA PHE B 241 3.72 6.79 -16.08
C PHE B 241 2.58 5.96 -15.42
N ASP B 242 1.34 6.28 -15.77
CA ASP B 242 0.15 5.60 -15.17
C ASP B 242 -0.27 4.33 -15.95
N ASP B 243 -0.69 3.32 -15.20
CA ASP B 243 -1.23 2.09 -15.77
C ASP B 243 -0.25 1.37 -16.71
N ILE B 244 0.95 1.09 -16.21
CA ILE B 244 2.00 0.41 -16.97
C ILE B 244 2.59 -0.62 -16.04
N SER B 245 3.29 -1.60 -16.58
CA SER B 245 4.12 -2.49 -15.81
C SER B 245 5.56 -2.54 -16.32
N GLY B 246 6.43 -3.09 -15.49
CA GLY B 246 7.83 -3.32 -15.82
C GLY B 246 8.79 -2.18 -15.41
N GLU B 247 9.88 -2.07 -16.17
CA GLU B 247 10.97 -1.18 -15.78
C GLU B 247 10.60 0.26 -15.83
N GLY B 248 9.61 0.59 -16.63
CA GLY B 248 9.16 1.96 -16.70
C GLY B 248 8.56 2.53 -15.39
N THR B 249 8.34 1.67 -14.40
CA THR B 249 7.77 2.07 -13.13
C THR B 249 8.81 2.52 -12.11
N ASN B 250 10.11 2.49 -12.51
CA ASN B 250 11.18 2.81 -11.60
C ASN B 250 11.17 4.31 -11.21
N PRO B 251 10.90 4.61 -9.94
CA PRO B 251 10.79 6.05 -9.58
C PRO B 251 12.11 6.82 -9.72
N GLN B 252 13.26 6.22 -9.41
CA GLN B 252 14.54 6.94 -9.51
C GLN B 252 14.79 7.34 -11.00
N LYS B 253 14.50 6.41 -11.93
CA LYS B 253 14.67 6.62 -13.36
C LYS B 253 13.67 7.60 -13.88
N GLN B 254 12.45 7.54 -13.33
CA GLN B 254 11.45 8.54 -13.72
C GLN B 254 11.86 9.93 -13.34
N ALA B 255 12.31 10.08 -12.10
CA ALA B 255 12.75 11.40 -11.64
C ALA B 255 13.95 11.92 -12.46
N GLU B 256 14.89 11.01 -12.74
CA GLU B 256 16.09 11.34 -13.53
C GLU B 256 15.71 11.77 -14.93
N LEU B 257 14.73 11.09 -15.55
CA LEU B 257 14.31 11.48 -16.88
C LEU B 257 13.63 12.86 -16.84
N LEU B 258 12.74 13.05 -15.87
CA LEU B 258 12.03 14.33 -15.77
C LEU B 258 13.01 15.50 -15.47
N ASN B 259 13.96 15.26 -14.60
CA ASN B 259 15.02 16.27 -14.34
C ASN B 259 15.86 16.56 -15.57
N TYR B 260 16.21 15.52 -16.30
CA TYR B 260 16.88 15.69 -17.61
C TYR B 260 16.06 16.53 -18.57
N ILE B 261 14.79 16.18 -18.77
CA ILE B 261 13.91 17.00 -19.60
C ILE B 261 13.86 18.46 -19.13
N ASP B 262 13.73 18.66 -17.82
CA ASP B 262 13.77 20.02 -17.21
C ASP B 262 15.06 20.75 -17.59
N GLU B 263 16.20 20.11 -17.36
CA GLU B 263 17.49 20.79 -17.49
C GLU B 263 17.93 21.01 -18.96
N LYS B 264 17.59 20.09 -19.87
CA LYS B 264 17.98 20.21 -21.28
C LYS B 264 16.97 20.79 -22.22
N PHE B 265 15.73 20.98 -21.78
CA PHE B 265 14.62 21.39 -22.66
C PHE B 265 13.77 22.46 -21.99
N ALA B 266 13.17 22.15 -20.86
CA ALA B 266 12.34 23.18 -20.20
C ALA B 266 13.14 24.44 -19.77
N GLN B 267 14.41 24.26 -19.41
CA GLN B 267 15.34 25.36 -19.07
C GLN B 267 16.23 25.83 -20.22
N VAL B 268 16.02 25.34 -21.44
CA VAL B 268 16.82 25.73 -22.60
C VAL B 268 15.98 26.53 -23.60
N LYS B 269 14.71 26.13 -23.79
CA LYS B 269 13.77 26.91 -24.59
C LYS B 269 13.39 28.13 -23.80
N PRO B 270 13.03 29.23 -24.48
CA PRO B 270 12.77 30.50 -23.78
C PRO B 270 11.42 30.66 -23.08
N ASP B 271 10.49 29.71 -23.26
CA ASP B 271 9.09 30.04 -23.06
C ASP B 271 8.22 28.85 -22.75
N ILE B 272 8.77 27.89 -22.03
CA ILE B 272 8.05 26.75 -21.57
C ILE B 272 7.45 27.03 -20.22
N ASN B 273 6.16 26.70 -20.10
CA ASN B 273 5.32 26.93 -18.91
C ASN B 273 5.23 25.72 -18.06
N GLN B 274 4.25 24.85 -18.23
CA GLN B 274 4.07 23.77 -17.32
C GLN B 274 4.91 22.57 -17.72
N LEU B 275 5.45 21.89 -16.71
CA LEU B 275 6.11 20.60 -16.88
C LEU B 275 5.51 19.73 -15.80
N VAL B 276 4.80 18.66 -16.21
CA VAL B 276 3.91 17.88 -15.32
C VAL B 276 4.21 16.43 -15.49
N MET B 277 4.23 15.65 -14.42
CA MET B 277 4.30 14.21 -14.56
C MET B 277 3.11 13.57 -13.82
N CYS B 278 2.59 12.47 -14.40
CA CYS B 278 1.67 11.58 -13.67
C CYS B 278 2.41 10.35 -13.16
N PRO B 279 2.35 10.07 -11.85
CA PRO B 279 3.12 8.98 -11.31
C PRO B 279 2.52 7.64 -11.57
N THR B 280 3.30 6.57 -11.36
CA THR B 280 2.78 5.21 -11.46
C THR B 280 1.91 4.86 -10.24
N GLU B 281 2.35 5.21 -9.04
CA GLU B 281 1.48 5.05 -7.88
C GLU B 281 0.80 6.42 -7.76
N TYR B 282 -0.41 6.54 -8.31
CA TYR B 282 -1.09 7.83 -8.48
C TYR B 282 -2.33 8.06 -7.58
N ASN B 283 -2.62 7.11 -6.69
CA ASN B 283 -3.64 7.28 -5.65
C ASN B 283 -3.22 6.50 -4.46
N LYS B 284 -3.85 6.75 -3.32
CA LYS B 284 -3.31 6.21 -2.08
C LYS B 284 -3.43 4.69 -2.01
N SER B 285 -4.57 4.15 -2.45
CA SER B 285 -4.80 2.67 -2.32
C SER B 285 -3.82 1.86 -3.20
N TRP B 286 -3.31 2.47 -4.26
CA TRP B 286 -2.26 1.88 -5.09
C TRP B 286 -0.81 2.27 -4.68
N SER B 287 -0.65 2.91 -3.53
CA SER B 287 0.64 3.33 -3.01
CA SER B 287 0.66 3.28 -3.05
C SER B 287 1.08 2.18 -2.17
N ASN B 288 2.26 1.67 -2.40
CA ASN B 288 2.67 0.45 -1.71
C ASN B 288 3.22 0.89 -0.37
N PRO B 289 2.64 0.40 0.74
CA PRO B 289 3.01 1.03 2.00
C PRO B 289 4.44 0.69 2.45
N ASN B 290 5.16 1.71 2.95
CA ASN B 290 6.58 1.60 3.33
C ASN B 290 7.52 1.39 2.16
N GLY B 291 7.05 1.45 0.92
CA GLY B 291 7.92 1.33 -0.26
C GLY B 291 8.41 2.70 -0.64
N ASN B 292 9.34 2.83 -1.54
CA ASN B 292 9.98 4.17 -1.54
C ASN B 292 9.43 5.08 -2.60
N TYR B 293 8.35 4.66 -3.24
CA TYR B 293 7.96 5.25 -4.52
C TYR B 293 7.70 6.77 -4.46
N LEU B 294 6.80 7.19 -3.59
CA LEU B 294 6.35 8.58 -3.64
C LEU B 294 7.39 9.51 -3.01
N THR B 295 8.06 9.01 -1.98
CA THR B 295 9.13 9.79 -1.32
C THR B 295 10.35 9.95 -2.21
N THR B 296 10.61 8.97 -3.09
CA THR B 296 11.64 9.12 -4.08
C THR B 296 11.29 10.20 -5.09
N LEU B 297 10.04 10.23 -5.57
CA LEU B 297 9.64 11.31 -6.49
C LEU B 297 9.75 12.66 -5.79
N GLY B 298 9.21 12.69 -4.58
CA GLY B 298 9.18 13.90 -3.78
C GLY B 298 10.54 14.53 -3.53
N ASP B 299 11.49 13.66 -3.20
CA ASP B 299 12.84 14.04 -2.88
C ASP B 299 13.66 14.34 -4.09
N LYS B 300 13.50 13.58 -5.19
CA LYS B 300 14.42 13.71 -6.35
C LYS B 300 13.93 14.62 -7.45
N LEU B 301 12.62 14.69 -7.70
CA LEU B 301 12.11 15.53 -8.77
C LEU B 301 12.34 16.98 -8.44
N ASN B 302 12.81 17.71 -9.44
CA ASN B 302 13.10 19.14 -9.32
C ASN B 302 11.83 19.86 -8.92
N PRO B 303 11.97 20.90 -8.06
CA PRO B 303 10.77 21.52 -7.41
C PRO B 303 9.70 22.12 -8.34
N SER B 304 10.07 22.57 -9.54
CA SER B 304 9.13 23.18 -10.45
C SER B 304 8.26 22.15 -11.21
N ILE B 305 8.55 20.86 -11.05
CA ILE B 305 7.83 19.84 -11.80
C ILE B 305 6.57 19.48 -10.99
N GLN B 306 5.43 19.45 -11.66
CA GLN B 306 4.17 19.04 -11.00
C GLN B 306 4.04 17.52 -10.97
N ILE B 307 3.44 17.04 -9.88
CA ILE B 307 3.12 15.61 -9.68
C ILE B 307 1.60 15.49 -9.54
N MET B 308 1.00 14.65 -10.41
CA MET B 308 -0.45 14.46 -10.48
C MET B 308 -0.91 13.42 -9.49
N TRP B 309 -2.17 13.50 -9.12
CA TRP B 309 -2.71 12.62 -8.07
C TRP B 309 -4.20 12.53 -8.20
N THR B 310 -4.78 11.33 -8.05
CA THR B 310 -6.26 11.14 -8.23
C THR B 310 -7.02 11.00 -6.92
N GLY B 311 -6.30 11.05 -5.78
CA GLY B 311 -6.94 11.02 -4.48
C GLY B 311 -6.62 9.75 -3.75
N ASP B 312 -7.54 9.32 -2.89
CA ASP B 312 -7.36 8.14 -2.06
C ASP B 312 -7.55 6.82 -2.79
N ARG B 313 -8.23 6.89 -3.91
CA ARG B 313 -8.47 5.74 -4.80
CA ARG B 313 -8.49 5.74 -4.79
C ARG B 313 -8.32 6.20 -6.22
N VAL B 314 -8.30 5.23 -7.15
CA VAL B 314 -8.31 5.58 -8.58
C VAL B 314 -9.39 6.59 -8.91
N ILE B 315 -10.60 6.33 -8.43
CA ILE B 315 -11.74 7.23 -8.59
C ILE B 315 -12.11 7.69 -7.18
N SER B 316 -11.89 8.98 -6.92
CA SER B 316 -12.23 9.52 -5.62
C SER B 316 -12.33 11.01 -5.62
N ASP B 317 -12.95 11.50 -4.56
CA ASP B 317 -13.13 12.96 -4.39
C ASP B 317 -12.06 13.40 -3.39
N ILE B 318 -11.63 14.65 -3.51
CA ILE B 318 -10.45 15.07 -2.78
C ILE B 318 -10.82 15.71 -1.42
N THR B 319 -10.25 15.16 -0.36
CA THR B 319 -10.40 15.62 1.01
C THR B 319 -9.15 16.28 1.55
N ARG B 320 -9.34 16.99 2.68
CA ARG B 320 -8.23 17.57 3.42
C ARG B 320 -7.29 16.51 3.96
N ASP B 321 -7.77 15.45 4.55
CA ASP B 321 -6.87 14.37 4.99
C ASP B 321 -6.11 13.73 3.83
N GLY B 322 -6.79 13.54 2.70
CA GLY B 322 -6.22 12.91 1.55
C GLY B 322 -5.11 13.78 0.94
N ILE B 323 -5.38 15.06 0.74
CA ILE B 323 -4.41 15.93 0.14
C ILE B 323 -3.17 16.18 1.04
N SER B 324 -3.31 16.12 2.37
CA SER B 324 -2.18 16.25 3.27
C SER B 324 -1.29 15.02 3.17
N TRP B 325 -1.93 13.86 3.06
CA TRP B 325 -1.20 12.60 3.04
C TRP B 325 -0.27 12.60 1.80
N ILE B 326 -0.78 12.96 0.64
CA ILE B 326 0.09 13.00 -0.57
C ILE B 326 1.14 14.15 -0.51
N ASN B 327 0.70 15.36 -0.16
CA ASN B 327 1.59 16.53 -0.08
C ASN B 327 2.83 16.30 0.82
N GLU B 328 2.66 15.61 1.94
CA GLU B 328 3.79 15.36 2.81
C GLU B 328 4.80 14.41 2.17
N ARG B 329 4.36 13.60 1.22
CA ARG B 329 5.26 12.66 0.60
C ARG B 329 5.94 13.24 -0.64
N ILE B 330 5.20 14.01 -1.43
CA ILE B 330 5.78 14.59 -2.65
C ILE B 330 6.47 15.95 -2.41
N LYS B 331 6.39 16.46 -1.18
CA LYS B 331 7.03 17.71 -0.74
C LYS B 331 6.62 18.93 -1.56
N ARG B 332 5.38 18.96 -2.05
CA ARG B 332 4.88 20.04 -2.86
C ARG B 332 3.36 19.82 -2.99
N PRO B 333 2.60 20.86 -3.36
CA PRO B 333 1.16 20.70 -3.46
C PRO B 333 0.78 19.85 -4.71
N ALA B 334 -0.02 18.80 -4.52
CA ALA B 334 -0.44 17.91 -5.62
C ALA B 334 -1.20 18.63 -6.69
N TYR B 335 -1.10 18.09 -7.90
CA TYR B 335 -1.83 18.59 -9.05
C TYR B 335 -2.86 17.48 -9.28
N ILE B 336 -4.10 17.78 -8.90
CA ILE B 336 -5.17 16.76 -8.88
C ILE B 336 -5.63 16.37 -10.27
N TRP B 337 -5.66 15.07 -10.48
CA TRP B 337 -6.33 14.47 -11.64
C TRP B 337 -7.63 13.82 -11.09
N TRP B 338 -8.75 14.48 -11.31
CA TRP B 338 -10.06 14.07 -10.71
C TRP B 338 -10.85 13.25 -11.77
N ASN B 339 -11.07 12.01 -11.46
CA ASN B 339 -11.77 11.11 -12.36
C ASN B 339 -13.26 11.19 -12.36
N PHE B 340 -13.77 12.31 -12.86
CA PHE B 340 -15.17 12.54 -13.01
C PHE B 340 -15.26 13.69 -13.98
N PRO B 341 -16.02 13.51 -15.05
CA PRO B 341 -17.03 12.46 -15.24
C PRO B 341 -16.59 11.24 -16.09
N VAL B 342 -15.28 10.97 -16.15
CA VAL B 342 -14.76 9.88 -16.97
C VAL B 342 -15.61 8.62 -16.80
N SER B 343 -15.99 7.98 -17.92
CA SER B 343 -16.91 6.77 -17.83
C SER B 343 -16.33 5.55 -18.53
N ASP B 344 -15.01 5.58 -18.70
CA ASP B 344 -14.29 4.60 -19.53
C ASP B 344 -14.27 3.22 -18.91
N TYR B 345 -14.72 3.10 -17.67
CA TYR B 345 -14.89 1.79 -17.01
C TYR B 345 -16.40 1.49 -16.73
N VAL B 346 -17.30 2.36 -17.19
CA VAL B 346 -18.78 2.15 -17.10
C VAL B 346 -19.36 2.73 -18.38
N ARG B 347 -18.83 2.22 -19.51
CA ARG B 347 -19.09 2.85 -20.82
C ARG B 347 -20.52 2.82 -21.30
N ASP B 348 -21.29 1.93 -20.71
CA ASP B 348 -22.73 1.88 -20.93
C ASP B 348 -23.53 2.93 -20.15
N HIS B 349 -22.88 3.74 -19.27
CA HIS B 349 -23.58 4.88 -18.64
C HIS B 349 -23.05 6.20 -19.09
N LEU B 350 -23.95 7.21 -19.08
CA LEU B 350 -23.56 8.61 -19.18
C LEU B 350 -23.61 9.21 -17.76
N LEU B 351 -22.68 10.12 -17.41
CA LEU B 351 -22.58 10.66 -16.02
C LEU B 351 -22.74 12.16 -16.11
N LEU B 352 -23.97 12.61 -16.03
CA LEU B 352 -24.34 13.95 -16.36
C LEU B 352 -24.78 14.71 -15.11
N GLY B 353 -24.52 14.16 -13.93
CA GLY B 353 -24.96 14.80 -12.72
C GLY B 353 -23.98 15.91 -12.25
N PRO B 354 -24.28 16.56 -11.12
CA PRO B 354 -23.43 17.63 -10.62
C PRO B 354 -22.06 17.15 -10.18
N VAL B 355 -21.17 18.12 -10.12
CA VAL B 355 -19.86 17.94 -9.53
C VAL B 355 -19.91 18.17 -8.03
N TYR B 356 -19.57 17.18 -7.22
CA TYR B 356 -19.55 17.45 -5.80
C TYR B 356 -18.57 16.49 -5.16
N GLY B 357 -18.38 16.64 -3.85
CA GLY B 357 -17.58 15.76 -3.00
C GLY B 357 -16.18 16.27 -2.68
N ASN B 358 -15.69 17.29 -3.39
CA ASN B 358 -14.32 17.77 -3.18
C ASN B 358 -14.34 18.86 -2.10
N ASP B 359 -13.45 18.74 -1.13
CA ASP B 359 -13.37 19.74 -0.02
C ASP B 359 -13.17 21.12 -0.67
N THR B 360 -13.97 22.10 -0.26
CA THR B 360 -13.90 23.45 -0.80
C THR B 360 -12.95 24.42 -0.09
N THR B 361 -12.16 23.94 0.87
CA THR B 361 -11.32 24.79 1.72
C THR B 361 -9.84 24.53 1.53
N ILE B 362 -9.47 23.72 0.53
CA ILE B 362 -8.11 23.20 0.38
C ILE B 362 -7.34 23.72 -0.86
N ALA B 363 -7.76 24.87 -1.39
CA ALA B 363 -7.17 25.44 -2.58
C ALA B 363 -5.67 25.64 -2.47
N LYS B 364 -5.22 26.05 -1.28
CA LYS B 364 -3.81 26.26 -1.03
C LYS B 364 -3.02 24.96 -1.09
N GLU B 365 -3.65 23.81 -0.91
CA GLU B 365 -2.96 22.55 -0.84
C GLU B 365 -2.86 21.87 -2.25
N MET B 366 -3.34 22.52 -3.31
CA MET B 366 -3.29 21.96 -4.63
C MET B 366 -2.67 22.91 -5.67
N SER B 367 -1.75 22.39 -6.47
CA SER B 367 -1.16 23.19 -7.59
C SER B 367 -2.07 23.36 -8.75
N GLY B 368 -2.92 22.38 -8.92
CA GLY B 368 -3.71 22.27 -10.08
C GLY B 368 -4.88 21.39 -9.81
N PHE B 369 -5.92 21.60 -10.56
CA PHE B 369 -7.11 20.71 -10.47
C PHE B 369 -7.64 20.48 -11.90
N VAL B 370 -7.43 19.28 -12.42
CA VAL B 370 -7.98 18.90 -13.76
C VAL B 370 -9.00 17.77 -13.69
N THR B 371 -10.07 17.85 -14.49
CA THR B 371 -11.06 16.81 -14.65
C THR B 371 -10.73 15.87 -15.89
N ASN B 372 -10.80 14.55 -15.64
CA ASN B 372 -10.77 13.52 -16.68
C ASN B 372 -12.21 13.23 -17.11
N PRO B 373 -12.59 13.59 -18.34
CA PRO B 373 -13.95 13.63 -18.81
C PRO B 373 -14.33 12.33 -19.54
N MET B 374 -15.57 12.28 -20.02
CA MET B 374 -16.08 11.12 -20.78
C MET B 374 -15.53 11.27 -22.21
N GLU B 375 -15.50 10.16 -22.94
CA GLU B 375 -15.28 10.22 -24.39
C GLU B 375 -16.33 11.04 -25.11
N HIS B 376 -17.48 11.24 -24.47
CA HIS B 376 -18.54 12.10 -24.98
C HIS B 376 -18.19 13.52 -24.59
N ALA B 377 -17.68 14.29 -25.55
CA ALA B 377 -17.06 15.57 -25.25
C ALA B 377 -18.06 16.64 -24.87
N GLU B 378 -19.08 16.86 -25.72
CA GLU B 378 -20.07 17.85 -25.42
C GLU B 378 -20.80 17.50 -24.14
N SER B 379 -21.12 16.23 -23.98
CA SER B 379 -21.81 15.79 -22.79
C SER B 379 -21.03 16.11 -21.50
N SER B 380 -19.69 16.10 -21.61
CA SER B 380 -18.79 16.37 -20.50
C SER B 380 -18.76 17.88 -20.07
N LYS B 381 -19.32 18.79 -20.86
CA LYS B 381 -19.34 20.18 -20.52
C LYS B 381 -20.10 20.55 -19.25
N ILE B 382 -21.11 19.73 -18.85
CA ILE B 382 -21.78 19.92 -17.61
C ILE B 382 -20.81 19.89 -16.45
N ALA B 383 -20.10 18.78 -16.26
CA ALA B 383 -19.08 18.65 -15.27
C ALA B 383 -17.88 19.64 -15.45
N ILE B 384 -17.47 19.87 -16.68
CA ILE B 384 -16.31 20.75 -16.92
C ILE B 384 -16.59 22.18 -16.47
N TYR B 385 -17.74 22.72 -16.87
CA TYR B 385 -18.17 24.03 -16.45
C TYR B 385 -18.20 24.16 -14.91
N SER B 386 -18.68 23.09 -14.25
CA SER B 386 -18.77 23.02 -12.82
C SER B 386 -17.35 22.91 -12.17
N VAL B 387 -16.44 22.16 -12.79
CA VAL B 387 -15.05 22.10 -12.32
C VAL B 387 -14.39 23.43 -12.48
N ALA B 388 -14.70 24.16 -13.55
CA ALA B 388 -14.15 25.45 -13.75
C ALA B 388 -14.57 26.39 -12.60
N SER B 389 -15.82 26.27 -12.18
CA SER B 389 -16.41 27.11 -11.14
C SER B 389 -15.80 26.81 -9.79
N TYR B 390 -15.66 25.52 -9.51
CA TYR B 390 -15.09 25.02 -8.28
C TYR B 390 -13.61 25.46 -8.10
N ALA B 391 -12.84 25.29 -9.13
CA ALA B 391 -11.42 25.56 -9.03
C ALA B 391 -11.07 27.04 -9.01
N TRP B 392 -11.88 27.87 -9.67
CA TRP B 392 -11.72 29.28 -9.60
C TRP B 392 -12.11 29.91 -8.21
N ASN B 393 -13.34 29.60 -7.76
CA ASN B 393 -13.77 30.03 -6.46
C ASN B 393 -14.38 28.91 -5.67
N PRO B 394 -13.55 28.10 -5.02
CA PRO B 394 -14.12 26.98 -4.30
C PRO B 394 -14.91 27.37 -3.07
N ALA B 395 -14.54 28.49 -2.42
CA ALA B 395 -15.24 28.91 -1.21
C ALA B 395 -16.71 29.20 -1.45
N LYS B 396 -17.04 29.70 -2.64
CA LYS B 396 -18.39 30.04 -3.07
C LYS B 396 -19.02 28.94 -3.94
N TYR B 397 -18.43 27.74 -4.00
CA TYR B 397 -18.87 26.73 -4.97
C TYR B 397 -20.22 26.16 -4.55
N ASP B 398 -21.20 26.28 -5.44
CA ASP B 398 -22.56 25.84 -5.21
C ASP B 398 -22.85 24.69 -6.22
N THR B 399 -22.77 23.46 -5.73
CA THR B 399 -23.00 22.25 -6.49
C THR B 399 -24.20 22.30 -7.45
N TRP B 400 -25.41 22.43 -6.89
CA TRP B 400 -26.62 22.33 -7.68
C TRP B 400 -26.81 23.55 -8.56
N GLN B 401 -26.54 24.77 -8.05
CA GLN B 401 -26.79 25.95 -8.92
C GLN B 401 -25.85 25.94 -10.14
N THR B 402 -24.62 25.45 -9.96
CA THR B 402 -23.62 25.43 -11.02
C THR B 402 -24.00 24.38 -12.12
N TRP B 403 -24.46 23.23 -11.68
CA TRP B 403 -25.09 22.23 -12.59
C TRP B 403 -26.22 22.80 -13.44
N LYS B 404 -27.18 23.47 -12.82
CA LYS B 404 -28.23 24.14 -13.57
C LYS B 404 -27.67 25.21 -14.51
N ASP B 405 -26.70 26.01 -14.03
CA ASP B 405 -26.14 27.06 -14.89
C ASP B 405 -25.44 26.49 -16.13
N ALA B 406 -24.70 25.41 -15.93
CA ALA B 406 -24.00 24.72 -17.00
C ALA B 406 -24.99 24.25 -18.11
N ILE B 407 -26.08 23.61 -17.64
CA ILE B 407 -27.11 23.09 -18.52
C ILE B 407 -27.75 24.19 -19.34
N ARG B 408 -28.05 25.32 -18.69
CA ARG B 408 -28.67 26.44 -19.38
C ARG B 408 -27.71 27.12 -20.38
N THR B 409 -26.41 27.05 -20.07
CA THR B 409 -25.35 27.59 -20.93
C THR B 409 -25.18 26.72 -22.17
N ILE B 410 -25.07 25.43 -21.96
CA ILE B 410 -24.91 24.40 -22.99
C ILE B 410 -26.15 24.30 -23.88
N LEU B 411 -27.34 24.27 -23.28
CA LEU B 411 -28.53 24.14 -24.11
C LEU B 411 -29.71 25.03 -23.72
N PRO B 412 -29.57 26.34 -23.98
CA PRO B 412 -30.58 27.27 -23.47
C PRO B 412 -31.99 27.00 -24.01
N SER B 413 -32.07 26.48 -25.23
CA SER B 413 -33.38 26.19 -25.87
C SER B 413 -34.05 24.99 -25.22
N ALA B 414 -33.35 24.17 -24.45
CA ALA B 414 -33.96 22.99 -23.83
C ALA B 414 -33.39 22.61 -22.53
N ALA B 415 -33.25 23.64 -21.66
CA ALA B 415 -32.51 23.51 -20.40
C ALA B 415 -33.21 22.58 -19.45
N GLU B 416 -34.52 22.77 -19.31
CA GLU B 416 -35.33 21.98 -18.41
C GLU B 416 -35.34 20.47 -18.85
N GLU B 417 -35.37 20.25 -20.16
CA GLU B 417 -35.38 18.89 -20.73
C GLU B 417 -34.04 18.20 -20.48
N LEU B 418 -32.94 18.94 -20.68
CA LEU B 418 -31.62 18.38 -20.33
C LEU B 418 -31.45 18.14 -18.84
N GLU B 419 -32.07 18.99 -17.99
CA GLU B 419 -32.03 18.72 -16.55
C GLU B 419 -32.69 17.44 -16.24
N CYS B 420 -33.91 17.30 -16.79
CA CYS B 420 -34.67 16.06 -16.61
C CYS B 420 -33.81 14.85 -17.00
N PHE B 421 -33.28 14.88 -18.23
CA PHE B 421 -32.41 13.76 -18.71
C PHE B 421 -31.18 13.53 -17.79
N ALA B 422 -30.49 14.60 -17.45
CA ALA B 422 -29.27 14.48 -16.62
C ALA B 422 -29.51 14.00 -15.20
N MET B 423 -30.59 14.44 -14.61
CA MET B 423 -30.96 14.09 -13.21
C MET B 423 -31.13 12.59 -13.02
N HIS B 424 -31.55 11.92 -14.12
CA HIS B 424 -31.72 10.47 -14.12
C HIS B 424 -30.65 9.70 -14.87
N ASN B 425 -29.53 10.37 -15.19
CA ASN B 425 -28.39 9.75 -15.82
C ASN B 425 -27.12 10.28 -15.18
N SER B 426 -26.89 9.85 -13.96
CA SER B 426 -25.81 10.40 -13.15
C SER B 426 -25.09 9.34 -12.33
N ASP B 427 -25.72 8.24 -11.98
CA ASP B 427 -25.00 7.17 -11.25
C ASP B 427 -24.29 6.24 -12.24
N LEU B 428 -23.27 5.55 -11.73
CA LEU B 428 -22.40 4.66 -12.47
C LEU B 428 -22.86 3.19 -12.51
N GLY B 429 -23.75 2.81 -11.58
CA GLY B 429 -24.04 1.44 -11.32
C GLY B 429 -22.87 0.77 -10.66
N PRO B 430 -23.04 -0.48 -10.23
CA PRO B 430 -21.97 -1.14 -9.52
C PRO B 430 -20.74 -1.27 -10.36
N ASN B 431 -19.56 -1.08 -9.77
CA ASN B 431 -18.30 -1.15 -10.58
C ASN B 431 -17.10 -1.56 -9.77
N GLY B 432 -16.07 -2.05 -10.45
CA GLY B 432 -14.81 -2.40 -9.78
C GLY B 432 -14.13 -1.23 -9.05
N HIS B 433 -14.39 0.02 -9.40
CA HIS B 433 -13.78 1.13 -8.63
C HIS B 433 -14.58 1.57 -7.42
N GLY B 434 -15.75 0.97 -7.20
CA GLY B 434 -16.60 1.24 -6.05
C GLY B 434 -17.08 2.69 -5.96
N TYR B 435 -17.15 3.40 -7.07
CA TYR B 435 -17.50 4.81 -7.04
C TYR B 435 -18.92 4.97 -7.58
N ARG B 436 -19.73 5.71 -6.82
CA ARG B 436 -21.14 5.91 -7.12
C ARG B 436 -21.48 7.40 -7.02
N ARG B 437 -22.57 7.80 -7.67
CA ARG B 437 -23.16 9.13 -7.54
C ARG B 437 -24.68 8.98 -7.25
N GLU B 438 -25.22 10.00 -6.59
CA GLU B 438 -26.66 10.15 -6.42
C GLU B 438 -27.40 10.27 -7.75
N GLU B 439 -28.65 9.82 -7.77
CA GLU B 439 -29.49 9.92 -8.97
C GLU B 439 -30.94 9.86 -8.59
N SER B 440 -31.77 10.67 -9.22
CA SER B 440 -33.21 10.58 -9.09
C SER B 440 -33.66 10.82 -7.65
N MET B 441 -32.86 11.62 -6.92
CA MET B 441 -33.04 11.83 -5.46
CA MET B 441 -33.07 11.70 -5.45
C MET B 441 -34.42 12.36 -5.12
N ASP B 442 -34.88 13.30 -5.94
CA ASP B 442 -36.17 13.94 -5.82
C ASP B 442 -37.39 12.96 -5.73
N ILE B 443 -37.44 11.93 -6.60
CA ILE B 443 -38.59 11.01 -6.61
C ILE B 443 -38.37 9.76 -5.77
N GLN B 444 -37.14 9.60 -5.25
CA GLN B 444 -36.77 8.40 -4.47
C GLN B 444 -37.72 8.14 -3.29
N PRO B 445 -38.18 9.21 -2.59
CA PRO B 445 -39.15 9.01 -1.51
C PRO B 445 -40.44 8.35 -1.94
N ALA B 446 -41.07 8.92 -2.95
CA ALA B 446 -42.28 8.38 -3.51
C ALA B 446 -42.05 6.95 -4.02
N ALA B 447 -40.88 6.66 -4.57
CA ALA B 447 -40.59 5.35 -5.11
C ALA B 447 -40.51 4.26 -4.05
N GLU B 448 -39.71 4.47 -3.00
CA GLU B 448 -39.53 3.48 -1.91
C GLU B 448 -40.79 3.26 -1.08
N ARG B 449 -41.56 4.32 -0.89
CA ARG B 449 -42.88 4.26 -0.24
C ARG B 449 -43.94 3.46 -1.02
N PHE B 450 -44.03 3.76 -2.32
CA PHE B 450 -44.86 3.04 -3.26
C PHE B 450 -44.51 1.57 -3.22
N LEU B 451 -43.24 1.27 -3.40
CA LEU B 451 -42.81 -0.12 -3.53
C LEU B 451 -43.09 -0.93 -2.26
N LYS B 452 -42.75 -0.35 -1.11
CA LYS B 452 -42.93 -1.02 0.19
C LYS B 452 -44.39 -1.31 0.52
N ALA B 453 -45.26 -0.33 0.29
CA ALA B 453 -46.72 -0.51 0.40
C ALA B 453 -47.27 -1.68 -0.42
N PHE B 454 -46.81 -1.71 -1.66
CA PHE B 454 -47.32 -2.53 -2.72
C PHE B 454 -47.00 -4.00 -2.42
N LYS B 455 -45.71 -4.30 -2.28
CA LYS B 455 -45.24 -5.65 -1.95
C LYS B 455 -45.95 -6.30 -0.76
N GLU B 456 -46.48 -5.49 0.16
CA GLU B 456 -47.21 -5.99 1.33
C GLU B 456 -48.72 -6.11 1.08
N ASN B 459 -51.54 -0.70 1.15
CA ASN B 459 -51.99 0.21 0.09
C ASN B 459 -51.13 1.48 -0.12
N TYR B 460 -51.07 1.97 -1.36
CA TYR B 460 -50.20 3.11 -1.76
C TYR B 460 -50.91 4.47 -1.76
N ASP B 461 -50.15 5.54 -1.59
CA ASP B 461 -50.70 6.90 -1.55
C ASP B 461 -50.89 7.37 -2.99
N LYS B 462 -52.12 7.76 -3.31
CA LYS B 462 -52.47 8.33 -4.61
C LYS B 462 -51.37 9.33 -5.07
N ALA B 463 -50.93 10.23 -4.19
CA ALA B 463 -49.92 11.23 -4.53
C ALA B 463 -48.62 10.65 -5.09
N ASP B 464 -48.10 9.60 -4.46
CA ASP B 464 -46.88 8.96 -4.93
C ASP B 464 -47.05 8.30 -6.32
N PHE B 465 -48.25 7.76 -6.59
CA PHE B 465 -48.59 7.21 -7.90
C PHE B 465 -48.55 8.32 -8.96
N GLU B 466 -49.10 9.47 -8.61
CA GLU B 466 -49.13 10.61 -9.53
C GLU B 466 -47.74 11.13 -9.72
N THR B 467 -46.94 11.16 -8.65
CA THR B 467 -45.53 11.58 -8.77
C THR B 467 -44.84 10.71 -9.80
N LEU B 468 -45.05 9.40 -9.72
CA LEU B 468 -44.40 8.48 -10.68
C LEU B 468 -44.86 8.73 -12.11
N GLN B 469 -46.17 8.80 -12.28
CA GLN B 469 -46.78 9.16 -13.55
C GLN B 469 -46.26 10.49 -14.18
N TYR B 470 -46.21 11.53 -13.35
CA TYR B 470 -45.62 12.84 -13.72
C TYR B 470 -44.20 12.73 -14.23
N THR B 471 -43.42 11.92 -13.52
CA THR B 471 -42.02 11.67 -13.82
C THR B 471 -41.87 11.01 -15.20
N PHE B 472 -42.64 9.93 -15.43
CA PHE B 472 -42.64 9.27 -16.72
C PHE B 472 -43.06 10.18 -17.83
N GLU B 473 -44.10 10.99 -17.60
CA GLU B 473 -44.56 11.95 -18.60
C GLU B 473 -43.48 12.89 -18.96
N ARG B 474 -42.86 13.48 -17.94
CA ARG B 474 -41.82 14.46 -18.16
C ARG B 474 -40.55 13.89 -18.89
N MET B 475 -40.16 12.70 -18.49
CA MET B 475 -39.13 11.93 -19.19
C MET B 475 -39.37 11.82 -20.76
N LYS B 476 -40.63 11.60 -21.15
CA LYS B 476 -40.95 11.40 -22.59
C LYS B 476 -40.88 12.70 -23.32
N GLU B 477 -41.46 13.73 -22.68
CA GLU B 477 -41.35 15.08 -23.17
C GLU B 477 -39.89 15.47 -23.37
N SER B 478 -39.08 15.22 -22.38
CA SER B 478 -37.61 15.56 -22.44
C SER B 478 -36.86 14.77 -23.54
N ALA B 479 -37.04 13.44 -23.60
CA ALA B 479 -36.49 12.61 -24.67
C ALA B 479 -36.83 13.11 -26.08
N ASP B 480 -38.11 13.34 -26.35
CA ASP B 480 -38.51 13.74 -27.69
C ASP B 480 -38.03 15.12 -28.13
N ILE B 481 -37.97 16.06 -27.16
CA ILE B 481 -37.51 17.40 -27.44
C ILE B 481 -35.98 17.35 -27.65
N LEU B 482 -35.28 16.62 -26.81
CA LEU B 482 -33.84 16.50 -26.94
C LEU B 482 -33.44 15.91 -28.32
N LEU B 483 -34.15 14.86 -28.76
CA LEU B 483 -33.79 14.17 -30.04
C LEU B 483 -33.82 15.13 -31.19
N MET B 484 -34.73 16.05 -31.15
CA MET B 484 -34.93 16.93 -32.25
C MET B 484 -34.24 18.27 -32.09
N ASN B 485 -33.41 18.43 -31.07
CA ASN B 485 -32.87 19.76 -30.77
C ASN B 485 -31.73 20.01 -31.76
N THR B 486 -31.67 21.21 -32.34
CA THR B 486 -30.61 21.58 -33.31
C THR B 486 -29.70 22.70 -32.87
N GLU B 487 -29.71 23.04 -31.58
CA GLU B 487 -28.89 24.10 -31.07
C GLU B 487 -27.47 23.60 -30.79
N ASN B 488 -27.35 22.37 -30.32
CA ASN B 488 -26.11 21.67 -30.18
C ASN B 488 -26.31 20.24 -30.72
N LYS B 489 -26.12 20.13 -32.02
CA LYS B 489 -26.26 18.84 -32.69
C LYS B 489 -25.22 17.87 -32.18
N PRO B 490 -23.94 18.33 -31.96
CA PRO B 490 -22.97 17.36 -31.46
C PRO B 490 -23.37 16.68 -30.17
N LEU B 491 -23.91 17.46 -29.25
CA LEU B 491 -24.39 16.94 -27.99
C LEU B 491 -25.50 15.86 -28.23
N ILE B 492 -26.46 16.20 -29.08
CA ILE B 492 -27.65 15.31 -29.32
C ILE B 492 -27.15 14.01 -29.98
N VAL B 493 -26.18 14.09 -30.88
CA VAL B 493 -25.56 12.85 -31.47
C VAL B 493 -24.93 11.95 -30.37
N GLU B 494 -24.15 12.55 -29.44
CA GLU B 494 -23.54 11.79 -28.36
C GLU B 494 -24.59 11.03 -27.52
N ILE B 495 -25.64 11.72 -27.16
CA ILE B 495 -26.60 11.14 -26.17
C ILE B 495 -27.74 10.33 -26.79
N THR B 496 -27.92 10.41 -28.12
CA THR B 496 -29.15 9.88 -28.79
C THR B 496 -29.50 8.41 -28.34
N PRO B 497 -28.52 7.49 -28.28
CA PRO B 497 -28.89 6.16 -27.87
C PRO B 497 -29.48 6.08 -26.47
N TRP B 498 -28.90 6.82 -25.52
CA TRP B 498 -29.37 6.89 -24.16
C TRP B 498 -30.70 7.57 -24.18
N VAL B 499 -30.87 8.59 -25.01
CA VAL B 499 -32.16 9.25 -25.03
C VAL B 499 -33.32 8.28 -25.46
N HIS B 500 -33.07 7.45 -26.48
CA HIS B 500 -34.07 6.50 -26.94
C HIS B 500 -34.36 5.50 -25.80
N GLN B 501 -33.34 5.03 -25.13
CA GLN B 501 -33.51 4.10 -24.05
C GLN B 501 -34.30 4.69 -22.82
N PHE B 502 -34.05 5.96 -22.54
CA PHE B 502 -34.72 6.77 -21.47
C PHE B 502 -36.21 6.93 -21.81
N LYS B 503 -36.55 7.15 -23.09
CA LYS B 503 -37.93 7.17 -23.49
C LYS B 503 -38.63 5.82 -23.31
N LEU B 504 -37.93 4.76 -23.71
CA LEU B 504 -38.45 3.42 -23.59
C LEU B 504 -38.71 3.12 -22.13
N THR B 505 -37.77 3.54 -21.26
CA THR B 505 -37.90 3.37 -19.82
C THR B 505 -39.16 4.03 -19.27
N ALA B 506 -39.39 5.24 -19.71
CA ALA B 506 -40.52 6.01 -19.29
C ALA B 506 -41.86 5.37 -19.74
N GLU B 507 -41.92 5.00 -21.03
CA GLU B 507 -43.08 4.28 -21.59
C GLU B 507 -43.31 3.00 -20.83
N MET B 508 -42.28 2.27 -20.47
CA MET B 508 -42.47 1.05 -19.70
C MET B 508 -43.06 1.39 -18.31
N GLY B 509 -42.57 2.47 -17.70
CA GLY B 509 -43.14 2.95 -16.47
C GLY B 509 -44.65 3.24 -16.55
N GLU B 510 -45.06 4.01 -17.57
CA GLU B 510 -46.46 4.30 -17.75
C GLU B 510 -47.26 3.01 -17.87
N GLU B 511 -46.72 2.06 -18.63
CA GLU B 511 -47.52 0.85 -18.90
C GLU B 511 -47.60 -0.02 -17.65
N VAL B 512 -46.51 -0.08 -16.90
CA VAL B 512 -46.53 -0.82 -15.63
C VAL B 512 -47.54 -0.17 -14.63
N LEU B 513 -47.56 1.16 -14.54
CA LEU B 513 -48.54 1.83 -13.66
C LEU B 513 -50.03 1.51 -14.01
N LYS B 514 -50.29 1.39 -15.31
CA LYS B 514 -51.58 0.96 -15.84
C LYS B 514 -51.86 -0.45 -15.47
N MET B 515 -50.83 -1.27 -15.37
CA MET B 515 -51.02 -2.64 -14.85
C MET B 515 -51.42 -2.70 -13.37
N VAL B 516 -50.81 -1.85 -12.52
CA VAL B 516 -51.11 -1.71 -11.09
C VAL B 516 -52.59 -1.35 -10.96
N GLU B 517 -53.01 -0.44 -11.83
CA GLU B 517 -54.35 0.10 -11.82
C GLU B 517 -55.39 -0.92 -12.28
N GLY B 518 -55.12 -1.65 -13.37
CA GLY B 518 -55.76 -2.95 -13.63
C GLY B 518 -57.27 -2.96 -13.72
N ARG B 519 -57.81 -2.31 -14.73
CA ARG B 519 -59.26 -2.26 -14.94
C ARG B 519 -59.86 -3.69 -14.90
N ASN B 520 -59.39 -4.57 -15.79
CA ASN B 520 -59.89 -5.93 -15.97
C ASN B 520 -58.82 -6.86 -16.56
N GLU B 521 -59.17 -8.14 -16.75
CA GLU B 521 -58.22 -9.13 -17.27
C GLU B 521 -57.70 -8.74 -18.67
N SER B 522 -58.63 -8.46 -19.59
CA SER B 522 -58.24 -8.03 -20.93
C SER B 522 -57.26 -6.79 -21.00
N TYR B 523 -57.63 -5.67 -20.36
CA TYR B 523 -56.78 -4.50 -20.28
C TYR B 523 -55.41 -4.82 -19.63
N PHE B 524 -55.42 -5.57 -18.55
CA PHE B 524 -54.19 -5.99 -17.94
C PHE B 524 -53.28 -6.66 -18.95
N LEU B 525 -53.79 -7.72 -19.59
CA LEU B 525 -53.00 -8.47 -20.58
C LEU B 525 -52.48 -7.61 -21.73
N ARG B 526 -53.29 -6.68 -22.24
CA ARG B 526 -52.82 -5.69 -23.20
C ARG B 526 -51.60 -4.96 -22.68
N LYS B 527 -51.71 -4.45 -21.44
CA LYS B 527 -50.62 -3.68 -20.82
C LYS B 527 -49.39 -4.59 -20.61
N TYR B 528 -49.62 -5.80 -20.14
CA TYR B 528 -48.55 -6.76 -20.00
C TYR B 528 -47.83 -7.01 -21.31
N ASN B 529 -48.56 -7.22 -22.41
CA ASN B 529 -47.93 -7.54 -23.72
C ASN B 529 -47.14 -6.30 -24.23
N HIS B 530 -47.69 -5.11 -23.96
CA HIS B 530 -47.03 -3.92 -24.34
C HIS B 530 -45.68 -3.80 -23.66
N VAL B 531 -45.66 -4.12 -22.37
CA VAL B 531 -44.45 -4.14 -21.57
C VAL B 531 -43.41 -5.13 -22.09
N LYS B 532 -43.83 -6.35 -22.37
CA LYS B 532 -42.92 -7.33 -22.95
C LYS B 532 -42.25 -6.82 -24.22
N ALA B 533 -43.01 -6.17 -25.08
CA ALA B 533 -42.49 -5.60 -26.30
C ALA B 533 -41.48 -4.45 -26.04
N LEU B 534 -41.78 -3.59 -25.06
CA LEU B 534 -40.87 -2.50 -24.69
C LEU B 534 -39.58 -3.06 -24.09
N GLN B 535 -39.65 -4.12 -23.31
CA GLN B 535 -38.48 -4.83 -22.85
C GLN B 535 -37.61 -5.33 -24.00
N GLN B 536 -38.27 -5.85 -25.03
CA GLN B 536 -37.51 -6.34 -26.18
C GLN B 536 -36.86 -5.18 -26.90
N GLN B 537 -37.58 -4.06 -27.02
CA GLN B 537 -37.01 -2.89 -27.70
C GLN B 537 -35.74 -2.35 -26.98
N MET B 538 -35.77 -2.41 -25.63
CA MET B 538 -34.63 -1.96 -24.82
C MET B 538 -33.47 -2.90 -24.99
N PHE B 539 -33.76 -4.21 -25.06
CA PHE B 539 -32.71 -5.17 -25.37
C PHE B 539 -32.08 -4.89 -26.71
N TYR B 540 -32.88 -4.58 -27.73
CA TYR B 540 -32.35 -4.27 -29.07
CA TYR B 540 -32.28 -4.37 -29.04
C TYR B 540 -31.37 -3.10 -29.04
N ILE B 541 -31.78 -1.98 -28.40
CA ILE B 541 -30.88 -0.83 -28.23
C ILE B 541 -29.60 -1.27 -27.50
N ASP B 542 -29.73 -2.00 -26.42
CA ASP B 542 -28.61 -2.45 -25.63
C ASP B 542 -27.64 -3.38 -26.37
N GLN B 543 -28.10 -4.03 -27.44
CA GLN B 543 -27.25 -4.91 -28.23
C GLN B 543 -26.75 -4.27 -29.53
N THR B 544 -27.34 -3.17 -29.97
CA THR B 544 -26.95 -2.62 -31.25
C THR B 544 -26.28 -1.25 -31.13
N SER B 545 -26.53 -0.48 -30.05
CA SER B 545 -25.84 0.80 -29.78
C SER B 545 -24.64 0.65 -28.87
N ASN B 546 -23.65 1.50 -29.11
CA ASN B 546 -22.48 1.58 -28.22
C ASN B 546 -21.82 0.24 -27.94
N GLN B 547 -21.59 -0.53 -28.97
CA GLN B 547 -21.04 -1.88 -28.81
C GLN B 547 -19.48 -1.90 -28.72
N ASN B 548 -18.93 -1.33 -27.65
CA ASN B 548 -17.52 -1.37 -27.32
C ASN B 548 -17.19 -2.70 -26.65
N PRO B 549 -15.90 -3.05 -26.51
CA PRO B 549 -15.54 -4.34 -25.93
C PRO B 549 -15.66 -4.54 -24.45
N TYR B 550 -15.96 -3.50 -23.69
CA TYR B 550 -15.78 -3.56 -22.24
C TYR B 550 -17.12 -3.55 -21.48
N GLN B 551 -17.91 -2.51 -21.68
CA GLN B 551 -19.24 -2.42 -21.12
C GLN B 551 -20.16 -2.00 -22.27
N PRO B 552 -20.50 -2.96 -23.17
CA PRO B 552 -21.31 -2.57 -24.33
C PRO B 552 -22.70 -2.18 -23.90
N GLY B 553 -23.32 -1.32 -24.70
CA GLY B 553 -24.72 -1.09 -24.65
C GLY B 553 -25.12 0.27 -24.04
N VAL B 554 -26.36 0.34 -23.57
CA VAL B 554 -27.02 1.62 -23.19
C VAL B 554 -27.90 1.39 -21.94
N LYS B 555 -27.42 1.86 -20.80
CA LYS B 555 -28.11 1.80 -19.55
C LYS B 555 -28.50 3.24 -19.15
N THR B 556 -29.71 3.40 -18.58
CA THR B 556 -30.23 4.71 -18.23
C THR B 556 -31.16 4.60 -17.02
N ALA B 557 -31.23 5.66 -16.22
CA ALA B 557 -32.09 5.65 -14.97
C ALA B 557 -31.99 4.42 -14.17
N THR B 558 -30.77 4.06 -13.91
CA THR B 558 -30.45 2.78 -13.30
C THR B 558 -30.57 2.70 -11.80
N ARG B 559 -30.41 3.81 -11.09
CA ARG B 559 -30.34 3.74 -9.64
C ARG B 559 -31.68 3.50 -8.93
N VAL B 560 -32.67 4.28 -9.33
CA VAL B 560 -33.99 4.31 -8.75
C VAL B 560 -35.09 3.86 -9.77
N ILE B 561 -35.11 4.46 -10.96
CA ILE B 561 -36.28 4.31 -11.83
C ILE B 561 -36.45 2.91 -12.45
N LYS B 562 -35.47 2.44 -13.20
CA LYS B 562 -35.55 1.13 -13.77
C LYS B 562 -35.83 0.10 -12.69
N PRO B 563 -35.11 0.16 -11.55
CA PRO B 563 -35.41 -0.89 -10.56
C PRO B 563 -36.82 -0.85 -9.98
N LEU B 564 -37.34 0.35 -9.79
CA LEU B 564 -38.72 0.52 -9.44
C LEU B 564 -39.74 -0.11 -10.44
N ILE B 565 -39.55 0.21 -11.72
CA ILE B 565 -40.42 -0.25 -12.79
C ILE B 565 -40.40 -1.78 -12.84
N ASP B 566 -39.18 -2.32 -12.77
CA ASP B 566 -38.97 -3.73 -12.86
C ASP B 566 -39.62 -4.44 -11.70
N ARG B 567 -39.38 -3.94 -10.48
CA ARG B 567 -39.91 -4.58 -9.29
C ARG B 567 -41.45 -4.56 -9.22
N THR B 568 -42.03 -3.47 -9.68
CA THR B 568 -43.45 -3.27 -9.70
C THR B 568 -44.11 -4.27 -10.71
N PHE B 569 -43.54 -4.32 -11.90
CA PHE B 569 -43.93 -5.30 -12.91
C PHE B 569 -43.92 -6.71 -12.34
N ALA B 570 -42.78 -7.12 -11.77
CA ALA B 570 -42.67 -8.48 -11.24
C ALA B 570 -43.75 -8.75 -10.20
N THR B 571 -44.00 -7.74 -9.36
CA THR B 571 -44.96 -7.86 -8.28
C THR B 571 -46.38 -8.00 -8.79
N VAL B 572 -46.82 -7.11 -9.68
CA VAL B 572 -48.17 -7.17 -10.19
C VAL B 572 -48.43 -8.45 -10.99
N VAL B 573 -47.43 -8.90 -11.75
CA VAL B 573 -47.51 -10.13 -12.52
C VAL B 573 -47.75 -11.29 -11.57
N LYS B 574 -46.97 -11.34 -10.49
CA LYS B 574 -47.18 -12.38 -9.48
C LYS B 574 -48.63 -12.35 -8.93
N PHE B 575 -49.15 -11.15 -8.61
CA PHE B 575 -50.49 -10.99 -8.09
C PHE B 575 -51.54 -11.45 -9.09
N PHE B 576 -51.33 -11.12 -10.38
CA PHE B 576 -52.23 -11.55 -11.44
C PHE B 576 -52.27 -13.08 -11.50
N ASN B 577 -51.09 -13.70 -11.50
CA ASN B 577 -50.99 -15.14 -11.49
C ASN B 577 -51.67 -15.83 -10.31
N GLN B 578 -51.59 -15.24 -9.11
CA GLN B 578 -52.28 -15.82 -7.93
C GLN B 578 -53.79 -15.77 -8.10
N LYS B 579 -54.26 -14.59 -8.50
CA LYS B 579 -55.67 -14.26 -8.63
C LYS B 579 -56.37 -15.00 -9.74
N PHE B 580 -55.80 -14.97 -10.95
CA PHE B 580 -56.37 -15.64 -12.12
C PHE B 580 -55.76 -17.00 -12.39
N ASN B 581 -55.19 -17.65 -11.39
CA ASN B 581 -54.47 -18.92 -11.58
C ASN B 581 -53.66 -19.00 -12.89
N ALA B 582 -53.08 -17.88 -13.29
CA ALA B 582 -52.33 -17.74 -14.54
C ALA B 582 -50.84 -18.03 -14.33
N HIS B 583 -50.06 -18.00 -15.44
CA HIS B 583 -48.63 -18.37 -15.48
C HIS B 583 -47.81 -17.41 -16.33
N LEU B 584 -48.21 -16.14 -16.33
CA LEU B 584 -47.44 -15.07 -16.98
C LEU B 584 -45.98 -15.00 -16.52
N ASP B 585 -45.10 -14.68 -17.47
CA ASP B 585 -43.66 -14.57 -17.21
C ASP B 585 -43.42 -13.21 -16.54
N ALA B 586 -42.79 -13.27 -15.36
CA ALA B 586 -42.46 -12.09 -14.54
C ALA B 586 -41.04 -11.53 -14.73
N THR B 587 -40.27 -12.11 -15.65
CA THR B 587 -38.88 -11.68 -15.90
C THR B 587 -38.89 -10.32 -16.54
N THR B 588 -37.89 -9.53 -16.23
CA THR B 588 -37.89 -8.13 -16.63
C THR B 588 -36.87 -7.78 -17.72
N ASP B 589 -35.77 -8.50 -17.82
CA ASP B 589 -34.89 -8.30 -18.94
C ASP B 589 -35.14 -9.41 -19.96
N TYR B 590 -35.56 -8.99 -21.15
CA TYR B 590 -35.75 -9.87 -22.31
C TYR B 590 -34.46 -10.62 -22.65
N MET B 591 -34.57 -11.93 -22.82
CA MET B 591 -33.43 -12.80 -23.13
C MET B 591 -33.91 -13.76 -24.22
N PRO B 592 -33.50 -13.58 -25.48
CA PRO B 592 -34.02 -14.45 -26.54
C PRO B 592 -33.58 -15.90 -26.43
N HIS B 593 -32.43 -16.14 -25.81
CA HIS B 593 -31.90 -17.49 -25.58
C HIS B 593 -32.49 -18.00 -24.28
N LYS B 594 -32.43 -19.32 -24.07
CA LYS B 594 -32.98 -19.97 -22.85
C LYS B 594 -31.96 -20.87 -22.22
N MET B 595 -32.27 -21.32 -21.02
CA MET B 595 -31.45 -22.30 -20.32
C MET B 595 -32.37 -23.04 -19.36
N ASN B 604 -30.20 -21.61 -11.98
CA ASN B 604 -31.30 -20.66 -12.04
C ASN B 604 -30.86 -19.15 -12.05
N LEU B 605 -29.70 -18.90 -12.66
CA LEU B 605 -29.10 -17.57 -12.83
C LEU B 605 -29.55 -17.01 -14.21
N PRO B 606 -29.66 -15.67 -14.37
CA PRO B 606 -30.07 -15.16 -15.68
C PRO B 606 -28.93 -15.20 -16.71
N LEU B 607 -29.27 -15.54 -17.96
CA LEU B 607 -28.33 -15.48 -19.06
C LEU B 607 -28.05 -14.02 -19.39
N GLN B 608 -26.96 -13.78 -20.09
CA GLN B 608 -26.60 -12.48 -20.59
C GLN B 608 -26.01 -12.61 -21.97
N VAL B 609 -26.22 -11.57 -22.79
CA VAL B 609 -25.64 -11.48 -24.12
C VAL B 609 -24.75 -10.25 -24.12
N LYS B 610 -23.49 -10.42 -24.47
CA LYS B 610 -22.54 -9.29 -24.59
C LYS B 610 -21.75 -9.50 -25.89
N ALA B 611 -22.02 -8.64 -26.87
CA ALA B 611 -21.57 -8.85 -28.24
C ALA B 611 -21.94 -10.29 -28.71
N ASN B 612 -20.92 -11.12 -28.93
CA ASN B 612 -21.12 -12.43 -29.55
C ASN B 612 -20.88 -13.52 -28.51
N ARG B 613 -21.00 -13.15 -27.24
CA ARG B 613 -20.93 -14.10 -26.12
C ARG B 613 -22.32 -14.30 -25.54
N VAL B 614 -22.64 -15.53 -25.17
CA VAL B 614 -23.82 -15.84 -24.38
C VAL B 614 -23.31 -16.50 -23.12
N LEU B 615 -23.54 -15.87 -21.97
CA LEU B 615 -22.99 -16.32 -20.67
C LEU B 615 -24.03 -16.43 -19.53
N ILE B 616 -23.83 -17.41 -18.66
CA ILE B 616 -24.65 -17.56 -17.43
C ILE B 616 -24.03 -16.63 -16.38
N SER B 617 -24.86 -15.76 -15.79
CA SER B 617 -24.44 -14.94 -14.65
C SER B 617 -23.82 -15.85 -13.57
N PRO B 618 -22.57 -15.56 -13.14
CA PRO B 618 -21.81 -16.42 -12.19
C PRO B 618 -22.60 -17.10 -11.04
N VAL B 631 -27.60 -26.37 -16.65
CA VAL B 631 -27.37 -27.74 -17.13
C VAL B 631 -27.44 -27.68 -18.67
N GLU B 632 -28.29 -26.82 -19.25
CA GLU B 632 -28.48 -26.80 -20.72
C GLU B 632 -28.97 -25.46 -21.32
N ILE B 633 -28.27 -24.97 -22.34
CA ILE B 633 -28.56 -23.67 -22.98
C ILE B 633 -29.12 -23.91 -24.38
N GLU B 634 -30.27 -23.33 -24.69
CA GLU B 634 -30.85 -23.36 -26.04
C GLU B 634 -30.81 -21.94 -26.62
N LEU B 635 -30.01 -21.74 -27.68
CA LEU B 635 -29.97 -20.44 -28.36
C LEU B 635 -31.24 -20.33 -29.23
N ASP B 636 -31.52 -19.13 -29.74
CA ASP B 636 -32.73 -18.85 -30.52
C ASP B 636 -32.56 -19.23 -32.00
N ALA B 637 -31.38 -19.73 -32.35
CA ALA B 637 -31.09 -20.31 -33.67
C ALA B 637 -29.82 -21.16 -33.58
N ILE B 638 -29.47 -21.76 -34.71
CA ILE B 638 -28.19 -22.44 -34.85
C ILE B 638 -27.19 -21.37 -35.27
N TYR B 639 -26.05 -21.34 -34.62
CA TYR B 639 -24.96 -20.45 -35.00
C TYR B 639 -23.65 -21.24 -35.11
N PRO B 640 -22.69 -20.73 -35.92
CA PRO B 640 -21.33 -21.27 -35.85
C PRO B 640 -20.71 -20.96 -34.49
N GLY B 641 -20.29 -21.99 -33.77
CA GLY B 641 -19.73 -21.83 -32.44
C GLY B 641 -18.23 -21.63 -32.51
N GLU B 642 -17.73 -20.79 -31.61
CA GLU B 642 -16.36 -20.24 -31.72
C GLU B 642 -15.51 -20.88 -30.60
N ASN B 643 -15.94 -20.71 -29.33
CA ASN B 643 -15.29 -21.35 -28.17
C ASN B 643 -16.14 -21.32 -26.88
N ILE B 644 -15.72 -22.07 -25.86
CA ILE B 644 -16.41 -22.11 -24.55
C ILE B 644 -15.39 -21.96 -23.42
N GLN B 645 -15.76 -21.20 -22.39
CA GLN B 645 -14.92 -20.94 -21.20
C GLN B 645 -15.74 -21.06 -19.90
N ILE B 646 -15.28 -21.92 -19.01
CA ILE B 646 -16.07 -22.47 -17.92
C ILE B 646 -15.22 -22.46 -16.65
N ASN B 647 -15.89 -22.32 -15.51
CA ASN B 647 -15.26 -22.39 -14.19
C ASN B 647 -16.26 -22.76 -13.09
N ARG B 679 -9.31 -22.52 -14.72
CA ARG B 679 -9.70 -22.04 -16.04
C ARG B 679 -9.80 -23.18 -17.05
N LEU B 680 -11.02 -23.52 -17.50
CA LEU B 680 -11.26 -24.51 -18.58
C LEU B 680 -11.62 -23.79 -19.88
N SER B 681 -11.29 -24.40 -21.02
CA SER B 681 -11.73 -23.88 -22.32
C SER B 681 -11.67 -24.91 -23.45
N ALA B 682 -12.27 -24.55 -24.59
CA ALA B 682 -12.29 -25.42 -25.77
C ALA B 682 -12.72 -24.59 -26.99
N GLY B 683 -11.95 -24.68 -28.06
CA GLY B 683 -12.31 -24.07 -29.34
C GLY B 683 -13.32 -24.98 -30.02
N LEU B 684 -14.36 -24.39 -30.58
CA LEU B 684 -15.39 -25.17 -31.25
C LEU B 684 -15.21 -25.30 -32.78
N GLN B 685 -14.37 -24.44 -33.38
CA GLN B 685 -14.03 -24.49 -34.82
C GLN B 685 -15.24 -24.37 -35.79
N LYS B 686 -16.13 -23.42 -35.51
CA LYS B 686 -17.31 -23.13 -36.36
C LYS B 686 -18.40 -24.23 -36.45
N ALA B 687 -18.36 -25.24 -35.56
CA ALA B 687 -19.35 -26.34 -35.62
C ALA B 687 -20.70 -25.75 -35.32
N PRO B 688 -21.78 -26.14 -36.04
CA PRO B 688 -23.09 -25.53 -35.69
C PRO B 688 -23.45 -25.83 -34.22
N VAL B 689 -23.91 -24.81 -33.49
CA VAL B 689 -24.32 -24.92 -32.06
C VAL B 689 -25.70 -24.29 -31.93
N LYS B 690 -26.67 -25.08 -31.45
CA LYS B 690 -27.96 -24.56 -30.95
C LYS B 690 -28.13 -24.82 -29.44
N PHE B 691 -27.75 -26.01 -29.00
CA PHE B 691 -27.81 -26.38 -27.58
C PHE B 691 -26.40 -26.60 -27.07
N VAL B 692 -26.17 -26.25 -25.81
CA VAL B 692 -24.94 -26.58 -25.11
C VAL B 692 -25.37 -27.20 -23.79
N ARG B 693 -24.76 -28.34 -23.44
CA ARG B 693 -25.11 -29.14 -22.23
C ARG B 693 -23.84 -29.67 -21.50
N PHE B 694 -23.67 -29.29 -20.23
CA PHE B 694 -22.51 -29.72 -19.41
C PHE B 694 -22.88 -30.96 -18.60
N PHE B 709 -18.86 -19.36 -17.14
CA PHE B 709 -19.60 -20.11 -18.14
C PHE B 709 -20.01 -19.28 -19.39
N VAL B 710 -19.10 -19.16 -20.36
CA VAL B 710 -19.31 -18.30 -21.55
C VAL B 710 -19.19 -19.07 -22.88
N LEU B 711 -20.24 -19.00 -23.71
CA LEU B 711 -20.24 -19.53 -25.09
C LEU B 711 -20.06 -18.36 -26.06
N THR B 712 -19.01 -18.42 -26.90
CA THR B 712 -18.76 -17.41 -27.96
C THR B 712 -19.19 -17.99 -29.31
N ILE B 713 -19.90 -17.20 -30.09
CA ILE B 713 -20.45 -17.64 -31.38
C ILE B 713 -20.01 -16.64 -32.44
N GLU B 714 -20.12 -17.01 -33.70
CA GLU B 714 -19.96 -16.09 -34.82
C GLU B 714 -21.31 -15.40 -35.05
N LYS B 715 -21.33 -14.07 -34.96
CA LYS B 715 -22.56 -13.30 -35.05
C LYS B 715 -22.35 -11.98 -35.79
C1 GOL C . 23.17 -2.39 9.95
O1 GOL C . 22.95 -2.16 11.36
C2 GOL C . 24.33 -3.38 9.78
O2 GOL C . 23.84 -4.69 10.05
C3 GOL C . 25.00 -3.26 8.40
O3 GOL C . 24.39 -4.12 7.43
O6 2J4 D . 18.36 -6.84 9.43
C6 2J4 D . 17.58 -8.00 9.65
C5 2J4 D . 17.67 -8.84 8.34
O5 2J4 D . 17.18 -8.09 7.25
C4 2J4 D . 19.14 -9.29 8.03
O4 2J4 D . 19.63 -10.04 9.11
C3 2J4 D . 19.12 -10.20 6.79
O3 2J4 D . 20.43 -10.75 6.55
C2 2J4 D . 18.52 -9.42 5.62
C1 2J4 D . 17.15 -8.72 5.99
S1 2J4 D . 16.00 -10.10 5.76
N2 2J4 D . 18.12 -10.29 4.50
C7 2J4 D . 16.87 -10.82 4.45
N1 2J4 D . 16.39 -11.79 3.49
O6 2J4 E . -10.51 4.69 -15.62
C6 2J4 E . -10.46 6.06 -15.21
C5 2J4 E . -8.98 6.53 -15.23
O5 2J4 E . -8.20 5.72 -14.37
C4 2J4 E . -8.39 6.42 -16.66
O4 2J4 E . -9.18 7.13 -17.58
C3 2J4 E . -6.98 7.04 -16.67
O3 2J4 E . -6.37 7.00 -17.96
C2 2J4 E . -6.11 6.26 -15.66
C1 2J4 E . -6.84 6.07 -14.27
S1 2J4 E . -6.42 7.65 -13.52
N2 2J4 E . -4.85 6.98 -15.34
C7 2J4 E . -4.87 7.82 -14.28
N1 2J4 E . -3.80 8.70 -13.87
#